data_2KIW
#
_entry.id   2KIW
#
_entity_poly.entity_id   1
_entity_poly.type   'polypeptide(L)'
_entity_poly.pdbx_seq_one_letter_code
;TFKQVADDWLKQYANDVKVSSVRAREKAIQHAIERFNTKPIQTIKKHDYQRFVDDISAQYSKNYVDSIVASTNMIFKYAY
DTRLIKAMPSEGIKRPKKKVSVELEHHHHHH
;
_entity_poly.pdbx_strand_id   A
#
# COMPACT_ATOMS: atom_id res chain seq x y z
N THR A 1 6.67 15.23 -4.63
CA THR A 1 7.75 14.48 -5.35
C THR A 1 7.48 12.97 -5.21
N PHE A 2 6.49 12.61 -4.46
CA PHE A 2 6.16 11.16 -4.27
C PHE A 2 5.71 10.56 -5.61
N LYS A 3 4.98 11.33 -6.38
CA LYS A 3 4.49 10.82 -7.70
C LYS A 3 5.67 10.44 -8.58
N GLN A 4 6.68 11.26 -8.61
CA GLN A 4 7.87 10.95 -9.45
C GLN A 4 8.58 9.70 -8.91
N VAL A 5 8.75 9.64 -7.62
CA VAL A 5 9.43 8.45 -7.02
C VAL A 5 8.58 7.19 -7.25
N ALA A 6 7.30 7.30 -7.01
CA ALA A 6 6.40 6.13 -7.22
C ALA A 6 6.34 5.80 -8.72
N ASP A 7 6.31 6.81 -9.54
CA ASP A 7 6.25 6.58 -11.01
C ASP A 7 7.53 5.86 -11.47
N ASP A 8 8.66 6.32 -11.00
CA ASP A 8 9.95 5.68 -11.37
C ASP A 8 9.99 4.24 -10.87
N TRP A 9 9.57 4.03 -9.66
CA TRP A 9 9.57 2.67 -9.06
C TRP A 9 8.56 1.77 -9.79
N LEU A 10 7.43 2.31 -10.16
CA LEU A 10 6.40 1.49 -10.87
C LEU A 10 6.95 0.99 -12.20
N LYS A 11 7.69 1.80 -12.88
CA LYS A 11 8.25 1.38 -14.19
C LYS A 11 9.19 0.18 -13.99
N GLN A 12 9.97 0.20 -12.95
CA GLN A 12 10.90 -0.92 -12.69
C GLN A 12 10.10 -2.19 -12.35
N TYR A 13 9.05 -2.03 -11.59
CA TYR A 13 8.20 -3.21 -11.21
C TYR A 13 7.59 -3.82 -12.47
N ALA A 14 7.17 -3.00 -13.40
CA ALA A 14 6.56 -3.53 -14.65
C ALA A 14 7.57 -4.39 -15.41
N ASN A 15 8.69 -4.69 -14.82
CA ASN A 15 9.71 -5.54 -15.50
C ASN A 15 9.13 -6.93 -15.74
N ASP A 16 8.43 -7.45 -14.77
CA ASP A 16 7.83 -8.81 -14.92
C ASP A 16 6.47 -8.85 -14.22
N VAL A 17 5.41 -8.66 -14.98
CA VAL A 17 4.04 -8.70 -14.39
C VAL A 17 3.01 -8.43 -15.50
N LYS A 18 1.78 -8.81 -15.25
CA LYS A 18 0.70 -8.59 -16.27
C LYS A 18 0.53 -7.10 -16.53
N VAL A 19 0.42 -6.74 -17.79
CA VAL A 19 0.25 -5.31 -18.17
C VAL A 19 -1.08 -4.79 -17.61
N SER A 20 -2.11 -5.59 -17.68
CA SER A 20 -3.44 -5.15 -17.16
C SER A 20 -3.34 -4.87 -15.66
N SER A 21 -2.62 -5.70 -14.95
CA SER A 21 -2.46 -5.50 -13.48
C SER A 21 -1.76 -4.18 -13.20
N VAL A 22 -0.73 -3.88 -13.94
CA VAL A 22 0.02 -2.61 -13.72
C VAL A 22 -0.88 -1.41 -14.02
N ARG A 23 -1.59 -1.46 -15.12
CA ARG A 23 -2.48 -0.32 -15.48
C ARG A 23 -3.58 -0.16 -14.43
N ALA A 24 -4.16 -1.24 -14.01
CA ALA A 24 -5.25 -1.16 -13.00
C ALA A 24 -4.66 -0.77 -11.64
N ARG A 25 -3.59 -1.40 -11.26
CA ARG A 25 -2.96 -1.10 -9.95
C ARG A 25 -2.43 0.34 -9.96
N GLU A 26 -1.83 0.75 -11.04
CA GLU A 26 -1.30 2.14 -11.14
C GLU A 26 -2.44 3.14 -10.95
N LYS A 27 -3.60 2.81 -11.48
CA LYS A 27 -4.76 3.73 -11.34
C LYS A 27 -5.10 3.91 -9.86
N ALA A 28 -5.14 2.83 -9.12
CA ALA A 28 -5.45 2.93 -7.67
C ALA A 28 -4.30 3.63 -6.93
N ILE A 29 -3.09 3.28 -7.26
CA ILE A 29 -1.91 3.91 -6.60
C ILE A 29 -1.86 5.40 -6.97
N GLN A 30 -2.09 5.70 -8.23
CA GLN A 30 -2.06 7.12 -8.68
C GLN A 30 -3.17 7.90 -7.98
N HIS A 31 -4.32 7.30 -7.82
CA HIS A 31 -5.45 8.00 -7.13
C HIS A 31 -5.05 8.32 -5.70
N ALA A 32 -4.38 7.43 -5.04
CA ALA A 32 -3.97 7.68 -3.63
C ALA A 32 -2.98 8.86 -3.58
N ILE A 33 -2.07 8.89 -4.50
CA ILE A 33 -1.06 10.00 -4.53
C ILE A 33 -1.78 11.33 -4.75
N GLU A 34 -2.72 11.35 -5.65
CA GLU A 34 -3.46 12.63 -5.92
C GLU A 34 -4.32 12.99 -4.71
N ARG A 35 -4.91 12.01 -4.08
CA ARG A 35 -5.78 12.28 -2.89
C ARG A 35 -4.89 12.79 -1.75
N PHE A 36 -3.75 12.17 -1.56
CA PHE A 36 -2.82 12.59 -0.47
C PHE A 36 -1.84 13.62 -1.03
N ASN A 37 -2.20 14.26 -2.10
CA ASN A 37 -1.31 15.29 -2.72
C ASN A 37 -0.98 16.37 -1.70
N THR A 38 -1.95 16.77 -0.92
CA THR A 38 -1.71 17.83 0.10
C THR A 38 -1.18 17.18 1.38
N LYS A 39 -1.24 15.87 1.47
CA LYS A 39 -0.73 15.17 2.69
C LYS A 39 0.55 14.39 2.33
N PRO A 40 1.70 14.90 2.72
CA PRO A 40 3.01 14.23 2.44
C PRO A 40 3.03 12.76 2.86
N ILE A 41 3.83 11.98 2.19
CA ILE A 41 3.93 10.52 2.52
C ILE A 41 4.45 10.36 3.95
N GLN A 42 5.40 11.18 4.33
CA GLN A 42 5.99 11.09 5.69
C GLN A 42 4.98 11.58 6.74
N THR A 43 3.90 12.18 6.32
CA THR A 43 2.88 12.67 7.29
C THR A 43 1.71 11.67 7.36
N ILE A 44 1.79 10.62 6.60
CA ILE A 44 0.69 9.61 6.62
C ILE A 44 0.77 8.79 7.91
N LYS A 45 -0.35 8.65 8.57
CA LYS A 45 -0.37 7.87 9.85
C LYS A 45 -0.99 6.49 9.60
N LYS A 46 -0.91 5.63 10.58
CA LYS A 46 -1.46 4.26 10.46
C LYS A 46 -2.97 4.31 10.24
N HIS A 47 -3.64 5.23 10.87
CA HIS A 47 -5.12 5.34 10.71
C HIS A 47 -5.48 5.64 9.25
N ASP A 48 -4.81 6.60 8.66
CA ASP A 48 -5.10 6.95 7.24
C ASP A 48 -4.74 5.77 6.33
N TYR A 49 -3.70 5.06 6.67
CA TYR A 49 -3.27 3.90 5.84
C TYR A 49 -4.40 2.86 5.81
N GLN A 50 -4.98 2.57 6.94
CA GLN A 50 -6.09 1.58 6.98
C GLN A 50 -7.28 2.14 6.18
N ARG A 51 -7.50 3.42 6.29
CA ARG A 51 -8.63 4.05 5.54
C ARG A 51 -8.43 3.84 4.04
N PHE A 52 -7.23 4.04 3.58
CA PHE A 52 -6.93 3.85 2.13
C PHE A 52 -7.19 2.41 1.73
N VAL A 53 -6.76 1.47 2.54
CA VAL A 53 -6.95 0.02 2.23
C VAL A 53 -8.45 -0.27 2.13
N ASP A 54 -9.21 0.20 3.07
CA ASP A 54 -10.68 -0.04 3.04
C ASP A 54 -11.32 0.76 1.90
N ASP A 55 -10.73 1.86 1.55
CA ASP A 55 -11.29 2.71 0.44
C ASP A 55 -11.17 1.96 -0.89
N ILE A 56 -10.03 1.37 -1.14
CA ILE A 56 -9.82 0.64 -2.43
C ILE A 56 -10.55 -0.70 -2.38
N SER A 57 -10.76 -1.23 -1.21
CA SER A 57 -11.46 -2.54 -1.09
C SER A 57 -12.89 -2.40 -1.60
N ALA A 58 -13.47 -1.24 -1.39
CA ALA A 58 -14.87 -1.01 -1.84
C ALA A 58 -14.87 -0.57 -3.31
N GLN A 59 -13.70 -0.32 -3.87
CA GLN A 59 -13.62 0.11 -5.31
C GLN A 59 -12.89 -0.96 -6.12
N TYR A 60 -12.14 -1.81 -5.46
CA TYR A 60 -11.38 -2.88 -6.19
C TYR A 60 -11.61 -4.24 -5.52
N SER A 61 -11.43 -5.29 -6.26
CA SER A 61 -11.63 -6.66 -5.72
C SER A 61 -10.51 -7.03 -4.73
N LYS A 62 -10.73 -8.04 -3.94
CA LYS A 62 -9.72 -8.47 -2.93
C LYS A 62 -8.39 -8.81 -3.62
N ASN A 63 -8.44 -9.47 -4.75
CA ASN A 63 -7.18 -9.85 -5.45
C ASN A 63 -6.40 -8.58 -5.83
N TYR A 64 -7.09 -7.58 -6.33
CA TYR A 64 -6.41 -6.32 -6.72
C TYR A 64 -5.94 -5.57 -5.46
N VAL A 65 -6.65 -5.70 -4.39
CA VAL A 65 -6.26 -5.00 -3.13
C VAL A 65 -4.89 -5.50 -2.68
N ASP A 66 -4.68 -6.77 -2.74
CA ASP A 66 -3.37 -7.35 -2.30
C ASP A 66 -2.22 -6.73 -3.10
N SER A 67 -2.36 -6.65 -4.39
CA SER A 67 -1.27 -6.05 -5.23
C SER A 67 -1.07 -4.58 -4.88
N ILE A 68 -2.13 -3.85 -4.67
CA ILE A 68 -1.98 -2.40 -4.33
C ILE A 68 -1.29 -2.25 -2.98
N VAL A 69 -1.67 -3.05 -2.03
CA VAL A 69 -1.04 -2.97 -0.67
C VAL A 69 0.45 -3.28 -0.77
N ALA A 70 0.80 -4.31 -1.49
CA ALA A 70 2.24 -4.68 -1.62
C ALA A 70 3.00 -3.57 -2.35
N SER A 71 2.44 -3.07 -3.42
CA SER A 71 3.11 -1.98 -4.18
C SER A 71 3.26 -0.74 -3.29
N THR A 72 2.21 -0.38 -2.60
CA THR A 72 2.26 0.82 -1.72
C THR A 72 3.31 0.59 -0.63
N ASN A 73 3.30 -0.56 -0.02
CA ASN A 73 4.29 -0.86 1.06
C ASN A 73 5.70 -0.86 0.48
N MET A 74 5.87 -1.44 -0.68
CA MET A 74 7.23 -1.49 -1.31
C MET A 74 7.69 -0.08 -1.66
N ILE A 75 6.81 0.73 -2.19
CA ILE A 75 7.19 2.12 -2.56
C ILE A 75 7.53 2.90 -1.28
N PHE A 76 6.73 2.74 -0.26
CA PHE A 76 6.99 3.46 1.02
C PHE A 76 8.33 3.03 1.59
N LYS A 77 8.59 1.76 1.59
CA LYS A 77 9.87 1.23 2.14
C LYS A 77 11.03 1.75 1.28
N TYR A 78 10.82 1.85 0.00
CA TYR A 78 11.90 2.33 -0.90
C TYR A 78 12.34 3.75 -0.51
N ALA A 79 11.40 4.63 -0.32
CA ALA A 79 11.76 6.03 0.05
C ALA A 79 12.43 6.04 1.43
N TYR A 80 11.94 5.22 2.33
CA TYR A 80 12.53 5.17 3.70
C TYR A 80 13.99 4.69 3.61
N ASP A 81 14.23 3.67 2.83
CA ASP A 81 15.61 3.15 2.69
C ASP A 81 16.53 4.21 2.07
N THR A 82 15.98 5.06 1.25
CA THR A 82 16.80 6.12 0.61
C THR A 82 16.95 7.31 1.57
N ARG A 83 16.45 7.15 2.77
CA ARG A 83 16.53 8.24 3.79
C ARG A 83 15.92 9.52 3.24
N LEU A 84 14.83 9.40 2.52
CA LEU A 84 14.15 10.60 1.95
C LEU A 84 13.00 10.98 2.87
N ILE A 85 12.56 10.05 3.68
CA ILE A 85 11.44 10.31 4.63
C ILE A 85 11.82 9.82 6.02
N LYS A 86 11.19 10.36 7.04
CA LYS A 86 11.49 9.93 8.44
C LYS A 86 10.24 9.32 9.06
N ALA A 87 9.81 8.19 8.55
CA ALA A 87 8.60 7.53 9.09
C ALA A 87 8.43 6.13 8.48
N MET A 88 7.72 5.27 9.16
CA MET A 88 7.49 3.88 8.63
C MET A 88 6.13 3.38 9.14
N PRO A 89 5.06 4.02 8.73
CA PRO A 89 3.68 3.63 9.14
C PRO A 89 3.17 2.40 8.40
N SER A 90 2.90 1.35 9.12
CA SER A 90 2.38 0.10 8.49
C SER A 90 2.38 -1.02 9.55
N GLU A 91 3.41 -1.06 10.36
CA GLU A 91 3.51 -2.12 11.41
C GLU A 91 2.52 -1.85 12.55
N GLY A 92 2.16 -2.88 13.27
CA GLY A 92 1.21 -2.74 14.40
C GLY A 92 -0.20 -3.02 13.91
N ILE A 93 -0.34 -3.35 12.64
CA ILE A 93 -1.71 -3.64 12.09
C ILE A 93 -1.91 -5.16 12.04
N LYS A 94 -2.76 -5.67 12.90
CA LYS A 94 -3.03 -7.14 12.92
C LYS A 94 -4.51 -7.37 13.23
N ARG A 95 -5.03 -8.51 12.83
CA ARG A 95 -6.46 -8.82 13.09
C ARG A 95 -6.63 -10.33 13.27
N PRO A 96 -6.19 -10.85 14.39
CA PRO A 96 -6.29 -12.30 14.71
C PRO A 96 -7.74 -12.81 14.71
N LYS A 97 -7.93 -14.03 14.29
CA LYS A 97 -9.30 -14.63 14.25
C LYS A 97 -10.31 -13.62 13.70
N LYS A 98 -11.53 -13.69 14.16
CA LYS A 98 -12.59 -12.76 13.69
C LYS A 98 -12.72 -12.88 12.17
N LYS A 99 -12.11 -13.89 11.60
CA LYS A 99 -12.19 -14.09 10.12
C LYS A 99 -13.30 -15.08 9.77
N VAL A 100 -13.91 -14.91 8.63
CA VAL A 100 -15.01 -15.82 8.21
C VAL A 100 -14.47 -17.19 7.80
N SER A 101 -15.13 -18.23 8.22
CA SER A 101 -14.67 -19.62 7.90
C SER A 101 -14.75 -19.88 6.40
N VAL A 102 -13.85 -20.70 5.90
CA VAL A 102 -13.84 -21.03 4.44
C VAL A 102 -14.33 -22.46 4.23
N GLU A 103 -15.24 -22.64 3.31
CA GLU A 103 -15.77 -24.00 3.03
C GLU A 103 -14.84 -24.69 2.04
N LEU A 104 -13.92 -23.95 1.47
CA LEU A 104 -12.96 -24.52 0.49
C LEU A 104 -13.65 -25.56 -0.41
N GLU A 105 -13.66 -26.79 0.02
CA GLU A 105 -14.29 -27.87 -0.79
C GLU A 105 -15.78 -27.57 -0.99
N HIS A 106 -16.25 -27.74 -2.19
CA HIS A 106 -17.69 -27.49 -2.49
C HIS A 106 -18.47 -28.77 -2.22
N HIS A 107 -17.78 -29.85 -1.95
CA HIS A 107 -18.48 -31.14 -1.68
C HIS A 107 -19.24 -31.02 -0.35
N HIS A 108 -18.65 -30.37 0.62
CA HIS A 108 -19.32 -30.20 1.94
C HIS A 108 -19.73 -31.57 2.50
N HIS A 109 -20.84 -32.09 2.04
CA HIS A 109 -21.32 -33.41 2.54
C HIS A 109 -20.43 -34.53 2.01
N HIS A 110 -20.25 -35.56 2.78
CA HIS A 110 -19.41 -36.71 2.34
C HIS A 110 -19.90 -38.01 2.97
N HIS A 111 -19.47 -39.12 2.44
CA HIS A 111 -19.90 -40.43 2.99
C HIS A 111 -18.89 -41.50 2.58
N THR A 1 7.27 16.25 -5.06
CA THR A 1 8.35 15.28 -4.69
C THR A 1 7.72 13.93 -4.32
N PHE A 2 6.61 13.97 -3.63
CA PHE A 2 5.93 12.71 -3.22
C PHE A 2 5.50 11.92 -4.45
N LYS A 3 4.89 12.56 -5.39
CA LYS A 3 4.44 11.86 -6.63
C LYS A 3 5.65 11.37 -7.42
N GLN A 4 6.70 12.15 -7.43
CA GLN A 4 7.92 11.76 -8.19
C GLN A 4 8.46 10.45 -7.62
N VAL A 5 8.45 10.32 -6.32
CA VAL A 5 8.96 9.07 -5.68
C VAL A 5 8.08 7.88 -6.08
N ALA A 6 6.78 8.06 -6.03
CA ALA A 6 5.85 6.95 -6.38
C ALA A 6 5.97 6.64 -7.88
N ASP A 7 6.11 7.65 -8.68
CA ASP A 7 6.23 7.43 -10.16
C ASP A 7 7.52 6.67 -10.47
N ASP A 8 8.59 7.01 -9.80
CA ASP A 8 9.89 6.32 -10.06
C ASP A 8 9.75 4.83 -9.73
N TRP A 9 9.13 4.53 -8.62
CA TRP A 9 8.94 3.10 -8.23
C TRP A 9 8.09 2.39 -9.26
N LEU A 10 7.11 3.07 -9.79
CA LEU A 10 6.21 2.45 -10.80
C LEU A 10 7.03 2.07 -12.03
N LYS A 11 7.91 2.93 -12.46
CA LYS A 11 8.73 2.64 -13.67
C LYS A 11 9.63 1.44 -13.39
N GLN A 12 10.23 1.40 -12.24
CA GLN A 12 11.12 0.25 -11.89
C GLN A 12 10.28 -1.00 -11.66
N TYR A 13 9.18 -0.86 -10.98
CA TYR A 13 8.30 -2.03 -10.69
C TYR A 13 7.60 -2.45 -11.99
N ALA A 14 7.68 -1.65 -13.01
CA ALA A 14 7.04 -2.00 -14.31
C ALA A 14 7.61 -3.33 -14.79
N ASN A 15 8.79 -3.65 -14.36
CA ASN A 15 9.44 -4.93 -14.77
C ASN A 15 8.89 -6.11 -13.96
N ASP A 16 9.51 -7.24 -14.08
CA ASP A 16 9.07 -8.46 -13.35
C ASP A 16 7.61 -8.76 -13.67
N VAL A 17 6.71 -8.00 -13.10
CA VAL A 17 5.26 -8.22 -13.33
C VAL A 17 4.89 -7.91 -14.78
N LYS A 18 3.77 -8.44 -15.20
CA LYS A 18 3.30 -8.23 -16.60
C LYS A 18 2.93 -6.77 -16.85
N VAL A 19 3.04 -6.36 -18.08
CA VAL A 19 2.70 -4.95 -18.45
C VAL A 19 1.22 -4.68 -18.17
N SER A 20 0.37 -5.58 -18.53
CA SER A 20 -1.10 -5.38 -18.30
C SER A 20 -1.38 -5.24 -16.81
N SER A 21 -0.76 -6.06 -16.00
CA SER A 21 -0.97 -5.98 -14.53
C SER A 21 -0.49 -4.63 -14.02
N VAL A 22 0.63 -4.16 -14.51
CA VAL A 22 1.16 -2.85 -14.06
C VAL A 22 0.16 -1.74 -14.38
N ARG A 23 -0.41 -1.78 -15.55
CA ARG A 23 -1.40 -0.72 -15.94
C ARG A 23 -2.54 -0.70 -14.93
N ALA A 24 -3.04 -1.84 -14.56
CA ALA A 24 -4.16 -1.89 -13.59
C ALA A 24 -3.68 -1.41 -12.21
N ARG A 25 -2.47 -1.77 -11.85
CA ARG A 25 -1.92 -1.33 -10.53
C ARG A 25 -1.72 0.18 -10.54
N GLU A 26 -1.29 0.72 -11.65
CA GLU A 26 -1.05 2.18 -11.75
C GLU A 26 -2.35 2.94 -11.48
N LYS A 27 -3.43 2.49 -12.06
CA LYS A 27 -4.75 3.17 -11.85
C LYS A 27 -5.17 3.07 -10.39
N ALA A 28 -4.91 1.95 -9.77
CA ALA A 28 -5.31 1.76 -8.34
C ALA A 28 -4.58 2.75 -7.44
N ILE A 29 -3.30 2.90 -7.63
CA ILE A 29 -2.52 3.84 -6.78
C ILE A 29 -2.76 5.28 -7.24
N GLN A 30 -3.28 5.43 -8.43
CA GLN A 30 -3.53 6.78 -8.98
C GLN A 30 -4.43 7.56 -8.01
N HIS A 31 -5.38 6.89 -7.42
CA HIS A 31 -6.30 7.55 -6.46
C HIS A 31 -5.50 8.05 -5.26
N ALA A 32 -4.56 7.26 -4.81
CA ALA A 32 -3.74 7.66 -3.64
C ALA A 32 -2.94 8.92 -4.00
N ILE A 33 -2.39 8.96 -5.18
CA ILE A 33 -1.60 10.14 -5.62
C ILE A 33 -2.51 11.37 -5.65
N GLU A 34 -3.70 11.22 -6.17
CA GLU A 34 -4.64 12.36 -6.24
C GLU A 34 -5.03 12.79 -4.83
N ARG A 35 -5.25 11.84 -3.95
CA ARG A 35 -5.65 12.17 -2.55
C ARG A 35 -4.47 12.82 -1.81
N PHE A 36 -3.29 12.32 -2.03
CA PHE A 36 -2.08 12.87 -1.35
C PHE A 36 -1.45 13.92 -2.27
N ASN A 37 -2.21 14.43 -3.19
CA ASN A 37 -1.69 15.45 -4.14
C ASN A 37 -1.28 16.70 -3.37
N THR A 38 -2.06 17.08 -2.39
CA THR A 38 -1.75 18.31 -1.61
C THR A 38 -0.97 17.91 -0.35
N LYS A 39 -1.08 16.67 0.05
CA LYS A 39 -0.37 16.21 1.28
C LYS A 39 0.91 15.45 0.87
N PRO A 40 2.00 15.67 1.54
CA PRO A 40 3.30 14.98 1.23
C PRO A 40 3.30 13.52 1.67
N ILE A 41 4.19 12.75 1.12
CA ILE A 41 4.28 11.31 1.49
C ILE A 41 4.72 11.18 2.95
N GLN A 42 5.41 12.17 3.45
CA GLN A 42 5.90 12.13 4.86
C GLN A 42 4.72 12.08 5.83
N THR A 43 3.60 12.63 5.43
CA THR A 43 2.41 12.64 6.34
C THR A 43 1.69 11.29 6.26
N ILE A 44 2.06 10.45 5.34
CA ILE A 44 1.40 9.12 5.23
C ILE A 44 2.04 8.14 6.21
N LYS A 45 1.25 7.57 7.07
CA LYS A 45 1.77 6.61 8.08
C LYS A 45 0.80 5.44 8.25
N LYS A 46 0.85 4.80 9.39
CA LYS A 46 -0.02 3.63 9.66
C LYS A 46 -1.49 4.06 9.60
N HIS A 47 -1.79 5.20 10.15
CA HIS A 47 -3.21 5.69 10.13
C HIS A 47 -3.67 5.89 8.68
N ASP A 48 -2.87 6.56 7.90
CA ASP A 48 -3.24 6.79 6.48
C ASP A 48 -3.23 5.46 5.73
N TYR A 49 -2.29 4.62 6.05
CA TYR A 49 -2.18 3.29 5.38
C TYR A 49 -3.45 2.48 5.66
N GLN A 50 -3.85 2.44 6.91
CA GLN A 50 -5.07 1.67 7.27
C GLN A 50 -6.29 2.28 6.59
N ARG A 51 -6.36 3.58 6.56
CA ARG A 51 -7.53 4.26 5.92
C ARG A 51 -7.51 4.00 4.42
N PHE A 52 -6.36 4.07 3.82
CA PHE A 52 -6.26 3.85 2.35
C PHE A 52 -6.70 2.43 2.01
N VAL A 53 -6.24 1.46 2.75
CA VAL A 53 -6.61 0.04 2.48
C VAL A 53 -8.12 -0.15 2.63
N ASP A 54 -8.70 0.38 3.67
CA ASP A 54 -10.16 0.24 3.89
C ASP A 54 -10.94 1.01 2.82
N ASP A 55 -10.42 2.13 2.40
CA ASP A 55 -11.13 2.96 1.38
C ASP A 55 -11.21 2.20 0.05
N ILE A 56 -10.13 1.60 -0.37
CA ILE A 56 -10.14 0.86 -1.67
C ILE A 56 -10.92 -0.45 -1.51
N SER A 57 -10.97 -0.98 -0.32
CA SER A 57 -11.70 -2.26 -0.09
C SER A 57 -13.18 -2.06 -0.43
N ALA A 58 -13.69 -0.89 -0.16
CA ALA A 58 -15.12 -0.61 -0.45
C ALA A 58 -15.28 -0.25 -1.93
N GLN A 59 -14.18 -0.06 -2.62
CA GLN A 59 -14.24 0.30 -4.07
C GLN A 59 -13.68 -0.86 -4.90
N TYR A 60 -12.93 -1.74 -4.27
CA TYR A 60 -12.33 -2.90 -5.00
C TYR A 60 -12.56 -4.19 -4.22
N SER A 61 -12.51 -5.29 -4.91
CA SER A 61 -12.72 -6.62 -4.26
C SER A 61 -11.51 -7.00 -3.41
N LYS A 62 -11.68 -7.99 -2.59
CA LYS A 62 -10.57 -8.45 -1.71
C LYS A 62 -9.39 -8.92 -2.56
N ASN A 63 -9.69 -9.61 -3.63
CA ASN A 63 -8.60 -10.12 -4.53
C ASN A 63 -7.81 -8.94 -5.09
N TYR A 64 -8.48 -7.90 -5.51
CA TYR A 64 -7.77 -6.72 -6.06
C TYR A 64 -7.03 -5.99 -4.95
N VAL A 65 -7.59 -5.98 -3.78
CA VAL A 65 -6.95 -5.29 -2.63
C VAL A 65 -5.59 -5.91 -2.33
N ASP A 66 -5.52 -7.22 -2.32
CA ASP A 66 -4.24 -7.91 -2.01
C ASP A 66 -3.14 -7.40 -2.95
N SER A 67 -3.43 -7.31 -4.21
CA SER A 67 -2.41 -6.81 -5.19
C SER A 67 -2.06 -5.35 -4.89
N ILE A 68 -3.05 -4.56 -4.58
CA ILE A 68 -2.82 -3.12 -4.27
C ILE A 68 -1.99 -3.00 -3.00
N VAL A 69 -2.30 -3.80 -2.01
CA VAL A 69 -1.56 -3.73 -0.72
C VAL A 69 -0.07 -4.02 -0.96
N ALA A 70 0.23 -4.99 -1.76
CA ALA A 70 1.65 -5.33 -2.04
C ALA A 70 2.29 -4.19 -2.86
N SER A 71 1.55 -3.61 -3.75
CA SER A 71 2.11 -2.52 -4.61
C SER A 71 2.33 -1.25 -3.77
N THR A 72 1.30 -0.80 -3.09
CA THR A 72 1.42 0.44 -2.26
C THR A 72 2.50 0.23 -1.20
N ASN A 73 2.55 -0.94 -0.63
CA ASN A 73 3.55 -1.24 0.43
C ASN A 73 4.96 -1.11 -0.14
N MET A 74 5.16 -1.55 -1.35
CA MET A 74 6.51 -1.46 -1.97
C MET A 74 6.92 0.00 -2.13
N ILE A 75 5.99 0.85 -2.49
CA ILE A 75 6.32 2.30 -2.67
C ILE A 75 6.79 2.88 -1.33
N PHE A 76 6.10 2.59 -0.27
CA PHE A 76 6.51 3.12 1.07
C PHE A 76 7.83 2.48 1.49
N LYS A 77 8.00 1.22 1.19
CA LYS A 77 9.26 0.51 1.59
C LYS A 77 10.45 1.17 0.87
N TYR A 78 10.28 1.47 -0.39
CA TYR A 78 11.38 2.09 -1.17
C TYR A 78 11.78 3.42 -0.51
N ALA A 79 10.80 4.21 -0.16
CA ALA A 79 11.10 5.53 0.48
C ALA A 79 11.83 5.31 1.82
N TYR A 80 11.32 4.42 2.62
CA TYR A 80 11.96 4.14 3.94
C TYR A 80 13.39 3.66 3.73
N ASP A 81 13.60 2.79 2.79
CA ASP A 81 14.97 2.27 2.52
C ASP A 81 15.86 3.41 2.02
N THR A 82 15.29 4.36 1.33
CA THR A 82 16.10 5.50 0.81
C THR A 82 16.19 6.59 1.87
N ARG A 83 15.65 6.30 3.04
CA ARG A 83 15.67 7.28 4.18
C ARG A 83 14.78 8.48 3.85
N LEU A 84 13.92 8.33 2.88
CA LEU A 84 12.99 9.43 2.50
C LEU A 84 12.02 9.71 3.63
N ILE A 85 11.57 8.67 4.28
CA ILE A 85 10.61 8.85 5.40
C ILE A 85 11.15 8.17 6.66
N LYS A 86 10.86 8.74 7.79
CA LYS A 86 11.32 8.15 9.08
C LYS A 86 10.25 7.21 9.63
N ALA A 87 9.10 7.21 9.02
CA ALA A 87 7.99 6.33 9.50
C ALA A 87 8.17 4.91 8.97
N MET A 88 7.38 4.00 9.45
CA MET A 88 7.48 2.58 9.01
C MET A 88 6.06 2.01 8.83
N PRO A 89 5.40 2.38 7.78
CA PRO A 89 4.02 1.89 7.47
C PRO A 89 3.96 0.37 7.30
N SER A 90 2.87 -0.22 7.70
CA SER A 90 2.69 -1.69 7.57
C SER A 90 3.79 -2.41 8.35
N GLU A 91 3.96 -2.05 9.61
CA GLU A 91 5.00 -2.70 10.45
C GLU A 91 4.36 -3.83 11.26
N GLY A 92 3.06 -3.83 11.38
CA GLY A 92 2.38 -4.90 12.16
C GLY A 92 1.05 -5.26 11.47
N ILE A 93 0.79 -4.68 10.33
CA ILE A 93 -0.49 -4.98 9.61
C ILE A 93 -0.23 -5.95 8.46
N LYS A 94 -0.80 -7.11 8.53
CA LYS A 94 -0.63 -8.14 7.47
C LYS A 94 -1.72 -9.21 7.63
N ARG A 95 -1.65 -9.98 8.68
CA ARG A 95 -2.67 -11.06 8.91
C ARG A 95 -2.84 -11.26 10.42
N PRO A 96 -3.11 -10.20 11.15
CA PRO A 96 -3.30 -10.28 12.63
C PRO A 96 -4.49 -11.18 13.01
N LYS A 97 -5.63 -10.90 12.46
CA LYS A 97 -6.85 -11.71 12.76
C LYS A 97 -7.00 -11.86 14.27
N LYS A 98 -6.71 -10.82 14.99
CA LYS A 98 -6.83 -10.86 16.48
C LYS A 98 -5.98 -12.00 17.02
N LYS A 99 -5.06 -12.47 16.24
CA LYS A 99 -4.17 -13.59 16.67
C LYS A 99 -5.02 -14.78 17.13
N VAL A 100 -5.59 -15.47 16.18
CA VAL A 100 -6.44 -16.65 16.51
C VAL A 100 -5.60 -17.70 17.21
N SER A 101 -4.43 -17.99 16.68
CA SER A 101 -3.55 -19.00 17.31
C SER A 101 -2.21 -19.03 16.55
N VAL A 102 -2.27 -18.82 15.26
CA VAL A 102 -1.03 -18.84 14.44
C VAL A 102 -0.48 -17.43 14.27
N GLU A 103 0.78 -17.26 14.48
CA GLU A 103 1.42 -15.92 14.35
C GLU A 103 2.77 -16.07 13.66
N LEU A 104 3.70 -16.76 14.29
CA LEU A 104 5.04 -16.94 13.67
C LEU A 104 5.06 -18.22 12.85
N GLU A 105 5.40 -18.09 11.59
CA GLU A 105 5.44 -19.27 10.68
C GLU A 105 6.86 -19.86 10.66
N HIS A 106 6.93 -21.17 10.68
CA HIS A 106 8.25 -21.86 10.67
C HIS A 106 9.25 -21.12 11.55
N HIS A 107 10.22 -20.50 10.93
CA HIS A 107 11.26 -19.75 11.68
C HIS A 107 11.71 -20.56 12.88
N HIS A 108 12.63 -21.46 12.67
CA HIS A 108 13.14 -22.31 13.77
C HIS A 108 14.12 -21.51 14.63
N HIS A 109 14.03 -21.69 15.92
CA HIS A 109 14.94 -20.96 16.85
C HIS A 109 16.26 -21.71 16.97
N HIS A 110 16.29 -22.95 16.57
CA HIS A 110 17.54 -23.76 16.65
C HIS A 110 18.52 -23.34 15.55
N HIS A 111 19.75 -23.14 15.90
CA HIS A 111 20.78 -22.73 14.90
C HIS A 111 20.32 -21.48 14.16
N THR A 1 7.68 14.89 -4.91
CA THR A 1 6.90 14.70 -3.66
C THR A 1 6.27 13.30 -3.66
N PHE A 2 5.06 13.19 -3.17
CA PHE A 2 4.36 11.88 -3.14
C PHE A 2 4.19 11.35 -4.57
N LYS A 3 3.76 12.20 -5.46
CA LYS A 3 3.56 11.77 -6.88
C LYS A 3 4.91 11.34 -7.47
N GLN A 4 5.95 12.04 -7.12
CA GLN A 4 7.29 11.71 -7.66
C GLN A 4 7.72 10.32 -7.16
N VAL A 5 7.54 10.06 -5.90
CA VAL A 5 7.93 8.74 -5.33
C VAL A 5 7.07 7.63 -5.95
N ALA A 6 5.79 7.85 -6.04
CA ALA A 6 4.90 6.82 -6.62
C ALA A 6 5.22 6.62 -8.11
N ASP A 7 5.45 7.68 -8.81
CA ASP A 7 5.76 7.58 -10.27
C ASP A 7 7.11 6.87 -10.46
N ASP A 8 8.10 7.21 -9.68
CA ASP A 8 9.44 6.56 -9.82
C ASP A 8 9.33 5.07 -9.51
N TRP A 9 8.58 4.73 -8.50
CA TRP A 9 8.41 3.30 -8.14
C TRP A 9 7.63 2.57 -9.24
N LEU A 10 6.67 3.24 -9.82
CA LEU A 10 5.85 2.59 -10.88
C LEU A 10 6.75 2.18 -12.06
N LYS A 11 7.59 3.06 -12.50
CA LYS A 11 8.48 2.73 -13.66
C LYS A 11 9.51 1.69 -13.23
N GLN A 12 9.99 1.77 -12.02
CA GLN A 12 11.00 0.81 -11.54
C GLN A 12 10.35 -0.56 -11.32
N TYR A 13 9.17 -0.57 -10.77
CA TYR A 13 8.46 -1.86 -10.51
C TYR A 13 7.94 -2.42 -11.84
N ALA A 14 7.88 -1.60 -12.86
CA ALA A 14 7.38 -2.07 -14.17
C ALA A 14 8.41 -3.02 -14.78
N ASN A 15 9.54 -3.16 -14.14
CA ASN A 15 10.61 -4.06 -14.66
C ASN A 15 10.02 -5.44 -14.97
N ASP A 16 10.02 -6.32 -14.00
CA ASP A 16 9.47 -7.68 -14.21
C ASP A 16 8.05 -7.77 -13.66
N VAL A 17 7.07 -7.67 -14.53
CA VAL A 17 5.65 -7.75 -14.08
C VAL A 17 4.73 -7.72 -15.31
N LYS A 18 3.57 -8.29 -15.19
CA LYS A 18 2.61 -8.33 -16.33
C LYS A 18 2.16 -6.91 -16.71
N VAL A 19 2.06 -6.65 -17.98
CA VAL A 19 1.63 -5.30 -18.45
C VAL A 19 0.21 -5.00 -17.95
N SER A 20 -0.66 -5.97 -18.03
CA SER A 20 -2.06 -5.76 -17.56
C SER A 20 -2.07 -5.42 -16.08
N SER A 21 -1.26 -6.08 -15.31
CA SER A 21 -1.21 -5.80 -13.84
C SER A 21 -0.75 -4.36 -13.61
N VAL A 22 0.24 -3.93 -14.34
CA VAL A 22 0.76 -2.54 -14.16
C VAL A 22 -0.34 -1.54 -14.55
N ARG A 23 -1.01 -1.78 -15.65
CA ARG A 23 -2.08 -0.85 -16.09
C ARG A 23 -3.19 -0.82 -15.04
N ALA A 24 -3.63 -1.97 -14.59
CA ALA A 24 -4.72 -2.02 -13.57
C ALA A 24 -4.19 -1.48 -12.24
N ARG A 25 -2.97 -1.84 -11.89
CA ARG A 25 -2.38 -1.36 -10.63
C ARG A 25 -2.17 0.15 -10.69
N GLU A 26 -1.71 0.64 -11.81
CA GLU A 26 -1.46 2.10 -11.94
C GLU A 26 -2.76 2.87 -11.66
N LYS A 27 -3.85 2.42 -12.21
CA LYS A 27 -5.14 3.12 -11.97
C LYS A 27 -5.49 3.07 -10.48
N ALA A 28 -5.24 1.97 -9.83
CA ALA A 28 -5.57 1.85 -8.39
C ALA A 28 -4.80 2.90 -7.58
N ILE A 29 -3.53 3.06 -7.84
CA ILE A 29 -2.73 4.07 -7.07
C ILE A 29 -2.90 5.46 -7.71
N GLN A 30 -3.40 5.51 -8.91
CA GLN A 30 -3.58 6.82 -9.59
C GLN A 30 -4.46 7.75 -8.74
N HIS A 31 -5.52 7.22 -8.18
CA HIS A 31 -6.42 8.07 -7.36
C HIS A 31 -5.69 8.51 -6.09
N ALA A 32 -4.90 7.64 -5.52
CA ALA A 32 -4.16 8.00 -4.28
C ALA A 32 -3.17 9.14 -4.59
N ILE A 33 -2.52 9.07 -5.72
CA ILE A 33 -1.55 10.13 -6.08
C ILE A 33 -2.27 11.46 -6.23
N GLU A 34 -3.40 11.46 -6.88
CA GLU A 34 -4.16 12.74 -7.06
C GLU A 34 -4.64 13.25 -5.70
N ARG A 35 -5.22 12.40 -4.90
CA ARG A 35 -5.71 12.83 -3.56
C ARG A 35 -4.55 13.23 -2.66
N PHE A 36 -3.47 12.49 -2.71
CA PHE A 36 -2.29 12.81 -1.85
C PHE A 36 -1.30 13.64 -2.67
N ASN A 37 -1.78 14.24 -3.73
CA ASN A 37 -0.88 15.07 -4.59
C ASN A 37 -0.30 16.21 -3.76
N THR A 38 -1.11 16.82 -2.94
CA THR A 38 -0.62 17.94 -2.09
C THR A 38 -0.23 17.37 -0.73
N LYS A 39 -0.48 16.11 -0.51
CA LYS A 39 -0.13 15.51 0.80
C LYS A 39 1.27 14.85 0.72
N PRO A 40 2.19 15.24 1.57
CA PRO A 40 3.58 14.66 1.56
C PRO A 40 3.62 13.21 2.04
N ILE A 41 4.68 12.51 1.70
CA ILE A 41 4.82 11.08 2.12
C ILE A 41 5.38 11.01 3.55
N GLN A 42 6.20 11.97 3.90
CA GLN A 42 6.82 11.98 5.26
C GLN A 42 5.75 12.11 6.34
N THR A 43 4.51 12.36 5.97
CA THR A 43 3.41 12.49 6.98
C THR A 43 2.51 11.26 6.92
N ILE A 44 2.96 10.21 6.30
CA ILE A 44 2.11 8.99 6.21
C ILE A 44 2.14 8.24 7.54
N LYS A 45 0.98 8.00 8.10
CA LYS A 45 0.89 7.29 9.41
C LYS A 45 0.25 5.91 9.22
N LYS A 46 0.47 5.03 10.17
CA LYS A 46 -0.11 3.66 10.09
C LYS A 46 -1.64 3.77 10.05
N HIS A 47 -2.20 4.66 10.83
CA HIS A 47 -3.69 4.82 10.84
C HIS A 47 -4.16 5.27 9.46
N ASP A 48 -3.47 6.21 8.88
CA ASP A 48 -3.84 6.72 7.53
C ASP A 48 -3.68 5.57 6.52
N TYR A 49 -2.69 4.76 6.70
CA TYR A 49 -2.46 3.64 5.76
C TYR A 49 -3.66 2.70 5.79
N GLN A 50 -4.14 2.37 6.95
CA GLN A 50 -5.33 1.47 7.05
C GLN A 50 -6.54 2.16 6.42
N ARG A 51 -6.64 3.44 6.58
CA ARG A 51 -7.79 4.19 5.99
C ARG A 51 -7.76 4.04 4.46
N PHE A 52 -6.62 4.23 3.87
CA PHE A 52 -6.50 4.11 2.39
C PHE A 52 -6.87 2.69 1.95
N VAL A 53 -6.39 1.70 2.66
CA VAL A 53 -6.70 0.29 2.27
C VAL A 53 -8.20 0.05 2.29
N ASP A 54 -8.88 0.49 3.32
CA ASP A 54 -10.36 0.29 3.39
C ASP A 54 -11.05 1.05 2.27
N ASP A 55 -10.58 2.23 1.95
CA ASP A 55 -11.23 3.04 0.88
C ASP A 55 -11.17 2.29 -0.45
N ILE A 56 -10.02 1.77 -0.82
CA ILE A 56 -9.91 1.05 -2.12
C ILE A 56 -10.66 -0.29 -2.04
N SER A 57 -10.81 -0.82 -0.85
CA SER A 57 -11.52 -2.12 -0.70
C SER A 57 -12.97 -1.96 -1.17
N ALA A 58 -13.58 -0.86 -0.82
CA ALA A 58 -15.00 -0.64 -1.23
C ALA A 58 -15.04 -0.29 -2.72
N GLN A 59 -13.89 -0.10 -3.33
CA GLN A 59 -13.84 0.23 -4.78
C GLN A 59 -13.35 -0.99 -5.56
N TYR A 60 -12.58 -1.84 -4.92
CA TYR A 60 -12.04 -3.05 -5.62
C TYR A 60 -12.22 -4.30 -4.74
N SER A 61 -12.27 -5.45 -5.36
CA SER A 61 -12.45 -6.72 -4.61
C SER A 61 -11.24 -7.00 -3.72
N LYS A 62 -11.46 -7.70 -2.64
CA LYS A 62 -10.36 -8.04 -1.70
C LYS A 62 -9.28 -8.84 -2.43
N ASN A 63 -9.67 -9.65 -3.37
CA ASN A 63 -8.67 -10.47 -4.12
C ASN A 63 -7.70 -9.53 -4.84
N TYR A 64 -8.15 -8.36 -5.18
CA TYR A 64 -7.27 -7.38 -5.90
C TYR A 64 -6.56 -6.50 -4.87
N VAL A 65 -7.14 -6.37 -3.70
CA VAL A 65 -6.53 -5.52 -2.64
C VAL A 65 -5.16 -6.10 -2.26
N ASP A 66 -5.07 -7.39 -2.11
CA ASP A 66 -3.78 -8.01 -1.72
C ASP A 66 -2.66 -7.51 -2.63
N SER A 67 -2.89 -7.45 -3.90
CA SER A 67 -1.85 -6.96 -4.84
C SER A 67 -1.54 -5.50 -4.55
N ILE A 68 -2.55 -4.71 -4.34
CA ILE A 68 -2.34 -3.26 -4.05
C ILE A 68 -1.59 -3.12 -2.72
N VAL A 69 -1.97 -3.89 -1.74
CA VAL A 69 -1.30 -3.81 -0.41
C VAL A 69 0.19 -4.12 -0.58
N ALA A 70 0.51 -5.14 -1.32
CA ALA A 70 1.94 -5.52 -1.52
C ALA A 70 2.64 -4.39 -2.29
N SER A 71 1.98 -3.81 -3.25
CA SER A 71 2.60 -2.71 -4.04
C SER A 71 2.77 -1.47 -3.15
N THR A 72 1.80 -1.21 -2.32
CA THR A 72 1.89 -0.02 -1.43
C THR A 72 3.09 -0.18 -0.48
N ASN A 73 3.26 -1.36 0.06
CA ASN A 73 4.40 -1.59 0.99
C ASN A 73 5.72 -1.36 0.27
N MET A 74 5.83 -1.80 -0.95
CA MET A 74 7.10 -1.62 -1.71
C MET A 74 7.35 -0.13 -1.97
N ILE A 75 6.33 0.62 -2.29
CA ILE A 75 6.53 2.07 -2.58
C ILE A 75 7.06 2.78 -1.32
N PHE A 76 6.47 2.53 -0.20
CA PHE A 76 6.94 3.19 1.05
C PHE A 76 8.31 2.62 1.43
N LYS A 77 8.51 1.35 1.21
CA LYS A 77 9.82 0.72 1.54
C LYS A 77 10.92 1.36 0.69
N TYR A 78 10.61 1.64 -0.54
CA TYR A 78 11.62 2.27 -1.45
C TYR A 78 12.01 3.64 -0.87
N ALA A 79 11.05 4.40 -0.46
CA ALA A 79 11.36 5.75 0.10
C ALA A 79 12.13 5.59 1.43
N TYR A 80 11.78 4.60 2.22
CA TYR A 80 12.50 4.41 3.51
C TYR A 80 13.97 4.09 3.20
N ASP A 81 14.20 3.26 2.22
CA ASP A 81 15.60 2.88 1.87
C ASP A 81 16.36 4.14 1.44
N THR A 82 15.71 5.02 0.72
CA THR A 82 16.39 6.26 0.27
C THR A 82 16.51 7.21 1.47
N ARG A 83 16.05 6.78 2.61
CA ARG A 83 16.11 7.61 3.85
C ARG A 83 15.38 8.94 3.65
N LEU A 84 14.19 8.90 3.09
CA LEU A 84 13.40 10.14 2.89
C LEU A 84 12.42 10.28 4.05
N ILE A 85 12.14 9.20 4.73
CA ILE A 85 11.19 9.24 5.88
C ILE A 85 11.81 8.54 7.10
N LYS A 86 11.31 8.86 8.26
CA LYS A 86 11.86 8.23 9.50
C LYS A 86 10.96 7.06 9.90
N ALA A 87 9.84 6.91 9.24
CA ALA A 87 8.90 5.79 9.58
C ALA A 87 9.08 4.65 8.59
N MET A 88 8.81 3.44 9.02
CA MET A 88 8.97 2.27 8.12
C MET A 88 7.58 1.85 7.60
N PRO A 89 7.50 1.29 6.41
CA PRO A 89 6.21 0.84 5.82
C PRO A 89 5.30 0.12 6.82
N SER A 90 4.10 -0.21 6.39
CA SER A 90 3.15 -0.90 7.29
C SER A 90 3.62 -2.32 7.56
N GLU A 91 3.30 -2.86 8.71
CA GLU A 91 3.72 -4.25 9.06
C GLU A 91 2.51 -5.02 9.61
N GLY A 92 2.36 -5.04 10.92
CA GLY A 92 1.23 -5.79 11.54
C GLY A 92 -0.09 -5.34 10.92
N ILE A 93 -0.44 -5.87 9.78
CA ILE A 93 -1.72 -5.49 9.11
C ILE A 93 -2.51 -6.76 8.81
N LYS A 94 -2.00 -7.58 7.92
CA LYS A 94 -2.72 -8.83 7.57
C LYS A 94 -2.36 -9.92 8.60
N ARG A 95 -1.94 -9.52 9.78
CA ARG A 95 -1.58 -10.52 10.83
C ARG A 95 -2.11 -10.05 12.18
N PRO A 96 -3.39 -10.15 12.39
CA PRO A 96 -4.05 -9.72 13.66
C PRO A 96 -3.52 -10.51 14.88
N LYS A 97 -3.51 -9.88 16.02
CA LYS A 97 -2.99 -10.57 17.25
C LYS A 97 -4.00 -11.61 17.71
N LYS A 98 -3.66 -12.86 17.55
CA LYS A 98 -4.56 -13.97 17.98
C LYS A 98 -6.00 -13.66 17.56
N LYS A 99 -6.29 -13.87 16.31
CA LYS A 99 -7.66 -13.61 15.79
C LYS A 99 -8.23 -12.29 16.32
N VAL A 100 -9.49 -12.07 16.09
CA VAL A 100 -10.13 -10.80 16.55
C VAL A 100 -10.32 -10.84 18.07
N SER A 101 -10.07 -9.75 18.73
CA SER A 101 -10.20 -9.71 20.22
C SER A 101 -11.65 -9.95 20.64
N VAL A 102 -11.82 -10.72 21.70
CA VAL A 102 -13.20 -11.03 22.20
C VAL A 102 -13.64 -9.96 23.21
N GLU A 103 -13.42 -10.20 24.48
CA GLU A 103 -13.83 -9.21 25.53
C GLU A 103 -15.35 -8.99 25.47
N LEU A 104 -16.01 -9.66 24.56
CA LEU A 104 -17.49 -9.52 24.45
C LEU A 104 -18.17 -10.59 25.30
N GLU A 105 -17.41 -11.49 25.85
CA GLU A 105 -18.00 -12.58 26.68
C GLU A 105 -18.17 -12.09 28.12
N HIS A 106 -19.35 -12.24 28.66
CA HIS A 106 -19.62 -11.79 30.06
C HIS A 106 -19.01 -10.40 30.29
N HIS A 107 -19.82 -9.38 30.18
CA HIS A 107 -19.32 -7.99 30.40
C HIS A 107 -20.35 -7.19 31.21
N HIS A 108 -19.91 -6.53 32.24
CA HIS A 108 -20.84 -5.73 33.08
C HIS A 108 -21.34 -4.52 32.27
N HIS A 109 -20.48 -3.93 31.48
CA HIS A 109 -20.90 -2.74 30.69
C HIS A 109 -21.82 -3.17 29.55
N HIS A 110 -22.87 -2.41 29.32
CA HIS A 110 -23.82 -2.76 28.21
C HIS A 110 -24.50 -1.47 27.71
N HIS A 111 -25.09 -1.55 26.55
CA HIS A 111 -25.77 -0.35 25.99
C HIS A 111 -26.80 -0.80 24.95
N THR A 1 5.97 15.92 -5.65
CA THR A 1 6.96 15.05 -6.33
C THR A 1 6.68 13.58 -5.99
N PHE A 2 5.57 13.34 -5.32
CA PHE A 2 5.21 11.94 -4.94
C PHE A 2 4.98 11.11 -6.19
N LYS A 3 4.33 11.67 -7.18
CA LYS A 3 4.05 10.91 -8.43
C LYS A 3 5.35 10.45 -9.06
N GLN A 4 6.33 11.32 -9.10
CA GLN A 4 7.64 10.95 -9.71
C GLN A 4 8.26 9.81 -8.92
N VAL A 5 8.18 9.87 -7.62
CA VAL A 5 8.77 8.80 -6.76
C VAL A 5 8.02 7.48 -7.03
N ALA A 6 6.72 7.53 -7.03
CA ALA A 6 5.91 6.30 -7.28
C ALA A 6 6.13 5.83 -8.71
N ASP A 7 6.22 6.75 -9.64
CA ASP A 7 6.42 6.37 -11.07
C ASP A 7 7.77 5.67 -11.23
N ASP A 8 8.78 6.16 -10.56
CA ASP A 8 10.13 5.53 -10.67
C ASP A 8 10.07 4.09 -10.17
N TRP A 9 9.43 3.89 -9.06
CA TRP A 9 9.32 2.51 -8.49
C TRP A 9 8.44 1.65 -9.41
N LEU A 10 7.41 2.24 -9.95
CA LEU A 10 6.50 1.47 -10.85
C LEU A 10 7.28 0.96 -12.07
N LYS A 11 8.14 1.78 -12.61
CA LYS A 11 8.93 1.36 -13.80
C LYS A 11 9.81 0.16 -13.43
N GLN A 12 10.44 0.22 -12.29
CA GLN A 12 11.32 -0.91 -11.86
C GLN A 12 10.44 -2.11 -11.46
N TYR A 13 9.37 -1.84 -10.76
CA TYR A 13 8.46 -2.96 -10.32
C TYR A 13 7.75 -3.54 -11.55
N ALA A 14 7.84 -2.86 -12.66
CA ALA A 14 7.17 -3.35 -13.89
C ALA A 14 7.80 -4.69 -14.31
N ASN A 15 8.80 -5.13 -13.59
CA ASN A 15 9.46 -6.43 -13.93
C ASN A 15 8.86 -7.58 -13.14
N ASP A 16 8.82 -8.75 -13.73
CA ASP A 16 8.25 -9.95 -13.05
C ASP A 16 6.75 -9.73 -12.80
N VAL A 17 6.16 -8.83 -13.56
CA VAL A 17 4.70 -8.55 -13.39
C VAL A 17 4.04 -8.33 -14.76
N LYS A 18 2.78 -8.66 -14.85
CA LYS A 18 2.03 -8.49 -16.13
C LYS A 18 1.89 -7.00 -16.47
N VAL A 19 1.88 -6.70 -17.73
CA VAL A 19 1.74 -5.27 -18.18
C VAL A 19 0.39 -4.72 -17.72
N SER A 20 -0.64 -5.49 -17.87
CA SER A 20 -2.01 -5.03 -17.47
C SER A 20 -2.03 -4.69 -15.97
N SER A 21 -1.29 -5.42 -15.18
CA SER A 21 -1.26 -5.14 -13.71
C SER A 21 -0.52 -3.83 -13.45
N VAL A 22 0.50 -3.56 -14.22
CA VAL A 22 1.29 -2.30 -14.01
C VAL A 22 0.39 -1.08 -14.23
N ARG A 23 -0.34 -1.06 -15.31
CA ARG A 23 -1.24 0.10 -15.60
C ARG A 23 -2.45 0.06 -14.66
N ALA A 24 -2.96 -1.12 -14.41
CA ALA A 24 -4.15 -1.24 -13.52
C ALA A 24 -3.78 -0.83 -12.09
N ARG A 25 -2.68 -1.34 -11.61
CA ARG A 25 -2.24 -0.98 -10.22
C ARG A 25 -1.86 0.50 -10.18
N GLU A 26 -1.26 0.99 -11.23
CA GLU A 26 -0.86 2.44 -11.26
C GLU A 26 -2.08 3.30 -10.96
N LYS A 27 -3.19 2.99 -11.59
CA LYS A 27 -4.43 3.77 -11.34
C LYS A 27 -4.90 3.57 -9.90
N ALA A 28 -4.76 2.38 -9.40
CA ALA A 28 -5.19 2.10 -8.00
C ALA A 28 -4.44 3.00 -7.02
N ILE A 29 -3.16 3.14 -7.20
CA ILE A 29 -2.36 4.00 -6.26
C ILE A 29 -2.50 5.47 -6.67
N GLN A 30 -2.93 5.73 -7.88
CA GLN A 30 -3.08 7.14 -8.34
C GLN A 30 -4.00 7.92 -7.37
N HIS A 31 -5.04 7.27 -6.90
CA HIS A 31 -5.98 7.95 -5.96
C HIS A 31 -5.22 8.41 -4.71
N ALA A 32 -4.30 7.61 -4.24
CA ALA A 32 -3.52 7.98 -3.02
C ALA A 32 -2.68 9.23 -3.31
N ILE A 33 -2.14 9.33 -4.50
CA ILE A 33 -1.29 10.51 -4.85
C ILE A 33 -2.12 11.81 -4.79
N GLU A 34 -3.31 11.77 -5.33
CA GLU A 34 -4.16 13.00 -5.32
C GLU A 34 -4.67 13.29 -3.90
N ARG A 35 -5.13 12.29 -3.21
CA ARG A 35 -5.67 12.50 -1.83
C ARG A 35 -4.56 12.93 -0.87
N PHE A 36 -3.39 12.36 -1.01
CA PHE A 36 -2.26 12.71 -0.11
C PHE A 36 -1.33 13.71 -0.84
N ASN A 37 -1.84 14.37 -1.84
CA ASN A 37 -1.01 15.36 -2.61
C ASN A 37 -0.56 16.50 -1.68
N THR A 38 -1.43 16.94 -0.81
CA THR A 38 -1.06 18.04 0.13
C THR A 38 -0.53 17.44 1.44
N LYS A 39 -0.64 16.14 1.59
CA LYS A 39 -0.15 15.48 2.84
C LYS A 39 1.16 14.74 2.53
N PRO A 40 2.30 15.26 2.98
CA PRO A 40 3.61 14.60 2.73
C PRO A 40 3.62 13.12 3.13
N ILE A 41 4.50 12.35 2.56
CA ILE A 41 4.56 10.89 2.90
C ILE A 41 4.96 10.72 4.37
N GLN A 42 5.92 11.49 4.82
CA GLN A 42 6.38 11.38 6.23
C GLN A 42 5.28 11.86 7.18
N THR A 43 4.25 12.47 6.66
CA THR A 43 3.15 12.99 7.54
C THR A 43 1.97 12.00 7.50
N ILE A 44 2.11 10.91 6.80
CA ILE A 44 1.00 9.92 6.72
C ILE A 44 0.91 9.15 8.04
N LYS A 45 -0.28 9.03 8.57
CA LYS A 45 -0.48 8.32 9.86
C LYS A 45 -0.89 6.86 9.61
N LYS A 46 -0.73 6.04 10.61
CA LYS A 46 -1.10 4.60 10.46
C LYS A 46 -2.60 4.45 10.16
N HIS A 47 -3.40 5.22 10.85
CA HIS A 47 -4.88 5.13 10.62
C HIS A 47 -5.21 5.60 9.20
N ASP A 48 -4.51 6.60 8.74
CA ASP A 48 -4.77 7.12 7.36
C ASP A 48 -4.48 6.03 6.32
N TYR A 49 -3.43 5.29 6.52
CA TYR A 49 -3.08 4.21 5.56
C TYR A 49 -4.19 3.16 5.52
N GLN A 50 -4.70 2.79 6.66
CA GLN A 50 -5.79 1.76 6.70
C GLN A 50 -7.01 2.29 5.93
N ARG A 51 -7.26 3.56 6.04
CA ARG A 51 -8.43 4.17 5.34
C ARG A 51 -8.28 4.00 3.83
N PHE A 52 -7.10 4.22 3.33
CA PHE A 52 -6.87 4.08 1.86
C PHE A 52 -7.15 2.65 1.42
N VAL A 53 -6.70 1.69 2.18
CA VAL A 53 -6.92 0.26 1.80
C VAL A 53 -8.44 0.00 1.73
N ASP A 54 -9.16 0.47 2.70
CA ASP A 54 -10.64 0.26 2.72
C ASP A 54 -11.28 0.98 1.54
N ASP A 55 -10.79 2.15 1.21
CA ASP A 55 -11.37 2.93 0.08
C ASP A 55 -11.28 2.14 -1.23
N ILE A 56 -10.13 1.58 -1.52
CA ILE A 56 -9.96 0.80 -2.77
C ILE A 56 -10.71 -0.53 -2.67
N SER A 57 -10.93 -1.01 -1.48
CA SER A 57 -11.65 -2.30 -1.32
C SER A 57 -13.06 -2.20 -1.91
N ALA A 58 -13.71 -1.08 -1.70
CA ALA A 58 -15.08 -0.89 -2.24
C ALA A 58 -15.02 -0.59 -3.74
N GLN A 59 -13.83 -0.37 -4.26
CA GLN A 59 -13.70 -0.06 -5.72
C GLN A 59 -13.17 -1.30 -6.45
N TYR A 60 -12.64 -2.24 -5.71
CA TYR A 60 -12.09 -3.48 -6.36
C TYR A 60 -12.26 -4.69 -5.44
N SER A 61 -12.18 -5.86 -6.00
CA SER A 61 -12.33 -7.10 -5.20
C SER A 61 -11.15 -7.28 -4.25
N LYS A 62 -11.38 -7.97 -3.17
CA LYS A 62 -10.32 -8.21 -2.16
C LYS A 62 -9.14 -8.95 -2.81
N ASN A 63 -9.44 -9.80 -3.76
CA ASN A 63 -8.36 -10.57 -4.45
C ASN A 63 -7.42 -9.60 -5.17
N TYR A 64 -7.93 -8.47 -5.57
CA TYR A 64 -7.09 -7.46 -6.29
C TYR A 64 -6.49 -6.48 -5.28
N VAL A 65 -7.12 -6.34 -4.14
CA VAL A 65 -6.62 -5.40 -3.10
C VAL A 65 -5.25 -5.87 -2.59
N ASP A 66 -5.11 -7.15 -2.36
CA ASP A 66 -3.81 -7.67 -1.85
C ASP A 66 -2.67 -7.21 -2.75
N SER A 67 -2.87 -7.27 -4.04
CA SER A 67 -1.80 -6.84 -5.00
C SER A 67 -1.56 -5.33 -4.85
N ILE A 68 -2.61 -4.58 -4.71
CA ILE A 68 -2.46 -3.10 -4.56
C ILE A 68 -1.73 -2.79 -3.25
N VAL A 69 -2.10 -3.47 -2.20
CA VAL A 69 -1.46 -3.22 -0.88
C VAL A 69 0.04 -3.54 -0.96
N ALA A 70 0.38 -4.65 -1.55
CA ALA A 70 1.82 -5.03 -1.65
C ALA A 70 2.57 -3.99 -2.50
N SER A 71 2.03 -3.65 -3.64
CA SER A 71 2.70 -2.65 -4.52
C SER A 71 2.75 -1.29 -3.81
N THR A 72 1.68 -0.91 -3.16
CA THR A 72 1.65 0.40 -2.45
C THR A 72 2.68 0.40 -1.33
N ASN A 73 2.75 -0.67 -0.58
CA ASN A 73 3.73 -0.76 0.55
C ASN A 73 5.16 -0.67 -0.02
N MET A 74 5.38 -1.27 -1.14
CA MET A 74 6.74 -1.24 -1.75
C MET A 74 7.12 0.21 -2.07
N ILE A 75 6.18 0.98 -2.54
CA ILE A 75 6.48 2.40 -2.87
C ILE A 75 6.88 3.16 -1.60
N PHE A 76 6.15 2.97 -0.54
CA PHE A 76 6.47 3.67 0.73
C PHE A 76 7.79 3.12 1.30
N LYS A 77 7.95 1.82 1.26
CA LYS A 77 9.20 1.20 1.77
C LYS A 77 10.38 1.65 0.91
N TYR A 78 10.16 1.74 -0.38
CA TYR A 78 11.25 2.17 -1.30
C TYR A 78 11.73 3.57 -0.90
N ALA A 79 10.80 4.45 -0.65
CA ALA A 79 11.18 5.85 -0.26
C ALA A 79 11.97 5.80 1.05
N TYR A 80 11.56 4.94 1.95
CA TYR A 80 12.27 4.82 3.26
C TYR A 80 13.69 4.31 3.02
N ASP A 81 13.84 3.37 2.13
CA ASP A 81 15.20 2.80 1.85
C ASP A 81 16.13 3.91 1.35
N THR A 82 15.64 4.75 0.48
CA THR A 82 16.48 5.86 -0.03
C THR A 82 16.68 6.91 1.08
N ARG A 83 16.31 6.53 2.28
CA ARG A 83 16.44 7.46 3.45
C ARG A 83 15.64 8.74 3.18
N LEU A 84 14.76 8.69 2.20
CA LEU A 84 13.93 9.88 1.87
C LEU A 84 13.02 10.20 3.07
N ILE A 85 12.42 9.19 3.66
CA ILE A 85 11.50 9.41 4.81
C ILE A 85 11.97 8.61 6.02
N LYS A 86 11.79 9.15 7.18
CA LYS A 86 12.21 8.44 8.43
C LYS A 86 11.01 7.67 9.00
N ALA A 87 9.86 7.85 8.41
CA ALA A 87 8.65 7.14 8.91
C ALA A 87 8.46 5.82 8.18
N MET A 88 7.54 5.01 8.65
CA MET A 88 7.28 3.70 8.01
C MET A 88 6.05 3.07 8.68
N PRO A 89 4.94 3.75 8.64
CA PRO A 89 3.67 3.26 9.25
C PRO A 89 3.11 2.07 8.47
N SER A 90 3.56 1.87 7.26
CA SER A 90 3.06 0.73 6.44
C SER A 90 3.98 -0.47 6.58
N GLU A 91 3.43 -1.60 6.91
CA GLU A 91 4.24 -2.85 7.08
C GLU A 91 3.57 -3.97 6.28
N GLY A 92 2.27 -3.91 6.12
CA GLY A 92 1.55 -4.96 5.36
C GLY A 92 0.10 -5.06 5.88
N ILE A 93 -0.05 -5.22 7.16
CA ILE A 93 -1.41 -5.33 7.76
C ILE A 93 -2.22 -6.39 7.02
N LYS A 94 -2.33 -7.55 7.60
CA LYS A 94 -3.10 -8.65 6.96
C LYS A 94 -4.60 -8.47 7.20
N ARG A 95 -5.17 -9.29 8.05
CA ARG A 95 -6.63 -9.18 8.32
C ARG A 95 -6.87 -8.30 9.55
N PRO A 96 -8.01 -7.66 9.62
CA PRO A 96 -8.36 -6.77 10.77
C PRO A 96 -7.98 -7.37 12.13
N LYS A 97 -7.23 -6.63 12.90
CA LYS A 97 -6.78 -7.11 14.24
C LYS A 97 -6.53 -8.62 14.23
N LYS A 98 -7.54 -9.39 14.57
CA LYS A 98 -7.39 -10.86 14.58
C LYS A 98 -8.76 -11.51 14.55
N LYS A 99 -9.39 -11.64 15.69
CA LYS A 99 -10.74 -12.27 15.77
C LYS A 99 -11.84 -11.20 15.70
N VAL A 100 -12.98 -11.58 15.20
CA VAL A 100 -14.10 -10.61 15.08
C VAL A 100 -14.86 -10.54 16.41
N SER A 101 -14.80 -9.40 17.05
CA SER A 101 -15.50 -9.22 18.36
C SER A 101 -16.97 -8.88 18.13
N VAL A 102 -17.78 -9.02 19.15
CA VAL A 102 -19.24 -8.71 19.02
C VAL A 102 -19.60 -7.48 19.84
N GLU A 103 -20.28 -6.54 19.24
CA GLU A 103 -20.68 -5.29 19.95
C GLU A 103 -22.09 -5.47 20.53
N LEU A 104 -22.22 -5.31 21.81
CA LEU A 104 -23.54 -5.45 22.47
C LEU A 104 -23.50 -4.72 23.82
N GLU A 105 -22.33 -4.62 24.40
CA GLU A 105 -22.19 -3.92 25.71
C GLU A 105 -21.84 -2.46 25.46
N HIS A 106 -21.51 -2.12 24.23
CA HIS A 106 -21.16 -0.71 23.91
C HIS A 106 -21.93 -0.26 22.66
N HIS A 107 -22.99 0.47 22.86
CA HIS A 107 -23.82 0.96 21.72
C HIS A 107 -23.01 1.97 20.90
N HIS A 108 -22.32 2.85 21.56
CA HIS A 108 -21.51 3.88 20.83
C HIS A 108 -20.06 3.42 20.72
N HIS A 109 -19.56 3.33 19.51
CA HIS A 109 -18.15 2.88 19.29
C HIS A 109 -17.49 3.80 18.26
N HIS A 110 -16.57 4.61 18.71
CA HIS A 110 -15.86 5.54 17.78
C HIS A 110 -14.46 5.82 18.31
N HIS A 111 -13.50 5.88 17.44
CA HIS A 111 -12.09 6.14 17.86
C HIS A 111 -11.25 6.48 16.63
N THR A 1 8.59 15.49 -4.18
CA THR A 1 9.67 14.46 -4.25
C THR A 1 9.05 13.06 -4.09
N PHE A 2 8.16 12.91 -3.16
CA PHE A 2 7.50 11.58 -2.95
C PHE A 2 6.71 11.20 -4.21
N LYS A 3 6.03 12.15 -4.79
CA LYS A 3 5.24 11.87 -6.01
C LYS A 3 6.17 11.35 -7.10
N GLN A 4 7.31 11.97 -7.27
CA GLN A 4 8.26 11.51 -8.30
C GLN A 4 8.77 10.11 -7.97
N VAL A 5 9.10 9.88 -6.73
CA VAL A 5 9.61 8.54 -6.32
C VAL A 5 8.51 7.48 -6.50
N ALA A 6 7.32 7.78 -6.06
CA ALA A 6 6.21 6.78 -6.20
C ALA A 6 5.93 6.52 -7.67
N ASP A 7 5.81 7.56 -8.45
CA ASP A 7 5.52 7.38 -9.91
C ASP A 7 6.70 6.67 -10.57
N ASP A 8 7.90 7.03 -10.20
CA ASP A 8 9.10 6.38 -10.81
C ASP A 8 9.10 4.89 -10.48
N TRP A 9 8.78 4.56 -9.26
CA TRP A 9 8.75 3.13 -8.86
C TRP A 9 7.73 2.38 -9.71
N LEU A 10 6.62 3.00 -9.98
CA LEU A 10 5.56 2.32 -10.79
C LEU A 10 6.10 2.03 -12.19
N LYS A 11 6.76 2.98 -12.78
CA LYS A 11 7.31 2.77 -14.15
C LYS A 11 8.36 1.67 -14.12
N GLN A 12 9.23 1.68 -13.14
CA GLN A 12 10.29 0.63 -13.06
C GLN A 12 9.64 -0.72 -12.74
N TYR A 13 8.68 -0.72 -11.87
CA TYR A 13 8.00 -2.00 -11.51
C TYR A 13 7.16 -2.49 -12.69
N ALA A 14 6.91 -1.63 -13.63
CA ALA A 14 6.09 -2.03 -14.81
C ALA A 14 6.78 -3.20 -15.51
N ASN A 15 8.07 -3.29 -15.39
CA ASN A 15 8.82 -4.40 -16.03
C ASN A 15 8.37 -5.72 -15.41
N ASP A 16 8.15 -5.73 -14.12
CA ASP A 16 7.73 -6.99 -13.42
C ASP A 16 6.29 -7.36 -13.77
N VAL A 17 5.85 -8.49 -13.29
CA VAL A 17 4.46 -8.99 -13.53
C VAL A 17 3.97 -8.65 -14.94
N LYS A 18 2.69 -8.82 -15.16
CA LYS A 18 2.11 -8.55 -16.51
C LYS A 18 1.81 -7.06 -16.67
N VAL A 19 1.87 -6.59 -17.89
CA VAL A 19 1.59 -5.15 -18.16
C VAL A 19 0.14 -4.81 -17.82
N SER A 20 -0.78 -5.65 -18.21
CA SER A 20 -2.22 -5.37 -17.91
C SER A 20 -2.44 -5.27 -16.41
N SER A 21 -1.80 -6.11 -15.65
CA SER A 21 -1.95 -6.07 -14.17
C SER A 21 -1.45 -4.72 -13.64
N VAL A 22 -0.35 -4.26 -14.17
CA VAL A 22 0.21 -2.96 -13.71
C VAL A 22 -0.78 -1.83 -13.99
N ARG A 23 -1.38 -1.82 -15.14
CA ARG A 23 -2.34 -0.74 -15.48
C ARG A 23 -3.51 -0.75 -14.47
N ALA A 24 -4.05 -1.91 -14.18
CA ALA A 24 -5.19 -1.97 -13.23
C ALA A 24 -4.72 -1.57 -11.83
N ARG A 25 -3.59 -2.09 -11.40
CA ARG A 25 -3.07 -1.75 -10.05
C ARG A 25 -2.69 -0.27 -10.03
N GLU A 26 -2.17 0.23 -11.12
CA GLU A 26 -1.77 1.67 -11.18
C GLU A 26 -3.00 2.55 -11.00
N LYS A 27 -4.10 2.16 -11.59
CA LYS A 27 -5.34 2.98 -11.46
C LYS A 27 -5.77 3.04 -10.00
N ALA A 28 -5.75 1.94 -9.31
CA ALA A 28 -6.16 1.94 -7.88
C ALA A 28 -5.14 2.70 -7.03
N ILE A 29 -3.88 2.51 -7.29
CA ILE A 29 -2.82 3.22 -6.50
C ILE A 29 -2.90 4.73 -6.76
N GLN A 30 -3.07 5.12 -7.99
CA GLN A 30 -3.13 6.58 -8.34
C GLN A 30 -3.96 7.32 -7.29
N HIS A 31 -4.95 6.69 -6.74
CA HIS A 31 -5.78 7.36 -5.70
C HIS A 31 -4.91 7.77 -4.52
N ALA A 32 -4.03 6.91 -4.08
CA ALA A 32 -3.15 7.25 -2.93
C ALA A 32 -2.24 8.41 -3.34
N ILE A 33 -1.66 8.33 -4.51
CA ILE A 33 -0.76 9.42 -4.97
C ILE A 33 -1.58 10.70 -5.13
N GLU A 34 -2.75 10.59 -5.70
CA GLU A 34 -3.60 11.80 -5.88
C GLU A 34 -3.98 12.38 -4.52
N ARG A 35 -4.34 11.53 -3.58
CA ARG A 35 -4.73 12.03 -2.23
C ARG A 35 -3.51 12.63 -1.54
N PHE A 36 -2.37 12.00 -1.65
CA PHE A 36 -1.15 12.54 -0.98
C PHE A 36 -0.36 13.41 -1.99
N ASN A 37 -1.02 13.84 -3.02
CA ASN A 37 -0.34 14.70 -4.04
C ASN A 37 0.11 16.01 -3.40
N THR A 38 -0.69 16.57 -2.53
CA THR A 38 -0.29 17.85 -1.87
C THR A 38 0.27 17.54 -0.49
N LYS A 39 0.03 16.35 0.02
CA LYS A 39 0.54 15.98 1.37
C LYS A 39 1.70 14.96 1.22
N PRO A 40 2.79 15.12 1.95
CA PRO A 40 3.95 14.20 1.86
C PRO A 40 3.68 12.83 2.51
N ILE A 41 4.45 11.84 2.14
CA ILE A 41 4.28 10.48 2.73
C ILE A 41 4.61 10.52 4.22
N GLN A 42 5.65 11.21 4.58
CA GLN A 42 6.06 11.27 6.01
C GLN A 42 4.89 11.75 6.88
N THR A 43 3.91 12.38 6.30
CA THR A 43 2.75 12.87 7.10
C THR A 43 1.63 11.82 7.08
N ILE A 44 1.82 10.75 6.36
CA ILE A 44 0.77 9.69 6.32
C ILE A 44 0.90 8.79 7.55
N LYS A 45 -0.18 8.60 8.26
CA LYS A 45 -0.14 7.75 9.50
C LYS A 45 -0.74 6.37 9.23
N LYS A 46 -0.61 5.49 10.17
CA LYS A 46 -1.17 4.11 10.03
C LYS A 46 -2.68 4.19 9.89
N HIS A 47 -3.31 5.04 10.66
CA HIS A 47 -4.80 5.17 10.58
C HIS A 47 -5.20 5.57 9.16
N ASP A 48 -4.51 6.54 8.61
CA ASP A 48 -4.84 6.99 7.24
C ASP A 48 -4.55 5.86 6.26
N TYR A 49 -3.52 5.11 6.49
CA TYR A 49 -3.19 3.98 5.59
C TYR A 49 -4.35 2.99 5.57
N GLN A 50 -4.91 2.69 6.71
CA GLN A 50 -6.04 1.74 6.76
C GLN A 50 -7.23 2.32 5.98
N ARG A 51 -7.43 3.61 6.08
CA ARG A 51 -8.56 4.24 5.35
C ARG A 51 -8.37 4.03 3.85
N PHE A 52 -7.16 4.19 3.37
CA PHE A 52 -6.89 3.99 1.92
C PHE A 52 -7.21 2.54 1.54
N VAL A 53 -6.83 1.60 2.34
CA VAL A 53 -7.10 0.17 2.02
C VAL A 53 -8.61 -0.04 1.91
N ASP A 54 -9.36 0.48 2.84
CA ASP A 54 -10.84 0.31 2.79
C ASP A 54 -11.41 1.06 1.57
N ASP A 55 -10.84 2.18 1.23
CA ASP A 55 -11.35 2.96 0.07
C ASP A 55 -11.23 2.14 -1.21
N ILE A 56 -10.12 1.49 -1.41
CA ILE A 56 -9.94 0.68 -2.65
C ILE A 56 -10.71 -0.63 -2.53
N SER A 57 -10.92 -1.09 -1.33
CA SER A 57 -11.67 -2.37 -1.14
C SER A 57 -13.11 -2.20 -1.62
N ALA A 58 -13.65 -1.01 -1.46
CA ALA A 58 -15.06 -0.77 -1.90
C ALA A 58 -15.06 -0.47 -3.40
N GLN A 59 -13.90 -0.29 -3.98
CA GLN A 59 -13.81 0.00 -5.45
C GLN A 59 -13.15 -1.18 -6.16
N TYR A 60 -12.45 -2.02 -5.42
CA TYR A 60 -11.77 -3.19 -6.05
C TYR A 60 -12.00 -4.44 -5.21
N SER A 61 -11.94 -5.59 -5.83
CA SER A 61 -12.17 -6.87 -5.11
C SER A 61 -11.03 -7.12 -4.10
N LYS A 62 -11.24 -8.05 -3.21
CA LYS A 62 -10.21 -8.37 -2.18
C LYS A 62 -8.94 -8.88 -2.87
N ASN A 63 -9.09 -9.65 -3.92
CA ASN A 63 -7.90 -10.20 -4.62
C ASN A 63 -7.05 -9.05 -5.18
N TYR A 64 -7.67 -8.05 -5.73
CA TYR A 64 -6.90 -6.90 -6.29
C TYR A 64 -6.26 -6.10 -5.16
N VAL A 65 -6.90 -6.04 -4.02
CA VAL A 65 -6.35 -5.26 -2.88
C VAL A 65 -5.00 -5.85 -2.47
N ASP A 66 -4.90 -7.15 -2.40
CA ASP A 66 -3.61 -7.77 -1.99
C ASP A 66 -2.47 -7.28 -2.89
N SER A 67 -2.66 -7.32 -4.18
CA SER A 67 -1.60 -6.85 -5.11
C SER A 67 -1.34 -5.35 -4.89
N ILE A 68 -2.39 -4.59 -4.70
CA ILE A 68 -2.23 -3.12 -4.49
C ILE A 68 -1.46 -2.87 -3.18
N VAL A 69 -1.79 -3.60 -2.15
CA VAL A 69 -1.10 -3.40 -0.85
C VAL A 69 0.40 -3.67 -1.03
N ALA A 70 0.75 -4.72 -1.72
CA ALA A 70 2.18 -5.03 -1.93
C ALA A 70 2.86 -3.85 -2.62
N SER A 71 2.25 -3.32 -3.64
CA SER A 71 2.84 -2.16 -4.37
C SER A 71 2.95 -0.96 -3.42
N THR A 72 1.94 -0.71 -2.64
CA THR A 72 1.96 0.45 -1.71
C THR A 72 3.09 0.28 -0.70
N ASN A 73 3.26 -0.90 -0.17
CA ASN A 73 4.34 -1.12 0.83
C ASN A 73 5.71 -0.86 0.20
N MET A 74 5.91 -1.25 -1.02
CA MET A 74 7.23 -1.03 -1.68
C MET A 74 7.49 0.47 -1.83
N ILE A 75 6.49 1.23 -2.18
CA ILE A 75 6.69 2.70 -2.37
C ILE A 75 7.10 3.35 -1.03
N PHE A 76 6.43 3.00 0.04
CA PHE A 76 6.77 3.60 1.35
C PHE A 76 8.14 3.07 1.81
N LYS A 77 8.37 1.80 1.67
CA LYS A 77 9.67 1.23 2.10
C LYS A 77 10.79 1.77 1.22
N TYR A 78 10.55 1.87 -0.06
CA TYR A 78 11.59 2.41 -0.99
C TYR A 78 11.96 3.83 -0.58
N ALA A 79 10.98 4.64 -0.30
CA ALA A 79 11.27 6.04 0.12
C ALA A 79 12.10 6.03 1.39
N TYR A 80 11.77 5.14 2.30
CA TYR A 80 12.54 5.05 3.57
C TYR A 80 13.98 4.62 3.27
N ASP A 81 14.14 3.67 2.38
CA ASP A 81 15.51 3.18 2.05
C ASP A 81 16.30 4.29 1.35
N THR A 82 15.63 5.26 0.80
CA THR A 82 16.33 6.37 0.10
C THR A 82 16.60 7.49 1.10
N ARG A 83 16.44 7.21 2.35
CA ARG A 83 16.68 8.23 3.41
C ARG A 83 15.91 9.51 3.09
N LEU A 84 14.71 9.36 2.59
CA LEU A 84 13.86 10.55 2.27
C LEU A 84 12.90 10.76 3.43
N ILE A 85 12.58 9.72 4.14
CA ILE A 85 11.65 9.83 5.30
C ILE A 85 12.17 9.00 6.47
N LYS A 86 11.90 9.41 7.67
CA LYS A 86 12.38 8.66 8.86
C LYS A 86 11.28 7.71 9.33
N ALA A 87 10.10 7.84 8.75
CA ALA A 87 8.96 6.96 9.15
C ALA A 87 8.71 5.91 8.06
N MET A 88 8.09 4.81 8.42
CA MET A 88 7.79 3.75 7.42
C MET A 88 6.44 3.12 7.75
N PRO A 89 5.39 3.89 7.70
CA PRO A 89 4.01 3.41 8.01
C PRO A 89 3.46 2.51 6.90
N SER A 90 3.76 1.25 6.94
CA SER A 90 3.24 0.30 5.90
C SER A 90 3.60 -1.12 6.33
N GLU A 91 3.43 -1.42 7.58
CA GLU A 91 3.77 -2.77 8.09
C GLU A 91 2.66 -3.75 7.66
N GLY A 92 1.66 -3.25 6.99
CA GLY A 92 0.56 -4.15 6.53
C GLY A 92 -0.50 -4.28 7.63
N ILE A 93 -1.63 -3.66 7.48
CA ILE A 93 -2.71 -3.74 8.51
C ILE A 93 -3.77 -4.75 8.04
N LYS A 94 -3.95 -5.79 8.80
CA LYS A 94 -4.97 -6.82 8.45
C LYS A 94 -5.70 -7.27 9.72
N ARG A 95 -5.40 -6.65 10.83
CA ARG A 95 -6.04 -7.02 12.13
C ARG A 95 -6.81 -5.81 12.69
N PRO A 96 -7.93 -5.45 12.09
CA PRO A 96 -8.76 -4.30 12.55
C PRO A 96 -9.51 -4.60 13.86
N LYS A 97 -9.76 -3.59 14.64
CA LYS A 97 -10.49 -3.77 15.93
C LYS A 97 -11.54 -2.67 16.08
N LYS A 98 -11.36 -1.58 15.36
CA LYS A 98 -12.33 -0.45 15.46
C LYS A 98 -13.49 -0.67 14.48
N LYS A 99 -14.63 -0.10 14.79
CA LYS A 99 -15.83 -0.25 13.92
C LYS A 99 -16.13 -1.73 13.70
N VAL A 100 -15.76 -2.56 14.64
CA VAL A 100 -16.03 -4.02 14.52
C VAL A 100 -17.53 -4.29 14.53
N SER A 101 -18.04 -4.79 15.62
CA SER A 101 -19.49 -5.08 15.72
C SER A 101 -20.24 -3.87 16.27
N VAL A 102 -19.51 -2.81 16.57
CA VAL A 102 -20.16 -1.58 17.13
C VAL A 102 -20.21 -0.50 16.05
N GLU A 103 -21.35 0.10 15.85
CA GLU A 103 -21.45 1.17 14.81
C GLU A 103 -22.61 2.12 15.17
N LEU A 104 -23.68 1.51 15.58
CA LEU A 104 -24.96 2.19 15.95
C LEU A 104 -24.85 2.82 17.34
N GLU A 105 -25.46 3.92 17.54
CA GLU A 105 -25.43 4.54 18.87
C GLU A 105 -26.44 3.79 19.76
N HIS A 106 -26.38 2.47 19.77
CA HIS A 106 -27.33 1.67 20.62
C HIS A 106 -28.75 2.22 20.48
N HIS A 107 -29.01 2.97 19.45
CA HIS A 107 -30.37 3.55 19.26
C HIS A 107 -31.27 2.53 18.54
N HIS A 108 -32.40 2.22 19.12
CA HIS A 108 -33.33 1.24 18.48
C HIS A 108 -34.39 1.99 17.68
N HIS A 109 -34.58 1.61 16.44
CA HIS A 109 -35.58 2.30 15.58
C HIS A 109 -37.00 1.89 15.97
N HIS A 110 -37.94 2.78 15.84
CA HIS A 110 -39.36 2.48 16.18
C HIS A 110 -39.42 1.89 17.60
N HIS A 111 -39.34 2.73 18.60
CA HIS A 111 -39.40 2.25 20.01
C HIS A 111 -38.41 1.10 20.21
N THR A 1 10.54 13.58 -3.41
CA THR A 1 9.14 13.87 -3.77
C THR A 1 8.33 12.57 -3.81
N PHE A 2 7.19 12.57 -3.17
CA PHE A 2 6.32 11.36 -3.13
C PHE A 2 5.88 11.01 -4.56
N LYS A 3 5.52 11.98 -5.33
CA LYS A 3 5.07 11.72 -6.72
C LYS A 3 6.20 11.07 -7.53
N GLN A 4 7.40 11.60 -7.39
CA GLN A 4 8.55 11.02 -8.15
C GLN A 4 8.84 9.61 -7.64
N VAL A 5 8.77 9.41 -6.36
CA VAL A 5 9.04 8.06 -5.79
C VAL A 5 7.97 7.08 -6.28
N ALA A 6 6.73 7.49 -6.24
CA ALA A 6 5.62 6.60 -6.71
C ALA A 6 5.78 6.32 -8.20
N ASP A 7 6.04 7.34 -8.97
CA ASP A 7 6.21 7.16 -10.44
C ASP A 7 7.45 6.29 -10.72
N ASP A 8 8.53 6.56 -10.02
CA ASP A 8 9.78 5.77 -10.23
C ASP A 8 9.55 4.32 -9.82
N TRP A 9 8.97 4.11 -8.68
CA TRP A 9 8.70 2.72 -8.20
C TRP A 9 7.79 2.00 -9.20
N LEU A 10 6.83 2.70 -9.73
CA LEU A 10 5.90 2.07 -10.71
C LEU A 10 6.67 1.60 -11.94
N LYS A 11 7.57 2.42 -12.41
CA LYS A 11 8.37 2.03 -13.61
C LYS A 11 9.22 0.81 -13.28
N GLN A 12 9.85 0.83 -12.14
CA GLN A 12 10.70 -0.33 -11.73
C GLN A 12 9.81 -1.55 -11.48
N TYR A 13 8.70 -1.33 -10.84
CA TYR A 13 7.76 -2.46 -10.54
C TYR A 13 6.99 -2.82 -11.81
N ALA A 14 7.14 -2.05 -12.85
CA ALA A 14 6.42 -2.35 -14.12
C ALA A 14 7.27 -3.29 -14.98
N ASN A 15 8.44 -3.64 -14.50
CA ASN A 15 9.33 -4.55 -15.27
C ASN A 15 9.35 -5.93 -14.60
N ASP A 16 8.21 -6.37 -14.15
CA ASP A 16 8.12 -7.71 -13.48
C ASP A 16 6.66 -8.19 -13.51
N VAL A 17 5.76 -7.36 -13.98
CA VAL A 17 4.30 -7.76 -14.04
C VAL A 17 3.73 -7.44 -15.41
N LYS A 18 2.58 -7.98 -15.70
CA LYS A 18 1.93 -7.75 -17.02
C LYS A 18 1.61 -6.27 -17.22
N VAL A 19 1.55 -5.86 -18.45
CA VAL A 19 1.27 -4.43 -18.78
C VAL A 19 -0.13 -4.05 -18.28
N SER A 20 -1.10 -4.91 -18.48
CA SER A 20 -2.49 -4.60 -18.01
C SER A 20 -2.49 -4.41 -16.50
N SER A 21 -1.70 -5.17 -15.80
CA SER A 21 -1.64 -5.05 -14.32
C SER A 21 -1.13 -3.65 -13.94
N VAL A 22 -0.14 -3.18 -14.66
CA VAL A 22 0.43 -1.84 -14.37
C VAL A 22 -0.65 -0.76 -14.53
N ARG A 23 -1.41 -0.83 -15.58
CA ARG A 23 -2.46 0.19 -15.83
C ARG A 23 -3.49 0.14 -14.69
N ALA A 24 -3.92 -1.04 -14.33
CA ALA A 24 -4.92 -1.18 -13.23
C ALA A 24 -4.28 -0.77 -11.90
N ARG A 25 -3.05 -1.15 -11.70
CA ARG A 25 -2.35 -0.81 -10.43
C ARG A 25 -2.11 0.71 -10.36
N GLU A 26 -1.74 1.30 -11.46
CA GLU A 26 -1.48 2.77 -11.46
C GLU A 26 -2.74 3.50 -11.00
N LYS A 27 -3.88 3.08 -11.47
CA LYS A 27 -5.16 3.74 -11.06
C LYS A 27 -5.39 3.51 -9.56
N ALA A 28 -5.05 2.34 -9.08
CA ALA A 28 -5.25 2.03 -7.63
C ALA A 28 -4.44 2.99 -6.75
N ILE A 29 -3.21 3.22 -7.09
CA ILE A 29 -2.35 4.14 -6.28
C ILE A 29 -2.66 5.59 -6.67
N GLN A 30 -3.31 5.78 -7.79
CA GLN A 30 -3.64 7.16 -8.25
C GLN A 30 -4.54 7.85 -7.22
N HIS A 31 -5.46 7.11 -6.65
CA HIS A 31 -6.38 7.71 -5.64
C HIS A 31 -5.57 8.29 -4.47
N ALA A 32 -4.59 7.54 -4.01
CA ALA A 32 -3.75 8.02 -2.87
C ALA A 32 -2.95 9.25 -3.29
N ILE A 33 -2.38 9.22 -4.47
CA ILE A 33 -1.56 10.37 -4.95
C ILE A 33 -2.47 11.61 -5.11
N GLU A 34 -3.61 11.43 -5.69
CA GLU A 34 -4.54 12.58 -5.91
C GLU A 34 -5.17 13.03 -4.59
N ARG A 35 -5.68 12.11 -3.82
CA ARG A 35 -6.33 12.47 -2.53
C ARG A 35 -5.32 13.02 -1.54
N PHE A 36 -4.15 12.44 -1.49
CA PHE A 36 -3.10 12.92 -0.56
C PHE A 36 -2.09 13.78 -1.34
N ASN A 37 -2.49 14.27 -2.48
CA ASN A 37 -1.60 15.11 -3.33
C ASN A 37 -0.99 16.24 -2.49
N THR A 38 -1.76 16.82 -1.62
CA THR A 38 -1.25 17.94 -0.77
C THR A 38 -0.65 17.37 0.52
N LYS A 39 -0.76 16.08 0.72
CA LYS A 39 -0.19 15.45 1.95
C LYS A 39 1.04 14.61 1.59
N PRO A 40 2.22 15.10 1.85
CA PRO A 40 3.48 14.36 1.55
C PRO A 40 3.49 12.95 2.17
N ILE A 41 4.20 12.05 1.56
CA ILE A 41 4.26 10.65 2.07
C ILE A 41 4.68 10.65 3.54
N GLN A 42 5.46 11.62 3.94
CA GLN A 42 5.92 11.69 5.36
C GLN A 42 4.73 11.99 6.30
N THR A 43 3.67 12.53 5.77
CA THR A 43 2.49 12.89 6.64
C THR A 43 1.48 11.74 6.66
N ILE A 44 1.72 10.69 5.92
CA ILE A 44 0.76 9.54 5.91
C ILE A 44 0.96 8.69 7.17
N LYS A 45 -0.09 8.43 7.89
CA LYS A 45 0.01 7.61 9.14
C LYS A 45 -0.71 6.28 8.97
N LYS A 46 -0.77 5.52 10.03
CA LYS A 46 -1.43 4.18 10.00
C LYS A 46 -2.93 4.36 9.71
N HIS A 47 -3.54 5.33 10.34
CA HIS A 47 -5.01 5.56 10.12
C HIS A 47 -5.26 5.91 8.65
N ASP A 48 -4.45 6.78 8.11
CA ASP A 48 -4.61 7.16 6.68
C ASP A 48 -4.30 5.95 5.80
N TYR A 49 -3.34 5.16 6.21
CA TYR A 49 -2.97 3.95 5.42
C TYR A 49 -4.18 3.01 5.35
N GLN A 50 -4.85 2.80 6.44
CA GLN A 50 -6.03 1.90 6.45
C GLN A 50 -7.12 2.48 5.55
N ARG A 51 -7.28 3.78 5.56
CA ARG A 51 -8.32 4.42 4.72
C ARG A 51 -8.08 4.11 3.24
N PHE A 52 -6.84 4.18 2.81
CA PHE A 52 -6.52 3.88 1.39
C PHE A 52 -6.89 2.44 1.07
N VAL A 53 -6.55 1.52 1.95
CA VAL A 53 -6.84 0.08 1.71
C VAL A 53 -8.35 -0.13 1.57
N ASP A 54 -9.11 0.48 2.45
CA ASP A 54 -10.60 0.32 2.39
C ASP A 54 -11.13 1.00 1.12
N ASP A 55 -10.55 2.10 0.74
CA ASP A 55 -11.01 2.83 -0.47
C ASP A 55 -10.87 1.95 -1.71
N ILE A 56 -9.72 1.37 -1.90
CA ILE A 56 -9.50 0.50 -3.10
C ILE A 56 -10.35 -0.78 -2.98
N SER A 57 -10.55 -1.25 -1.78
CA SER A 57 -11.36 -2.49 -1.59
C SER A 57 -12.79 -2.23 -2.04
N ALA A 58 -13.26 -1.01 -1.86
CA ALA A 58 -14.64 -0.67 -2.27
C ALA A 58 -14.66 -0.35 -3.76
N GLN A 59 -13.50 -0.26 -4.36
CA GLN A 59 -13.40 0.05 -5.82
C GLN A 59 -12.83 -1.16 -6.54
N TYR A 60 -12.19 -2.05 -5.83
CA TYR A 60 -11.58 -3.26 -6.47
C TYR A 60 -11.88 -4.51 -5.63
N SER A 61 -11.68 -5.66 -6.21
CA SER A 61 -11.95 -6.94 -5.49
C SER A 61 -10.89 -7.19 -4.42
N LYS A 62 -11.17 -8.13 -3.55
CA LYS A 62 -10.22 -8.46 -2.45
C LYS A 62 -8.92 -8.99 -3.04
N ASN A 63 -9.00 -9.71 -4.13
CA ASN A 63 -7.78 -10.27 -4.77
C ASN A 63 -6.85 -9.13 -5.20
N TYR A 64 -7.41 -8.09 -5.72
CA TYR A 64 -6.59 -6.91 -6.17
C TYR A 64 -6.06 -6.17 -4.93
N VAL A 65 -6.85 -6.13 -3.89
CA VAL A 65 -6.42 -5.41 -2.65
C VAL A 65 -5.12 -6.03 -2.13
N ASP A 66 -5.05 -7.33 -2.11
CA ASP A 66 -3.83 -8.02 -1.60
C ASP A 66 -2.60 -7.60 -2.41
N SER A 67 -2.69 -7.66 -3.71
CA SER A 67 -1.53 -7.26 -4.57
C SER A 67 -1.23 -5.78 -4.40
N ILE A 68 -2.25 -4.97 -4.35
CA ILE A 68 -2.06 -3.50 -4.20
C ILE A 68 -1.40 -3.21 -2.84
N VAL A 69 -1.85 -3.87 -1.81
CA VAL A 69 -1.29 -3.65 -0.45
C VAL A 69 0.20 -3.99 -0.45
N ALA A 70 0.56 -5.10 -1.05
CA ALA A 70 1.99 -5.51 -1.08
C ALA A 70 2.80 -4.46 -1.84
N SER A 71 2.29 -3.98 -2.94
CA SER A 71 3.02 -2.95 -3.72
C SER A 71 3.10 -1.65 -2.92
N THR A 72 2.09 -1.36 -2.16
CA THR A 72 2.08 -0.11 -1.34
C THR A 72 3.22 -0.15 -0.33
N ASN A 73 3.40 -1.27 0.33
CA ASN A 73 4.48 -1.40 1.34
C ASN A 73 5.85 -1.24 0.66
N MET A 74 6.01 -1.79 -0.51
CA MET A 74 7.32 -1.70 -1.23
C MET A 74 7.62 -0.23 -1.55
N ILE A 75 6.63 0.52 -1.94
CA ILE A 75 6.85 1.95 -2.27
C ILE A 75 7.32 2.70 -1.02
N PHE A 76 6.68 2.46 0.09
CA PHE A 76 7.06 3.14 1.36
C PHE A 76 8.44 2.65 1.82
N LYS A 77 8.68 1.37 1.69
CA LYS A 77 9.99 0.80 2.11
C LYS A 77 11.10 1.37 1.21
N TYR A 78 10.82 1.52 -0.06
CA TYR A 78 11.84 2.06 -0.99
C TYR A 78 12.26 3.46 -0.54
N ALA A 79 11.30 4.28 -0.20
CA ALA A 79 11.62 5.67 0.26
C ALA A 79 12.39 5.58 1.57
N TYR A 80 12.01 4.68 2.43
CA TYR A 80 12.72 4.51 3.73
C TYR A 80 14.16 4.07 3.48
N ASP A 81 14.34 3.14 2.58
CA ASP A 81 15.71 2.64 2.26
C ASP A 81 16.55 3.79 1.69
N THR A 82 15.97 4.60 0.85
CA THR A 82 16.73 5.73 0.25
C THR A 82 16.88 6.84 1.30
N ARG A 83 16.78 6.48 2.56
CA ARG A 83 16.92 7.48 3.66
C ARG A 83 16.26 8.81 3.27
N LEU A 84 15.35 8.75 2.34
CA LEU A 84 14.64 9.98 1.90
C LEU A 84 13.77 10.50 3.04
N ILE A 85 13.18 9.61 3.77
CA ILE A 85 12.30 10.01 4.91
C ILE A 85 12.76 9.32 6.19
N LYS A 86 12.50 9.93 7.30
CA LYS A 86 12.90 9.34 8.62
C LYS A 86 11.71 8.62 9.25
N ALA A 87 10.62 8.53 8.52
CA ALA A 87 9.40 7.83 9.05
C ALA A 87 8.89 6.82 8.04
N MET A 88 8.22 5.80 8.52
CA MET A 88 7.67 4.74 7.61
C MET A 88 6.65 3.91 8.38
N PRO A 89 5.60 4.54 8.87
CA PRO A 89 4.52 3.83 9.62
C PRO A 89 3.60 3.04 8.70
N SER A 90 3.73 1.74 8.71
CA SER A 90 2.88 0.88 7.85
C SER A 90 2.56 -0.42 8.61
N GLU A 91 3.15 -0.60 9.77
CA GLU A 91 2.90 -1.83 10.57
C GLU A 91 1.64 -1.64 11.44
N GLY A 92 1.31 -2.66 12.19
CA GLY A 92 0.10 -2.58 13.07
C GLY A 92 -1.15 -2.86 12.23
N ILE A 93 -0.99 -3.52 11.11
CA ILE A 93 -2.16 -3.82 10.23
C ILE A 93 -2.69 -5.23 10.50
N LYS A 94 -3.97 -5.32 10.77
CA LYS A 94 -4.59 -6.65 11.05
C LYS A 94 -3.77 -7.41 12.08
N ARG A 95 -4.16 -7.31 13.32
CA ARG A 95 -3.44 -8.02 14.43
C ARG A 95 -4.30 -9.19 14.93
N PRO A 96 -5.61 -9.01 15.01
CA PRO A 96 -6.54 -10.07 15.49
C PRO A 96 -6.47 -11.34 14.64
N LYS A 97 -7.53 -12.11 14.66
CA LYS A 97 -7.60 -13.37 13.87
C LYS A 97 -6.41 -14.27 14.19
N LYS A 98 -5.93 -14.98 13.21
CA LYS A 98 -4.80 -15.92 13.42
C LYS A 98 -3.50 -15.13 13.65
N LYS A 99 -2.55 -15.75 14.29
CA LYS A 99 -1.26 -15.08 14.57
C LYS A 99 -0.61 -14.60 13.27
N VAL A 100 -0.16 -13.38 13.27
CA VAL A 100 0.49 -12.81 12.06
C VAL A 100 1.80 -13.54 11.80
N SER A 101 2.59 -13.76 12.83
CA SER A 101 3.89 -14.45 12.65
C SER A 101 3.71 -15.96 12.74
N VAL A 102 3.89 -16.65 11.65
CA VAL A 102 3.72 -18.14 11.63
C VAL A 102 5.07 -18.80 11.37
N GLU A 103 5.41 -19.78 12.17
CA GLU A 103 6.70 -20.50 12.01
C GLU A 103 6.81 -21.07 10.60
N LEU A 104 7.98 -20.97 10.03
CA LEU A 104 8.18 -21.49 8.64
C LEU A 104 8.74 -22.92 8.71
N GLU A 105 8.05 -23.84 8.09
CA GLU A 105 8.50 -25.25 8.10
C GLU A 105 9.30 -25.55 6.82
N HIS A 106 8.90 -26.55 6.08
CA HIS A 106 9.61 -26.92 4.83
C HIS A 106 9.13 -26.05 3.66
N HIS A 107 10.01 -25.79 2.74
CA HIS A 107 9.65 -24.95 1.56
C HIS A 107 8.55 -25.65 0.75
N HIS A 108 8.66 -26.93 0.57
CA HIS A 108 7.63 -27.67 -0.22
C HIS A 108 7.37 -29.04 0.42
N HIS A 109 6.12 -29.39 0.54
CA HIS A 109 5.75 -30.70 1.17
C HIS A 109 5.87 -31.83 0.15
N HIS A 110 6.53 -32.89 0.51
CA HIS A 110 6.70 -34.05 -0.41
C HIS A 110 6.72 -35.36 0.38
N HIS A 111 6.06 -36.36 -0.14
CA HIS A 111 6.00 -37.69 0.54
C HIS A 111 5.42 -37.55 1.94
N THR A 1 7.75 15.70 -5.82
CA THR A 1 8.89 14.76 -5.76
C THR A 1 8.40 13.39 -5.27
N PHE A 2 7.45 13.39 -4.37
CA PHE A 2 6.89 12.11 -3.83
C PHE A 2 6.24 11.30 -4.97
N LYS A 3 5.47 11.94 -5.78
CA LYS A 3 4.80 11.23 -6.91
C LYS A 3 5.85 10.68 -7.87
N GLN A 4 6.88 11.44 -8.11
CA GLN A 4 7.94 10.98 -9.04
C GLN A 4 8.58 9.68 -8.53
N VAL A 5 8.81 9.60 -7.25
CA VAL A 5 9.43 8.36 -6.67
C VAL A 5 8.49 7.16 -6.88
N ALA A 6 7.23 7.34 -6.59
CA ALA A 6 6.26 6.21 -6.76
C ALA A 6 6.10 5.87 -8.25
N ASP A 7 6.10 6.87 -9.08
CA ASP A 7 5.93 6.63 -10.55
C ASP A 7 7.11 5.82 -11.07
N ASP A 8 8.29 6.13 -10.64
CA ASP A 8 9.51 5.39 -11.11
C ASP A 8 9.41 3.92 -10.68
N TRP A 9 9.03 3.69 -9.46
CA TRP A 9 8.91 2.28 -8.95
C TRP A 9 7.83 1.54 -9.74
N LEU A 10 6.76 2.22 -10.04
CA LEU A 10 5.64 1.58 -10.79
C LEU A 10 6.13 1.17 -12.18
N LYS A 11 6.92 1.99 -12.80
CA LYS A 11 7.43 1.67 -14.16
C LYS A 11 8.27 0.41 -14.09
N GLN A 12 9.11 0.30 -13.10
CA GLN A 12 9.97 -0.91 -12.96
C GLN A 12 9.11 -2.09 -12.50
N TYR A 13 8.20 -1.84 -11.61
CA TYR A 13 7.32 -2.93 -11.11
C TYR A 13 6.38 -3.36 -12.25
N ALA A 14 6.36 -2.61 -13.31
CA ALA A 14 5.49 -2.96 -14.47
C ALA A 14 5.78 -4.40 -14.90
N ASN A 15 6.91 -4.93 -14.52
CA ASN A 15 7.25 -6.33 -14.90
C ASN A 15 6.43 -7.33 -14.10
N ASP A 16 6.86 -8.58 -14.10
CA ASP A 16 6.13 -9.65 -13.35
C ASP A 16 4.68 -9.75 -13.81
N VAL A 17 3.83 -8.90 -13.32
CA VAL A 17 2.39 -8.95 -13.71
C VAL A 17 2.14 -8.28 -15.07
N LYS A 18 1.10 -8.71 -15.74
CA LYS A 18 0.76 -8.16 -17.08
C LYS A 18 0.56 -6.64 -17.00
N VAL A 19 0.70 -6.00 -18.12
CA VAL A 19 0.53 -4.51 -18.17
C VAL A 19 -0.91 -4.14 -17.83
N SER A 20 -1.84 -4.99 -18.18
CA SER A 20 -3.28 -4.69 -17.89
C SER A 20 -3.49 -4.52 -16.39
N SER A 21 -2.89 -5.38 -15.61
CA SER A 21 -3.02 -5.28 -14.13
C SER A 21 -2.27 -4.05 -13.63
N VAL A 22 -1.18 -3.72 -14.27
CA VAL A 22 -0.39 -2.53 -13.85
C VAL A 22 -1.25 -1.27 -14.02
N ARG A 23 -1.93 -1.17 -15.13
CA ARG A 23 -2.79 0.02 -15.37
C ARG A 23 -3.91 0.08 -14.32
N ALA A 24 -4.52 -1.04 -14.07
CA ALA A 24 -5.62 -1.08 -13.05
C ALA A 24 -5.05 -0.78 -11.66
N ARG A 25 -3.96 -1.41 -11.32
CA ARG A 25 -3.34 -1.17 -9.99
C ARG A 25 -2.83 0.26 -9.91
N GLU A 26 -2.29 0.75 -11.00
CA GLU A 26 -1.75 2.14 -11.02
C GLU A 26 -2.88 3.12 -10.72
N LYS A 27 -4.05 2.85 -11.23
CA LYS A 27 -5.21 3.76 -10.98
C LYS A 27 -5.53 3.76 -9.48
N ALA A 28 -5.51 2.61 -8.88
CA ALA A 28 -5.81 2.52 -7.42
C ALA A 28 -4.68 3.16 -6.61
N ILE A 29 -3.45 2.82 -6.94
CA ILE A 29 -2.28 3.40 -6.21
C ILE A 29 -2.20 4.90 -6.49
N GLN A 30 -2.39 5.29 -7.72
CA GLN A 30 -2.31 6.73 -8.09
C GLN A 30 -3.34 7.52 -7.28
N HIS A 31 -4.50 6.95 -7.09
CA HIS A 31 -5.57 7.65 -6.31
C HIS A 31 -5.05 7.94 -4.90
N ALA A 32 -4.36 7.02 -4.31
CA ALA A 32 -3.82 7.25 -2.93
C ALA A 32 -2.85 8.44 -2.95
N ILE A 33 -1.98 8.46 -3.92
CA ILE A 33 -0.99 9.58 -4.03
C ILE A 33 -1.74 10.89 -4.28
N GLU A 34 -2.71 10.85 -5.14
CA GLU A 34 -3.50 12.07 -5.47
C GLU A 34 -4.16 12.62 -4.20
N ARG A 35 -4.67 11.76 -3.37
CA ARG A 35 -5.33 12.21 -2.12
C ARG A 35 -4.30 12.87 -1.20
N PHE A 36 -3.11 12.34 -1.16
CA PHE A 36 -2.04 12.92 -0.30
C PHE A 36 -1.20 13.88 -1.14
N ASN A 37 -1.76 14.35 -2.22
CA ASN A 37 -1.04 15.31 -3.12
C ASN A 37 -0.70 16.58 -2.34
N THR A 38 -1.60 17.06 -1.53
CA THR A 38 -1.34 18.30 -0.75
C THR A 38 -0.73 17.92 0.60
N LYS A 39 -0.79 16.66 0.95
CA LYS A 39 -0.21 16.20 2.25
C LYS A 39 1.16 15.52 2.01
N PRO A 40 2.23 16.05 2.54
CA PRO A 40 3.58 15.44 2.37
C PRO A 40 3.60 13.94 2.69
N ILE A 41 4.48 13.22 2.06
CA ILE A 41 4.56 11.75 2.30
C ILE A 41 4.96 11.48 3.76
N GLN A 42 5.80 12.31 4.30
CA GLN A 42 6.24 12.12 5.71
C GLN A 42 5.09 12.42 6.68
N THR A 43 4.07 13.11 6.23
CA THR A 43 2.93 13.44 7.13
C THR A 43 1.86 12.33 7.05
N ILE A 44 2.11 11.32 6.26
CA ILE A 44 1.12 10.22 6.13
C ILE A 44 1.23 9.28 7.33
N LYS A 45 0.12 8.98 7.96
CA LYS A 45 0.12 8.08 9.15
C LYS A 45 -0.52 6.74 8.80
N LYS A 46 -0.50 5.83 9.74
CA LYS A 46 -1.11 4.48 9.51
C LYS A 46 -2.62 4.63 9.30
N HIS A 47 -3.20 5.64 9.89
CA HIS A 47 -4.68 5.84 9.73
C HIS A 47 -5.01 6.05 8.25
N ASP A 48 -4.27 6.90 7.59
CA ASP A 48 -4.53 7.15 6.15
C ASP A 48 -4.26 5.88 5.34
N TYR A 49 -3.26 5.14 5.73
CA TYR A 49 -2.93 3.88 4.99
C TYR A 49 -4.11 2.91 5.06
N GLN A 50 -4.67 2.75 6.23
CA GLN A 50 -5.83 1.82 6.38
C GLN A 50 -7.02 2.36 5.59
N ARG A 51 -7.19 3.64 5.57
CA ARG A 51 -8.34 4.24 4.84
C ARG A 51 -8.24 3.91 3.36
N PHE A 52 -7.08 4.05 2.80
CA PHE A 52 -6.89 3.74 1.35
C PHE A 52 -7.16 2.26 1.10
N VAL A 53 -6.66 1.40 1.94
CA VAL A 53 -6.86 -0.07 1.76
C VAL A 53 -8.36 -0.39 1.76
N ASP A 54 -9.09 0.16 2.68
CA ASP A 54 -10.55 -0.11 2.76
C ASP A 54 -11.26 0.51 1.54
N ASP A 55 -10.78 1.64 1.10
CA ASP A 55 -11.43 2.33 -0.08
C ASP A 55 -11.30 1.45 -1.32
N ILE A 56 -10.14 0.90 -1.56
CA ILE A 56 -9.94 0.05 -2.77
C ILE A 56 -10.58 -1.33 -2.54
N SER A 57 -10.68 -1.73 -1.30
CA SER A 57 -11.29 -3.05 -0.98
C SER A 57 -12.75 -3.05 -1.39
N ALA A 58 -13.40 -1.92 -1.29
CA ALA A 58 -14.84 -1.84 -1.66
C ALA A 58 -14.98 -1.46 -3.13
N GLN A 59 -13.90 -1.08 -3.77
CA GLN A 59 -13.94 -0.71 -5.22
C GLN A 59 -13.19 -1.76 -6.04
N TYR A 60 -12.39 -2.57 -5.39
CA TYR A 60 -11.63 -3.63 -6.13
C TYR A 60 -11.71 -4.96 -5.38
N SER A 61 -11.48 -6.03 -6.07
CA SER A 61 -11.53 -7.38 -5.45
C SER A 61 -10.34 -7.58 -4.51
N LYS A 62 -10.45 -8.54 -3.63
CA LYS A 62 -9.35 -8.83 -2.67
C LYS A 62 -8.09 -9.21 -3.44
N ASN A 63 -8.25 -9.83 -4.58
CA ASN A 63 -7.07 -10.25 -5.39
C ASN A 63 -6.26 -9.01 -5.80
N TYR A 64 -6.94 -7.99 -6.26
CA TYR A 64 -6.25 -6.74 -6.67
C TYR A 64 -5.71 -6.02 -5.42
N VAL A 65 -6.40 -6.13 -4.33
CA VAL A 65 -5.96 -5.45 -3.08
C VAL A 65 -4.59 -6.00 -2.66
N ASP A 66 -4.43 -7.29 -2.72
CA ASP A 66 -3.13 -7.91 -2.33
C ASP A 66 -1.99 -7.28 -3.14
N SER A 67 -2.16 -7.18 -4.43
CA SER A 67 -1.10 -6.58 -5.28
C SER A 67 -0.90 -5.11 -4.93
N ILE A 68 -1.97 -4.40 -4.73
CA ILE A 68 -1.88 -2.95 -4.38
C ILE A 68 -1.21 -2.78 -3.01
N VAL A 69 -1.59 -3.60 -2.07
CA VAL A 69 -1.00 -3.52 -0.70
C VAL A 69 0.51 -3.80 -0.77
N ALA A 70 0.90 -4.77 -1.53
CA ALA A 70 2.35 -5.12 -1.64
C ALA A 70 3.13 -3.95 -2.23
N SER A 71 2.64 -3.38 -3.30
CA SER A 71 3.35 -2.24 -3.95
C SER A 71 3.34 -1.01 -3.03
N THR A 72 2.23 -0.75 -2.39
CA THR A 72 2.15 0.44 -1.50
C THR A 72 3.29 0.42 -0.48
N ASN A 73 3.47 -0.69 0.19
CA ASN A 73 4.55 -0.79 1.21
C ASN A 73 5.92 -0.63 0.54
N MET A 74 6.06 -1.16 -0.66
CA MET A 74 7.37 -1.05 -1.36
C MET A 74 7.68 0.43 -1.65
N ILE A 75 6.68 1.17 -2.03
CA ILE A 75 6.89 2.62 -2.32
C ILE A 75 7.34 3.34 -1.05
N PHE A 76 6.68 3.07 0.05
CA PHE A 76 7.03 3.73 1.34
C PHE A 76 8.36 3.19 1.85
N LYS A 77 8.56 1.90 1.76
CA LYS A 77 9.83 1.30 2.25
C LYS A 77 10.99 1.79 1.38
N TYR A 78 10.76 1.93 0.11
CA TYR A 78 11.83 2.40 -0.81
C TYR A 78 12.31 3.79 -0.39
N ALA A 79 11.39 4.69 -0.15
CA ALA A 79 11.77 6.07 0.27
C ALA A 79 12.42 6.01 1.66
N TYR A 80 11.91 5.16 2.51
CA TYR A 80 12.47 5.04 3.90
C TYR A 80 13.91 4.51 3.82
N ASP A 81 14.15 3.58 2.95
CA ASP A 81 15.53 3.01 2.80
C ASP A 81 16.50 4.10 2.36
N THR A 82 16.06 4.95 1.47
CA THR A 82 16.93 6.04 0.98
C THR A 82 17.07 7.12 2.06
N ARG A 83 16.45 6.89 3.20
CA ARG A 83 16.51 7.85 4.34
C ARG A 83 15.97 9.21 3.90
N LEU A 84 14.83 9.21 3.24
CA LEU A 84 14.20 10.48 2.79
C LEU A 84 13.12 10.90 3.80
N ILE A 85 12.61 9.95 4.54
CA ILE A 85 11.55 10.28 5.55
C ILE A 85 11.90 9.67 6.91
N LYS A 86 11.48 10.31 7.96
CA LYS A 86 11.77 9.81 9.32
C LYS A 86 10.56 9.03 9.83
N ALA A 87 9.48 9.06 9.08
CA ALA A 87 8.25 8.33 9.50
C ALA A 87 8.36 6.85 9.11
N MET A 88 7.42 6.06 9.58
CA MET A 88 7.45 4.60 9.26
C MET A 88 6.05 4.01 9.45
N PRO A 89 5.08 4.53 8.74
CA PRO A 89 3.67 4.04 8.84
C PRO A 89 3.48 2.65 8.21
N SER A 90 2.53 1.91 8.71
CA SER A 90 2.25 0.53 8.19
C SER A 90 3.19 -0.48 8.86
N GLU A 91 2.78 -0.99 10.00
CA GLU A 91 3.61 -1.99 10.72
C GLU A 91 2.70 -2.95 11.48
N GLY A 92 1.46 -2.57 11.68
CA GLY A 92 0.49 -3.44 12.42
C GLY A 92 -0.88 -3.39 11.71
N ILE A 93 -0.88 -3.63 10.42
CA ILE A 93 -2.15 -3.60 9.64
C ILE A 93 -3.09 -4.71 10.12
N LYS A 94 -2.56 -5.89 10.31
CA LYS A 94 -3.40 -7.04 10.78
C LYS A 94 -2.66 -7.79 11.90
N ARG A 95 -1.36 -7.71 11.90
CA ARG A 95 -0.57 -8.40 12.96
C ARG A 95 0.92 -8.08 12.78
N PRO A 96 1.67 -8.05 13.85
CA PRO A 96 3.13 -7.75 13.80
C PRO A 96 3.93 -8.87 13.14
N LYS A 97 5.03 -8.53 12.53
CA LYS A 97 5.89 -9.54 11.85
C LYS A 97 7.31 -9.46 12.42
N LYS A 98 7.75 -8.27 12.74
CA LYS A 98 9.13 -8.09 13.29
C LYS A 98 9.12 -8.27 14.81
N LYS A 99 8.70 -7.27 15.54
CA LYS A 99 8.68 -7.38 17.03
C LYS A 99 7.36 -7.96 17.51
N VAL A 100 7.41 -8.75 18.54
CA VAL A 100 6.17 -9.38 19.07
C VAL A 100 5.46 -8.41 20.02
N SER A 101 4.19 -8.21 19.81
CA SER A 101 3.41 -7.28 20.68
C SER A 101 2.03 -7.89 20.95
N VAL A 102 1.81 -9.10 20.49
CA VAL A 102 0.50 -9.78 20.73
C VAL A 102 0.45 -10.30 22.16
N GLU A 103 1.51 -10.18 22.88
CA GLU A 103 1.54 -10.66 24.29
C GLU A 103 1.33 -9.46 25.22
N LEU A 104 1.63 -8.28 24.77
CA LEU A 104 1.43 -7.06 25.61
C LEU A 104 0.08 -6.42 25.28
N GLU A 105 -0.81 -6.40 26.24
CA GLU A 105 -2.17 -5.81 26.01
C GLU A 105 -2.13 -4.29 26.28
N HIS A 106 -2.90 -3.55 25.53
CA HIS A 106 -2.94 -2.07 25.70
C HIS A 106 -3.80 -1.70 26.91
N HIS A 107 -3.24 -0.94 27.82
CA HIS A 107 -3.99 -0.52 29.04
C HIS A 107 -4.29 0.98 29.00
N HIS A 108 -5.36 1.37 29.62
CA HIS A 108 -5.75 2.82 29.64
C HIS A 108 -4.88 3.56 30.66
N HIS A 109 -3.69 3.06 30.88
CA HIS A 109 -2.77 3.72 31.86
C HIS A 109 -3.43 3.79 33.24
N HIS A 110 -4.51 3.08 33.41
CA HIS A 110 -5.22 3.09 34.73
C HIS A 110 -5.54 1.65 35.15
N HIS A 111 -4.91 1.19 36.20
CA HIS A 111 -5.16 -0.19 36.69
C HIS A 111 -6.33 -0.19 37.68
N THR A 1 9.36 14.54 -2.31
CA THR A 1 9.14 14.07 -3.71
C THR A 1 8.47 12.68 -3.66
N PHE A 2 7.43 12.56 -2.91
CA PHE A 2 6.71 11.25 -2.80
C PHE A 2 6.17 10.85 -4.17
N LYS A 3 5.59 11.79 -4.87
CA LYS A 3 5.01 11.49 -6.22
C LYS A 3 6.12 10.99 -7.15
N GLN A 4 7.25 11.64 -7.14
CA GLN A 4 8.36 11.21 -8.03
C GLN A 4 8.87 9.84 -7.59
N VAL A 5 9.02 9.63 -6.31
CA VAL A 5 9.52 8.31 -5.82
C VAL A 5 8.50 7.22 -6.17
N ALA A 6 7.25 7.48 -5.90
CA ALA A 6 6.20 6.46 -6.20
C ALA A 6 6.07 6.29 -7.72
N ASP A 7 6.16 7.38 -8.45
CA ASP A 7 6.05 7.31 -9.93
C ASP A 7 7.22 6.52 -10.50
N ASP A 8 8.41 6.75 -9.98
CA ASP A 8 9.61 6.02 -10.48
C ASP A 8 9.45 4.53 -10.21
N TRP A 9 8.97 4.18 -9.04
CA TRP A 9 8.78 2.74 -8.70
C TRP A 9 7.74 2.13 -9.64
N LEU A 10 6.72 2.86 -9.95
CA LEU A 10 5.65 2.33 -10.84
C LEU A 10 6.22 1.99 -12.22
N LYS A 11 7.03 2.88 -12.74
CA LYS A 11 7.62 2.64 -14.08
C LYS A 11 8.51 1.40 -14.04
N GLN A 12 9.33 1.29 -13.05
CA GLN A 12 10.23 0.10 -12.92
C GLN A 12 9.38 -1.15 -12.63
N TYR A 13 8.41 -1.01 -11.78
CA TYR A 13 7.54 -2.18 -11.43
C TYR A 13 6.67 -2.54 -12.64
N ALA A 14 6.57 -1.66 -13.59
CA ALA A 14 5.75 -1.94 -14.80
C ALA A 14 6.40 -3.07 -15.61
N ASN A 15 7.57 -3.48 -15.21
CA ASN A 15 8.29 -4.57 -15.95
C ASN A 15 7.95 -5.94 -15.36
N ASP A 16 7.99 -6.95 -16.19
CA ASP A 16 7.68 -8.34 -15.73
C ASP A 16 6.24 -8.42 -15.25
N VAL A 17 5.40 -7.52 -15.71
CA VAL A 17 3.96 -7.53 -15.30
C VAL A 17 3.07 -7.29 -16.52
N LYS A 18 1.83 -7.67 -16.42
CA LYS A 18 0.89 -7.50 -17.56
C LYS A 18 0.44 -6.03 -17.65
N VAL A 19 0.18 -5.58 -18.84
CA VAL A 19 -0.26 -4.17 -19.06
C VAL A 19 -1.58 -3.93 -18.31
N SER A 20 -2.50 -4.85 -18.40
CA SER A 20 -3.80 -4.68 -17.70
C SER A 20 -3.57 -4.59 -16.19
N SER A 21 -2.74 -5.44 -15.66
CA SER A 21 -2.45 -5.41 -14.20
C SER A 21 -1.82 -4.07 -13.82
N VAL A 22 -0.91 -3.59 -14.64
CA VAL A 22 -0.26 -2.28 -14.35
C VAL A 22 -1.30 -1.17 -14.41
N ARG A 23 -2.14 -1.20 -15.42
CA ARG A 23 -3.18 -0.14 -15.56
C ARG A 23 -4.11 -0.16 -14.35
N ALA A 24 -4.55 -1.32 -13.96
CA ALA A 24 -5.46 -1.43 -12.79
C ALA A 24 -4.69 -1.15 -11.50
N ARG A 25 -3.48 -1.64 -11.40
CA ARG A 25 -2.67 -1.41 -10.18
C ARG A 25 -2.32 0.08 -10.06
N GLU A 26 -1.95 0.69 -11.16
CA GLU A 26 -1.57 2.12 -11.13
C GLU A 26 -2.81 2.97 -10.78
N LYS A 27 -3.95 2.56 -11.25
CA LYS A 27 -5.19 3.33 -10.95
C LYS A 27 -5.45 3.35 -9.45
N ALA A 28 -5.33 2.23 -8.80
CA ALA A 28 -5.57 2.17 -7.34
C ALA A 28 -4.48 2.96 -6.59
N ILE A 29 -3.24 2.70 -6.90
CA ILE A 29 -2.13 3.41 -6.20
C ILE A 29 -2.15 4.90 -6.57
N GLN A 30 -2.35 5.21 -7.83
CA GLN A 30 -2.38 6.63 -8.27
C GLN A 30 -3.50 7.36 -7.53
N HIS A 31 -4.55 6.67 -7.21
CA HIS A 31 -5.68 7.30 -6.48
C HIS A 31 -5.16 7.89 -5.17
N ALA A 32 -4.35 7.16 -4.46
CA ALA A 32 -3.81 7.66 -3.16
C ALA A 32 -2.85 8.83 -3.41
N ILE A 33 -2.05 8.73 -4.43
CA ILE A 33 -1.08 9.83 -4.74
C ILE A 33 -1.85 11.10 -5.11
N GLU A 34 -2.87 10.97 -5.89
CA GLU A 34 -3.66 12.18 -6.30
C GLU A 34 -4.23 12.89 -5.08
N ARG A 35 -4.90 12.16 -4.23
CA ARG A 35 -5.51 12.78 -3.01
C ARG A 35 -4.42 13.28 -2.06
N PHE A 36 -3.35 12.54 -1.93
CA PHE A 36 -2.25 12.94 -1.00
C PHE A 36 -1.10 13.58 -1.81
N ASN A 37 -1.39 14.05 -3.00
CA ASN A 37 -0.34 14.68 -3.86
C ASN A 37 0.28 15.90 -3.15
N THR A 38 -0.52 16.69 -2.48
CA THR A 38 0.04 17.89 -1.78
C THR A 38 0.42 17.53 -0.35
N LYS A 39 0.24 16.28 0.03
CA LYS A 39 0.60 15.85 1.41
C LYS A 39 1.83 14.93 1.37
N PRO A 40 2.99 15.42 1.71
CA PRO A 40 4.24 14.60 1.71
C PRO A 40 4.11 13.28 2.48
N ILE A 41 4.88 12.30 2.10
CA ILE A 41 4.83 10.97 2.77
C ILE A 41 5.00 11.12 4.28
N GLN A 42 5.79 12.07 4.71
CA GLN A 42 6.02 12.27 6.17
C GLN A 42 4.73 12.67 6.89
N THR A 43 3.77 13.20 6.17
CA THR A 43 2.49 13.62 6.83
C THR A 43 1.47 12.49 6.79
N ILE A 44 1.80 11.39 6.17
CA ILE A 44 0.85 10.25 6.10
C ILE A 44 0.85 9.48 7.41
N LYS A 45 -0.30 9.26 7.98
CA LYS A 45 -0.41 8.52 9.27
C LYS A 45 -0.93 7.10 9.02
N LYS A 46 -0.82 6.26 10.02
CA LYS A 46 -1.29 4.85 9.87
C LYS A 46 -2.82 4.85 9.64
N HIS A 47 -3.52 5.77 10.22
CA HIS A 47 -4.99 5.82 10.03
C HIS A 47 -5.31 6.04 8.56
N ASP A 48 -4.61 6.95 7.94
CA ASP A 48 -4.84 7.23 6.49
C ASP A 48 -4.50 6.00 5.66
N TYR A 49 -3.46 5.30 6.03
CA TYR A 49 -3.07 4.07 5.27
C TYR A 49 -4.20 3.04 5.30
N GLN A 50 -4.79 2.84 6.44
CA GLN A 50 -5.91 1.84 6.53
C GLN A 50 -7.09 2.31 5.67
N ARG A 51 -7.33 3.59 5.66
CA ARG A 51 -8.46 4.14 4.86
C ARG A 51 -8.24 3.81 3.38
N PHE A 52 -7.03 3.96 2.92
CA PHE A 52 -6.72 3.66 1.49
C PHE A 52 -7.03 2.20 1.19
N VAL A 53 -6.64 1.31 2.06
CA VAL A 53 -6.89 -0.14 1.82
C VAL A 53 -8.40 -0.40 1.70
N ASP A 54 -9.18 0.16 2.57
CA ASP A 54 -10.65 -0.04 2.51
C ASP A 54 -11.20 0.64 1.24
N ASP A 55 -10.64 1.76 0.89
CA ASP A 55 -11.12 2.50 -0.32
C ASP A 55 -10.97 1.64 -1.57
N ILE A 56 -9.83 1.02 -1.73
CA ILE A 56 -9.60 0.17 -2.94
C ILE A 56 -10.37 -1.15 -2.81
N SER A 57 -10.64 -1.57 -1.61
CA SER A 57 -11.39 -2.84 -1.41
C SER A 57 -12.78 -2.72 -2.03
N ALA A 58 -13.42 -1.60 -1.85
CA ALA A 58 -14.78 -1.40 -2.41
C ALA A 58 -14.68 -1.12 -3.92
N GLN A 59 -13.49 -0.89 -4.40
CA GLN A 59 -13.30 -0.61 -5.87
C GLN A 59 -12.57 -1.78 -6.52
N TYR A 60 -11.95 -2.62 -5.72
CA TYR A 60 -11.21 -3.79 -6.30
C TYR A 60 -11.50 -5.06 -5.49
N SER A 61 -11.28 -6.20 -6.10
CA SER A 61 -11.53 -7.50 -5.41
C SER A 61 -10.50 -7.73 -4.31
N LYS A 62 -10.80 -8.60 -3.40
CA LYS A 62 -9.85 -8.90 -2.28
C LYS A 62 -8.52 -9.41 -2.85
N ASN A 63 -8.59 -10.21 -3.87
CA ASN A 63 -7.33 -10.74 -4.47
C ASN A 63 -6.50 -9.58 -5.04
N TYR A 64 -7.15 -8.64 -5.66
CA TYR A 64 -6.43 -7.46 -6.24
C TYR A 64 -5.90 -6.57 -5.10
N VAL A 65 -6.63 -6.52 -4.02
CA VAL A 65 -6.21 -5.67 -2.86
C VAL A 65 -4.86 -6.15 -2.32
N ASP A 66 -4.71 -7.44 -2.17
CA ASP A 66 -3.44 -7.99 -1.62
C ASP A 66 -2.25 -7.50 -2.47
N SER A 67 -2.36 -7.61 -3.76
CA SER A 67 -1.26 -7.15 -4.65
C SER A 67 -1.07 -5.64 -4.51
N ILE A 68 -2.14 -4.90 -4.47
CA ILE A 68 -2.04 -3.42 -4.33
C ILE A 68 -1.41 -3.07 -2.98
N VAL A 69 -1.82 -3.75 -1.94
CA VAL A 69 -1.26 -3.46 -0.60
C VAL A 69 0.25 -3.69 -0.60
N ALA A 70 0.69 -4.77 -1.18
CA ALA A 70 2.15 -5.06 -1.23
C ALA A 70 2.86 -3.97 -2.02
N SER A 71 2.27 -3.55 -3.11
CA SER A 71 2.90 -2.48 -3.94
C SER A 71 2.98 -1.17 -3.15
N THR A 72 1.91 -0.82 -2.48
CA THR A 72 1.92 0.45 -1.69
C THR A 72 2.95 0.34 -0.55
N ASN A 73 2.95 -0.76 0.13
CA ASN A 73 3.92 -0.94 1.25
C ASN A 73 5.35 -0.92 0.70
N MET A 74 5.54 -1.52 -0.45
CA MET A 74 6.91 -1.56 -1.06
C MET A 74 7.39 -0.14 -1.33
N ILE A 75 6.52 0.72 -1.80
CA ILE A 75 6.93 2.11 -2.10
C ILE A 75 7.37 2.81 -0.81
N PHE A 76 6.63 2.63 0.24
CA PHE A 76 6.99 3.28 1.54
C PHE A 76 8.34 2.74 2.00
N LYS A 77 8.54 1.46 1.89
CA LYS A 77 9.84 0.85 2.32
C LYS A 77 10.96 1.40 1.43
N TYR A 78 10.69 1.56 0.17
CA TYR A 78 11.73 2.09 -0.76
C TYR A 78 12.15 3.50 -0.32
N ALA A 79 11.21 4.32 0.00
CA ALA A 79 11.52 5.72 0.44
C ALA A 79 12.32 5.67 1.75
N TYR A 80 11.99 4.74 2.59
CA TYR A 80 12.70 4.61 3.90
C TYR A 80 14.18 4.32 3.64
N ASP A 81 14.45 3.44 2.71
CA ASP A 81 15.87 3.10 2.39
C ASP A 81 16.59 4.35 1.86
N THR A 82 15.91 5.14 1.09
CA THR A 82 16.53 6.36 0.52
C THR A 82 16.76 7.39 1.65
N ARG A 83 16.49 7.00 2.87
CA ARG A 83 16.68 7.91 4.03
C ARG A 83 15.85 9.18 3.84
N LEU A 84 14.60 9.02 3.44
CA LEU A 84 13.70 10.18 3.23
C LEU A 84 12.79 10.35 4.43
N ILE A 85 12.53 9.28 5.14
CA ILE A 85 11.63 9.36 6.34
C ILE A 85 12.22 8.56 7.50
N LYS A 86 12.05 9.05 8.70
CA LYS A 86 12.59 8.35 9.90
C LYS A 86 11.46 7.54 10.55
N ALA A 87 10.24 7.74 10.09
CA ALA A 87 9.09 7.00 10.67
C ALA A 87 8.89 5.68 9.92
N MET A 88 7.98 4.86 10.40
CA MET A 88 7.73 3.54 9.74
C MET A 88 6.22 3.30 9.67
N PRO A 89 5.54 3.96 8.77
CA PRO A 89 4.07 3.81 8.59
C PRO A 89 3.67 2.37 8.23
N SER A 90 2.52 1.96 8.70
CA SER A 90 2.04 0.58 8.40
C SER A 90 2.90 -0.46 9.12
N GLU A 91 2.83 -1.68 8.66
CA GLU A 91 3.62 -2.79 9.28
C GLU A 91 3.06 -3.09 10.67
N GLY A 92 2.69 -2.07 11.39
CA GLY A 92 2.13 -2.27 12.76
C GLY A 92 0.66 -2.67 12.65
N ILE A 93 0.13 -2.69 11.45
CA ILE A 93 -1.31 -3.06 11.26
C ILE A 93 -1.40 -4.52 10.83
N LYS A 94 -1.88 -5.37 11.70
CA LYS A 94 -2.03 -6.81 11.37
C LYS A 94 -3.23 -7.37 12.13
N ARG A 95 -4.02 -6.50 12.71
CA ARG A 95 -5.22 -6.96 13.47
C ARG A 95 -6.28 -5.85 13.44
N PRO A 96 -6.96 -5.70 12.34
CA PRO A 96 -8.03 -4.65 12.18
C PRO A 96 -9.15 -4.82 13.22
N LYS A 97 -9.69 -3.73 13.67
CA LYS A 97 -10.78 -3.79 14.69
C LYS A 97 -12.14 -3.73 14.01
N LYS A 98 -13.17 -3.60 14.80
CA LYS A 98 -14.55 -3.54 14.25
C LYS A 98 -14.75 -2.25 13.47
N LYS A 99 -15.00 -1.17 14.17
CA LYS A 99 -15.23 0.14 13.50
C LYS A 99 -16.54 0.09 12.72
N VAL A 100 -17.36 -0.88 13.02
CA VAL A 100 -18.67 -1.01 12.31
C VAL A 100 -19.71 -0.11 12.99
N SER A 101 -20.37 0.72 12.21
CA SER A 101 -21.41 1.63 12.76
C SER A 101 -22.75 1.36 12.04
N VAL A 102 -22.73 0.45 11.10
CA VAL A 102 -23.98 0.10 10.35
C VAL A 102 -24.54 1.34 9.63
N GLU A 103 -24.88 1.17 8.39
CA GLU A 103 -25.44 2.31 7.59
C GLU A 103 -24.41 3.45 7.55
N LEU A 104 -23.26 3.17 7.00
CA LEU A 104 -22.19 4.20 6.89
C LEU A 104 -21.87 4.78 8.27
N GLU A 105 -20.71 5.39 8.40
CA GLU A 105 -20.30 5.99 9.70
C GLU A 105 -20.84 7.42 9.80
N HIS A 106 -21.66 7.66 10.79
CA HIS A 106 -22.23 9.02 10.98
C HIS A 106 -22.70 9.64 9.67
N HIS A 107 -23.06 10.90 9.71
CA HIS A 107 -23.54 11.60 8.48
C HIS A 107 -24.61 10.76 7.78
N HIS A 108 -25.77 10.66 8.37
CA HIS A 108 -26.86 9.87 7.75
C HIS A 108 -27.31 10.54 6.44
N HIS A 109 -27.50 11.83 6.46
CA HIS A 109 -27.92 12.54 5.21
C HIS A 109 -27.93 14.06 5.48
N HIS A 110 -26.78 14.68 5.42
CA HIS A 110 -26.69 16.15 5.66
C HIS A 110 -27.39 16.89 4.51
N HIS A 111 -27.17 16.47 3.30
CA HIS A 111 -27.82 17.14 2.13
C HIS A 111 -27.79 16.21 0.92
N THR A 1 7.89 15.37 -5.88
CA THR A 1 8.94 14.46 -5.33
C THR A 1 8.31 13.10 -5.00
N PHE A 2 7.30 13.09 -4.19
CA PHE A 2 6.64 11.81 -3.81
C PHE A 2 6.05 11.13 -5.06
N LYS A 3 5.38 11.87 -5.90
CA LYS A 3 4.78 11.26 -7.12
C LYS A 3 5.88 10.71 -8.02
N GLN A 4 6.97 11.41 -8.16
CA GLN A 4 8.08 10.94 -9.03
C GLN A 4 8.64 9.62 -8.47
N VAL A 5 8.78 9.53 -7.18
CA VAL A 5 9.34 8.28 -6.58
C VAL A 5 8.38 7.12 -6.87
N ALA A 6 7.11 7.33 -6.67
CA ALA A 6 6.12 6.25 -6.92
C ALA A 6 6.10 5.91 -8.42
N ASP A 7 6.16 6.91 -9.25
CA ASP A 7 6.15 6.68 -10.72
C ASP A 7 7.42 5.92 -11.14
N ASP A 8 8.52 6.24 -10.51
CA ASP A 8 9.80 5.54 -10.85
C ASP A 8 9.67 4.05 -10.54
N TRP A 9 9.11 3.73 -9.42
CA TRP A 9 8.95 2.30 -9.04
C TRP A 9 8.06 1.59 -10.06
N LEU A 10 7.04 2.27 -10.53
CA LEU A 10 6.12 1.65 -11.52
C LEU A 10 6.89 1.30 -12.80
N LYS A 11 7.76 2.17 -13.22
CA LYS A 11 8.54 1.89 -14.46
C LYS A 11 9.41 0.65 -14.24
N GLN A 12 10.05 0.56 -13.12
CA GLN A 12 10.92 -0.63 -12.83
C GLN A 12 10.04 -1.86 -12.59
N TYR A 13 8.96 -1.69 -11.87
CA TYR A 13 8.06 -2.83 -11.59
C TYR A 13 7.33 -3.23 -12.87
N ALA A 14 7.42 -2.40 -13.89
CA ALA A 14 6.74 -2.73 -15.17
C ALA A 14 7.37 -3.98 -15.79
N ASN A 15 8.44 -4.47 -15.21
CA ASN A 15 9.10 -5.68 -15.78
C ASN A 15 8.60 -6.95 -15.06
N ASP A 16 8.59 -8.05 -15.77
CA ASP A 16 8.12 -9.34 -15.16
C ASP A 16 6.65 -9.22 -14.77
N VAL A 17 5.91 -8.36 -15.42
CA VAL A 17 4.46 -8.20 -15.09
C VAL A 17 3.67 -7.94 -16.36
N LYS A 18 2.41 -8.31 -16.36
CA LYS A 18 1.57 -8.09 -17.56
C LYS A 18 1.21 -6.61 -17.70
N VAL A 19 0.98 -6.17 -18.91
CA VAL A 19 0.62 -4.74 -19.15
C VAL A 19 -0.72 -4.42 -18.48
N SER A 20 -1.69 -5.29 -18.61
CA SER A 20 -3.02 -5.02 -18.01
C SER A 20 -2.88 -4.86 -16.50
N SER A 21 -2.12 -5.70 -15.86
CA SER A 21 -1.93 -5.60 -14.39
C SER A 21 -1.31 -4.25 -14.04
N VAL A 22 -0.35 -3.82 -14.82
CA VAL A 22 0.31 -2.51 -14.55
C VAL A 22 -0.70 -1.38 -14.70
N ARG A 23 -1.51 -1.42 -15.73
CA ARG A 23 -2.51 -0.34 -15.95
C ARG A 23 -3.47 -0.27 -14.76
N ALA A 24 -3.97 -1.40 -14.32
CA ALA A 24 -4.91 -1.41 -13.18
C ALA A 24 -4.19 -0.91 -11.93
N ARG A 25 -2.98 -1.36 -11.74
CA ARG A 25 -2.21 -0.92 -10.55
C ARG A 25 -1.95 0.59 -10.65
N GLU A 26 -1.49 1.04 -11.79
CA GLU A 26 -1.21 2.49 -11.97
C GLU A 26 -2.36 3.32 -11.40
N LYS A 27 -3.57 2.95 -11.70
CA LYS A 27 -4.73 3.70 -11.17
C LYS A 27 -4.79 3.56 -9.65
N ALA A 28 -4.44 2.42 -9.14
CA ALA A 28 -4.50 2.18 -7.66
C ALA A 28 -3.68 3.23 -6.90
N ILE A 29 -2.41 3.34 -7.20
CA ILE A 29 -1.54 4.33 -6.49
C ILE A 29 -1.88 5.75 -6.94
N GLN A 30 -2.08 5.95 -8.21
CA GLN A 30 -2.40 7.32 -8.71
C GLN A 30 -3.59 7.88 -7.94
N HIS A 31 -4.58 7.06 -7.68
CA HIS A 31 -5.75 7.53 -6.91
C HIS A 31 -5.33 7.86 -5.49
N ALA A 32 -4.46 7.06 -4.91
CA ALA A 32 -4.00 7.31 -3.53
C ALA A 32 -3.26 8.65 -3.45
N ILE A 33 -2.38 8.89 -4.39
CA ILE A 33 -1.61 10.17 -4.37
C ILE A 33 -2.56 11.36 -4.48
N GLU A 34 -3.51 11.30 -5.36
CA GLU A 34 -4.47 12.44 -5.51
C GLU A 34 -5.12 12.77 -4.17
N ARG A 35 -5.51 11.77 -3.42
CA ARG A 35 -6.19 12.02 -2.12
C ARG A 35 -5.26 12.79 -1.17
N PHE A 36 -4.03 12.38 -1.06
CA PHE A 36 -3.08 13.07 -0.14
C PHE A 36 -2.06 13.87 -0.96
N ASN A 37 -2.41 14.18 -2.18
CA ASN A 37 -1.49 14.98 -3.06
C ASN A 37 -1.22 16.34 -2.43
N THR A 38 -2.22 16.98 -1.90
CA THR A 38 -2.01 18.31 -1.28
C THR A 38 -1.15 18.16 -0.03
N LYS A 39 -1.28 17.06 0.68
CA LYS A 39 -0.48 16.86 1.91
C LYS A 39 0.83 16.12 1.57
N PRO A 40 1.89 16.38 2.30
CA PRO A 40 3.20 15.71 2.06
C PRO A 40 3.18 14.21 2.39
N ILE A 41 4.07 13.46 1.80
CA ILE A 41 4.13 11.99 2.06
C ILE A 41 4.56 11.74 3.50
N GLN A 42 5.25 12.68 4.09
CA GLN A 42 5.73 12.52 5.50
C GLN A 42 4.54 12.35 6.44
N THR A 43 3.47 13.06 6.21
CA THR A 43 2.30 12.97 7.12
C THR A 43 1.66 11.58 7.00
N ILE A 44 2.21 10.71 6.20
CA ILE A 44 1.61 9.36 6.05
C ILE A 44 1.94 8.50 7.25
N LYS A 45 0.94 7.88 7.84
CA LYS A 45 1.16 7.04 9.03
C LYS A 45 0.35 5.75 8.92
N LYS A 46 0.24 5.03 10.00
CA LYS A 46 -0.53 3.75 10.00
C LYS A 46 -2.01 4.04 9.71
N HIS A 47 -2.54 5.07 10.32
CA HIS A 47 -3.98 5.40 10.10
C HIS A 47 -4.23 5.72 8.62
N ASP A 48 -3.40 6.55 8.04
CA ASP A 48 -3.59 6.91 6.61
C ASP A 48 -3.35 5.67 5.74
N TYR A 49 -2.39 4.87 6.11
CA TYR A 49 -2.10 3.65 5.30
C TYR A 49 -3.32 2.72 5.33
N GLN A 50 -3.87 2.51 6.49
CA GLN A 50 -5.07 1.63 6.60
C GLN A 50 -6.24 2.30 5.89
N ARG A 51 -6.32 3.59 5.97
CA ARG A 51 -7.44 4.33 5.32
C ARG A 51 -7.42 4.05 3.81
N PHE A 52 -6.27 4.09 3.21
CA PHE A 52 -6.16 3.83 1.74
C PHE A 52 -6.58 2.39 1.44
N VAL A 53 -6.15 1.45 2.23
CA VAL A 53 -6.50 0.03 1.97
C VAL A 53 -8.02 -0.14 2.02
N ASP A 54 -8.65 0.43 3.01
CA ASP A 54 -10.14 0.33 3.12
C ASP A 54 -10.79 1.06 1.95
N ASP A 55 -10.22 2.16 1.53
CA ASP A 55 -10.81 2.94 0.40
C ASP A 55 -10.84 2.09 -0.88
N ILE A 56 -9.75 1.43 -1.19
CA ILE A 56 -9.72 0.60 -2.42
C ILE A 56 -10.51 -0.69 -2.21
N SER A 57 -10.66 -1.11 -0.98
CA SER A 57 -11.41 -2.37 -0.71
C SER A 57 -12.86 -2.22 -1.15
N ALA A 58 -13.46 -1.08 -0.90
CA ALA A 58 -14.87 -0.87 -1.30
C ALA A 58 -14.94 -0.59 -2.80
N GLN A 59 -13.81 -0.36 -3.42
CA GLN A 59 -13.77 -0.07 -4.89
C GLN A 59 -13.16 -1.27 -5.61
N TYR A 60 -12.48 -2.12 -4.89
CA TYR A 60 -11.84 -3.33 -5.53
C TYR A 60 -12.04 -4.56 -4.66
N SER A 61 -11.92 -5.73 -5.25
CA SER A 61 -12.11 -6.99 -4.48
C SER A 61 -10.94 -7.24 -3.53
N LYS A 62 -11.10 -8.16 -2.62
CA LYS A 62 -10.01 -8.49 -1.65
C LYS A 62 -8.79 -9.02 -2.39
N ASN A 63 -8.99 -9.75 -3.46
CA ASN A 63 -7.83 -10.30 -4.22
C ASN A 63 -6.98 -9.16 -4.75
N TYR A 64 -7.60 -8.14 -5.26
CA TYR A 64 -6.85 -6.96 -5.79
C TYR A 64 -6.21 -6.20 -4.62
N VAL A 65 -6.89 -6.14 -3.52
CA VAL A 65 -6.36 -5.41 -2.34
C VAL A 65 -5.02 -6.02 -1.92
N ASP A 66 -4.94 -7.32 -1.89
CA ASP A 66 -3.67 -7.99 -1.49
C ASP A 66 -2.54 -7.56 -2.42
N SER A 67 -2.78 -7.59 -3.72
CA SER A 67 -1.71 -7.19 -4.68
C SER A 67 -1.43 -5.69 -4.55
N ILE A 68 -2.45 -4.89 -4.40
CA ILE A 68 -2.27 -3.42 -4.26
C ILE A 68 -1.51 -3.12 -2.97
N VAL A 69 -1.84 -3.80 -1.91
CA VAL A 69 -1.14 -3.55 -0.61
C VAL A 69 0.35 -3.83 -0.79
N ALA A 70 0.69 -4.91 -1.43
CA ALA A 70 2.12 -5.26 -1.61
C ALA A 70 2.82 -4.16 -2.43
N SER A 71 2.27 -3.82 -3.57
CA SER A 71 2.89 -2.76 -4.42
C SER A 71 2.87 -1.42 -3.70
N THR A 72 1.75 -1.07 -3.11
CA THR A 72 1.65 0.23 -2.40
C THR A 72 2.63 0.25 -1.23
N ASN A 73 2.69 -0.81 -0.48
CA ASN A 73 3.62 -0.87 0.68
C ASN A 73 5.06 -0.75 0.19
N MET A 74 5.36 -1.33 -0.94
CA MET A 74 6.74 -1.26 -1.48
C MET A 74 7.13 0.20 -1.74
N ILE A 75 6.24 0.98 -2.26
CA ILE A 75 6.58 2.41 -2.55
C ILE A 75 6.87 3.14 -1.24
N PHE A 76 6.05 2.93 -0.24
CA PHE A 76 6.27 3.60 1.06
C PHE A 76 7.54 3.04 1.71
N LYS A 77 7.73 1.75 1.62
CA LYS A 77 8.94 1.11 2.22
C LYS A 77 10.18 1.61 1.48
N TYR A 78 10.07 1.77 0.19
CA TYR A 78 11.23 2.25 -0.61
C TYR A 78 11.67 3.62 -0.11
N ALA A 79 10.74 4.51 0.10
CA ALA A 79 11.09 5.87 0.60
C ALA A 79 11.73 5.76 1.98
N TYR A 80 11.27 4.85 2.80
CA TYR A 80 11.85 4.69 4.15
C TYR A 80 13.33 4.32 4.04
N ASP A 81 13.65 3.41 3.16
CA ASP A 81 15.07 2.99 2.99
C ASP A 81 15.91 4.19 2.56
N THR A 82 15.37 5.03 1.73
CA THR A 82 16.13 6.22 1.26
C THR A 82 16.23 7.23 2.40
N ARG A 83 15.75 6.86 3.57
CA ARG A 83 15.79 7.77 4.76
C ARG A 83 14.93 9.00 4.52
N LEU A 84 14.08 8.94 3.53
CA LEU A 84 13.19 10.10 3.24
C LEU A 84 12.24 10.31 4.43
N ILE A 85 11.71 9.24 4.95
CA ILE A 85 10.76 9.33 6.10
C ILE A 85 11.22 8.46 7.26
N LYS A 86 10.67 8.69 8.42
CA LYS A 86 11.06 7.88 9.61
C LYS A 86 9.88 7.84 10.59
N ALA A 87 8.78 7.27 10.16
CA ALA A 87 7.58 7.18 11.04
C ALA A 87 6.97 5.79 10.89
N MET A 88 7.62 4.93 10.14
CA MET A 88 7.10 3.55 9.95
C MET A 88 5.59 3.58 9.64
N PRO A 89 5.24 4.00 8.45
CA PRO A 89 3.81 4.05 8.02
C PRO A 89 3.28 2.67 7.68
N SER A 90 4.16 1.70 7.59
CA SER A 90 3.73 0.31 7.27
C SER A 90 4.50 -0.68 8.15
N GLU A 91 3.91 -1.05 9.26
CA GLU A 91 4.57 -2.01 10.18
C GLU A 91 4.19 -3.43 9.75
N GLY A 92 3.33 -3.52 8.75
CA GLY A 92 2.89 -4.85 8.25
C GLY A 92 1.56 -5.22 8.90
N ILE A 93 0.47 -4.79 8.31
CA ILE A 93 -0.87 -5.10 8.88
C ILE A 93 -1.39 -6.41 8.27
N LYS A 94 -0.62 -7.05 7.44
CA LYS A 94 -1.05 -8.33 6.83
C LYS A 94 0.12 -9.00 6.12
N ARG A 95 0.97 -9.67 6.86
CA ARG A 95 2.14 -10.36 6.24
C ARG A 95 2.85 -11.21 7.29
N PRO A 96 2.16 -12.16 7.87
CA PRO A 96 2.74 -13.06 8.91
C PRO A 96 3.66 -14.14 8.31
N LYS A 97 3.10 -15.26 7.95
CA LYS A 97 3.93 -16.35 7.37
C LYS A 97 4.00 -16.22 5.85
N LYS A 98 4.89 -16.97 5.23
CA LYS A 98 5.04 -16.90 3.76
C LYS A 98 4.12 -17.96 3.12
N LYS A 99 3.50 -18.78 3.92
CA LYS A 99 2.60 -19.84 3.37
C LYS A 99 1.21 -19.28 3.10
N VAL A 100 0.53 -19.81 2.11
CA VAL A 100 -0.84 -19.33 1.76
C VAL A 100 -1.86 -20.00 2.68
N SER A 101 -1.42 -20.90 3.53
CA SER A 101 -2.38 -21.59 4.45
C SER A 101 -1.60 -22.30 5.56
N VAL A 102 -1.96 -22.06 6.80
CA VAL A 102 -1.25 -22.71 7.93
C VAL A 102 -1.90 -24.05 8.27
N GLU A 103 -1.11 -25.09 8.39
CA GLU A 103 -1.63 -26.44 8.74
C GLU A 103 -0.98 -26.91 10.04
N LEU A 104 0.09 -26.28 10.43
CA LEU A 104 0.78 -26.70 11.69
C LEU A 104 0.06 -26.10 12.90
N GLU A 105 -0.24 -26.91 13.87
CA GLU A 105 -0.94 -26.41 15.10
C GLU A 105 -0.38 -27.15 16.30
N HIS A 106 -0.34 -28.45 16.26
CA HIS A 106 0.20 -29.18 17.44
C HIS A 106 0.78 -30.54 17.05
N HIS A 107 1.47 -31.11 17.99
CA HIS A 107 2.12 -32.42 17.80
C HIS A 107 1.10 -33.56 17.94
N HIS A 108 1.29 -34.62 17.21
CA HIS A 108 0.36 -35.77 17.28
C HIS A 108 0.79 -36.73 18.39
N HIS A 109 -0.10 -36.99 19.31
CA HIS A 109 0.23 -37.93 20.42
C HIS A 109 0.07 -39.37 19.93
N HIS A 110 -0.59 -39.54 18.81
CA HIS A 110 -0.79 -40.92 18.26
C HIS A 110 -1.30 -41.85 19.35
N HIS A 111 -0.43 -42.56 20.00
CA HIS A 111 -0.85 -43.50 21.07
C HIS A 111 0.38 -44.05 21.78
N THR A 1 6.67 15.84 -4.95
CA THR A 1 7.51 14.94 -5.79
C THR A 1 7.19 13.49 -5.44
N PHE A 2 6.19 13.27 -4.61
CA PHE A 2 5.83 11.87 -4.23
C PHE A 2 5.34 11.11 -5.48
N LYS A 3 4.61 11.78 -6.33
CA LYS A 3 4.06 11.12 -7.53
C LYS A 3 5.22 10.58 -8.39
N GLN A 4 6.27 11.32 -8.51
CA GLN A 4 7.42 10.85 -9.34
C GLN A 4 8.02 9.59 -8.70
N VAL A 5 8.24 9.63 -7.41
CA VAL A 5 8.83 8.45 -6.72
C VAL A 5 7.85 7.27 -6.79
N ALA A 6 6.60 7.51 -6.51
CA ALA A 6 5.60 6.42 -6.57
C ALA A 6 5.45 5.94 -8.01
N ASP A 7 5.43 6.86 -8.94
CA ASP A 7 5.29 6.48 -10.38
C ASP A 7 6.52 5.66 -10.79
N ASP A 8 7.66 5.99 -10.26
CA ASP A 8 8.90 5.25 -10.61
C ASP A 8 8.76 3.78 -10.18
N TRP A 9 8.24 3.53 -9.01
CA TRP A 9 8.10 2.13 -8.54
C TRP A 9 7.15 1.37 -9.49
N LEU A 10 6.01 1.94 -9.76
CA LEU A 10 5.04 1.26 -10.69
C LEU A 10 5.65 1.18 -12.09
N LYS A 11 6.29 2.24 -12.52
CA LYS A 11 6.90 2.23 -13.87
C LYS A 11 7.99 1.16 -13.94
N GLN A 12 8.83 1.10 -12.94
CA GLN A 12 9.91 0.09 -12.93
C GLN A 12 9.30 -1.31 -12.80
N TYR A 13 8.29 -1.45 -11.98
CA TYR A 13 7.63 -2.76 -11.79
C TYR A 13 6.82 -3.10 -13.04
N ALA A 14 6.63 -2.14 -13.90
CA ALA A 14 5.85 -2.38 -15.14
C ALA A 14 6.65 -3.30 -16.08
N ASN A 15 7.88 -3.56 -15.74
CA ASN A 15 8.72 -4.42 -16.63
C ASN A 15 8.17 -5.85 -16.67
N ASP A 16 8.00 -6.38 -17.85
CA ASP A 16 7.46 -7.76 -18.00
C ASP A 16 6.10 -7.89 -17.30
N VAL A 17 6.01 -8.76 -16.33
CA VAL A 17 4.73 -8.96 -15.58
C VAL A 17 3.53 -8.85 -16.51
N LYS A 18 2.37 -8.60 -15.96
CA LYS A 18 1.14 -8.47 -16.79
C LYS A 18 0.83 -6.98 -17.00
N VAL A 19 0.55 -6.61 -18.21
CA VAL A 19 0.24 -5.18 -18.52
C VAL A 19 -1.07 -4.78 -17.86
N SER A 20 -2.06 -5.63 -17.91
CA SER A 20 -3.38 -5.30 -17.30
C SER A 20 -3.23 -5.09 -15.78
N SER A 21 -2.49 -5.96 -15.15
CA SER A 21 -2.28 -5.83 -13.67
C SER A 21 -1.58 -4.51 -13.34
N VAL A 22 -0.58 -4.16 -14.11
CA VAL A 22 0.16 -2.90 -13.84
C VAL A 22 -0.76 -1.69 -14.05
N ARG A 23 -1.54 -1.69 -15.09
CA ARG A 23 -2.44 -0.54 -15.36
C ARG A 23 -3.44 -0.38 -14.20
N ALA A 24 -4.02 -1.46 -13.75
CA ALA A 24 -5.00 -1.38 -12.64
C ALA A 24 -4.30 -0.95 -11.34
N ARG A 25 -3.16 -1.50 -11.07
CA ARG A 25 -2.41 -1.14 -9.83
C ARG A 25 -1.91 0.30 -9.95
N GLU A 26 -1.49 0.68 -11.13
CA GLU A 26 -0.98 2.08 -11.33
C GLU A 26 -2.10 3.09 -11.11
N LYS A 27 -3.26 2.80 -11.63
CA LYS A 27 -4.41 3.74 -11.46
C LYS A 27 -4.78 3.84 -9.97
N ALA A 28 -4.80 2.73 -9.30
CA ALA A 28 -5.15 2.76 -7.84
C ALA A 28 -4.05 3.48 -7.06
N ILE A 29 -2.81 3.22 -7.38
CA ILE A 29 -1.70 3.90 -6.65
C ILE A 29 -1.73 5.39 -6.94
N GLN A 30 -1.94 5.75 -8.17
CA GLN A 30 -1.97 7.20 -8.53
C GLN A 30 -3.00 7.92 -7.66
N HIS A 31 -4.10 7.28 -7.37
CA HIS A 31 -5.15 7.92 -6.53
C HIS A 31 -4.62 8.12 -5.10
N ALA A 32 -3.87 7.16 -4.60
CA ALA A 32 -3.33 7.29 -3.22
C ALA A 32 -2.51 8.58 -3.09
N ILE A 33 -1.62 8.80 -4.01
CA ILE A 33 -0.78 10.02 -3.96
C ILE A 33 -1.66 11.24 -4.17
N GLU A 34 -2.58 11.18 -5.10
CA GLU A 34 -3.46 12.35 -5.37
C GLU A 34 -3.95 12.96 -4.05
N ARG A 35 -4.49 12.14 -3.19
CA ARG A 35 -4.99 12.66 -1.88
C ARG A 35 -3.81 13.17 -1.05
N PHE A 36 -2.71 12.47 -1.09
CA PHE A 36 -1.52 12.91 -0.30
C PHE A 36 -0.63 13.76 -1.21
N ASN A 37 -1.21 14.30 -2.24
CA ASN A 37 -0.43 15.15 -3.20
C ASN A 37 0.09 16.38 -2.45
N THR A 38 -0.71 16.95 -1.60
CA THR A 38 -0.27 18.16 -0.84
C THR A 38 0.34 17.75 0.49
N LYS A 39 0.11 16.52 0.91
CA LYS A 39 0.67 16.06 2.21
C LYS A 39 1.86 15.09 1.96
N PRO A 40 2.93 15.21 2.73
CA PRO A 40 4.12 14.33 2.56
C PRO A 40 3.88 12.90 3.06
N ILE A 41 4.70 11.99 2.64
CA ILE A 41 4.56 10.56 3.06
C ILE A 41 4.78 10.43 4.57
N GLN A 42 5.78 11.09 5.09
CA GLN A 42 6.08 10.98 6.55
C GLN A 42 4.87 11.39 7.39
N THR A 43 3.92 12.08 6.80
CA THR A 43 2.72 12.51 7.58
C THR A 43 1.59 11.50 7.39
N ILE A 44 1.84 10.44 6.67
CA ILE A 44 0.77 9.42 6.47
C ILE A 44 0.71 8.49 7.67
N LYS A 45 -0.45 8.37 8.28
CA LYS A 45 -0.60 7.49 9.47
C LYS A 45 -1.19 6.13 9.08
N LYS A 46 -1.04 5.15 9.93
CA LYS A 46 -1.59 3.80 9.63
C LYS A 46 -3.11 3.88 9.51
N HIS A 47 -3.74 4.65 10.36
CA HIS A 47 -5.23 4.78 10.30
C HIS A 47 -5.64 5.31 8.92
N ASP A 48 -4.97 6.34 8.46
CA ASP A 48 -5.29 6.92 7.13
C ASP A 48 -4.96 5.88 6.05
N TYR A 49 -3.85 5.22 6.17
CA TYR A 49 -3.45 4.20 5.16
C TYR A 49 -4.48 3.08 5.15
N GLN A 50 -4.89 2.63 6.31
CA GLN A 50 -5.89 1.53 6.38
C GLN A 50 -7.19 1.98 5.71
N ARG A 51 -7.56 3.21 5.89
CA ARG A 51 -8.81 3.72 5.27
C ARG A 51 -8.69 3.64 3.74
N PHE A 52 -7.55 4.01 3.22
CA PHE A 52 -7.35 3.96 1.74
C PHE A 52 -7.49 2.51 1.25
N VAL A 53 -6.92 1.58 1.95
CA VAL A 53 -7.00 0.15 1.52
C VAL A 53 -8.47 -0.27 1.47
N ASP A 54 -9.23 0.07 2.46
CA ASP A 54 -10.68 -0.32 2.48
C ASP A 54 -11.40 0.43 1.34
N ASP A 55 -11.01 1.64 1.08
CA ASP A 55 -11.66 2.44 0.01
C ASP A 55 -11.52 1.71 -1.34
N ILE A 56 -10.34 1.30 -1.67
CA ILE A 56 -10.12 0.59 -2.97
C ILE A 56 -10.71 -0.82 -2.90
N SER A 57 -10.73 -1.40 -1.73
CA SER A 57 -11.29 -2.78 -1.59
C SER A 57 -12.76 -2.78 -2.01
N ALA A 58 -13.45 -1.70 -1.77
CA ALA A 58 -14.88 -1.62 -2.15
C ALA A 58 -15.00 -1.30 -3.65
N GLN A 59 -13.90 -0.96 -4.27
CA GLN A 59 -13.91 -0.63 -5.73
C GLN A 59 -13.21 -1.73 -6.52
N TYR A 60 -12.32 -2.45 -5.87
CA TYR A 60 -11.58 -3.56 -6.56
C TYR A 60 -11.67 -4.85 -5.76
N SER A 61 -11.44 -5.96 -6.42
CA SER A 61 -11.53 -7.28 -5.73
C SER A 61 -10.42 -7.40 -4.67
N LYS A 62 -10.55 -8.35 -3.79
CA LYS A 62 -9.54 -8.55 -2.73
C LYS A 62 -8.19 -8.92 -3.37
N ASN A 63 -8.22 -9.63 -4.45
CA ASN A 63 -6.95 -10.04 -5.12
C ASN A 63 -6.15 -8.80 -5.53
N TYR A 64 -6.82 -7.81 -6.07
CA TYR A 64 -6.12 -6.58 -6.50
C TYR A 64 -5.65 -5.79 -5.27
N VAL A 65 -6.40 -5.85 -4.20
CA VAL A 65 -6.02 -5.11 -2.97
C VAL A 65 -4.66 -5.58 -2.47
N ASP A 66 -4.45 -6.87 -2.46
CA ASP A 66 -3.15 -7.41 -1.98
C ASP A 66 -2.00 -6.89 -2.86
N SER A 67 -2.18 -6.92 -4.15
CA SER A 67 -1.11 -6.43 -5.07
C SER A 67 -0.90 -4.92 -4.88
N ILE A 68 -1.98 -4.18 -4.78
CA ILE A 68 -1.87 -2.71 -4.58
C ILE A 68 -1.20 -2.42 -3.24
N VAL A 69 -1.59 -3.13 -2.22
CA VAL A 69 -1.00 -2.92 -0.87
C VAL A 69 0.51 -3.19 -0.92
N ALA A 70 0.90 -4.24 -1.57
CA ALA A 70 2.35 -4.58 -1.66
C ALA A 70 3.11 -3.48 -2.42
N SER A 71 2.51 -2.92 -3.44
CA SER A 71 3.20 -1.85 -4.22
C SER A 71 3.34 -0.59 -3.37
N THR A 72 2.25 -0.03 -2.94
CA THR A 72 2.31 1.22 -2.11
C THR A 72 3.17 0.97 -0.87
N ASN A 73 3.07 -0.18 -0.29
CA ASN A 73 3.88 -0.48 0.93
C ASN A 73 5.37 -0.43 0.59
N MET A 74 5.72 -0.97 -0.54
CA MET A 74 7.15 -0.98 -0.97
C MET A 74 7.60 0.46 -1.27
N ILE A 75 6.72 1.27 -1.78
CA ILE A 75 7.09 2.67 -2.10
C ILE A 75 7.51 3.41 -0.83
N PHE A 76 6.76 3.25 0.23
CA PHE A 76 7.12 3.95 1.50
C PHE A 76 8.43 3.36 2.04
N LYS A 77 8.55 2.06 2.01
CA LYS A 77 9.80 1.41 2.51
C LYS A 77 10.98 1.83 1.63
N TYR A 78 10.77 1.90 0.34
CA TYR A 78 11.86 2.31 -0.58
C TYR A 78 12.31 3.73 -0.24
N ALA A 79 11.36 4.60 -0.03
CA ALA A 79 11.71 6.02 0.30
C ALA A 79 12.42 6.06 1.65
N TYR A 80 12.02 5.24 2.58
CA TYR A 80 12.68 5.22 3.91
C TYR A 80 14.15 4.83 3.77
N ASP A 81 14.42 3.84 2.97
CA ASP A 81 15.83 3.38 2.79
C ASP A 81 16.67 4.51 2.18
N THR A 82 16.12 5.22 1.23
CA THR A 82 16.89 6.32 0.60
C THR A 82 17.01 7.48 1.59
N ARG A 83 16.60 7.25 2.81
CA ARG A 83 16.69 8.31 3.86
C ARG A 83 15.95 9.57 3.41
N LEU A 84 14.79 9.41 2.85
CA LEU A 84 13.98 10.58 2.40
C LEU A 84 12.94 10.92 3.46
N ILE A 85 12.56 9.95 4.26
CA ILE A 85 11.53 10.20 5.32
C ILE A 85 11.98 9.59 6.64
N LYS A 86 11.60 10.20 7.73
CA LYS A 86 11.98 9.68 9.08
C LYS A 86 10.77 8.97 9.69
N ALA A 87 10.18 8.07 8.96
CA ALA A 87 9.00 7.33 9.51
C ALA A 87 8.87 5.98 8.80
N MET A 88 8.26 5.03 9.46
CA MET A 88 8.09 3.67 8.86
C MET A 88 6.67 3.16 9.17
N PRO A 89 5.67 3.86 8.71
CA PRO A 89 4.24 3.50 8.94
C PRO A 89 3.83 2.22 8.18
N SER A 90 2.80 1.57 8.63
CA SER A 90 2.30 0.32 7.98
C SER A 90 3.09 -0.89 8.49
N GLU A 91 2.70 -1.40 9.63
CA GLU A 91 3.39 -2.58 10.21
C GLU A 91 2.48 -3.21 11.29
N GLY A 92 1.74 -2.39 11.99
CA GLY A 92 0.84 -2.93 13.05
C GLY A 92 -0.46 -3.42 12.39
N ILE A 93 -0.55 -3.34 11.10
CA ILE A 93 -1.78 -3.78 10.38
C ILE A 93 -2.02 -5.28 10.62
N LYS A 94 -3.23 -5.72 10.39
CA LYS A 94 -3.56 -7.16 10.61
C LYS A 94 -2.94 -8.01 9.50
N ARG A 95 -2.62 -9.25 9.82
CA ARG A 95 -2.02 -10.17 8.82
C ARG A 95 -0.63 -9.66 8.41
N PRO A 96 0.23 -9.42 9.36
CA PRO A 96 1.62 -8.93 9.09
C PRO A 96 2.48 -9.99 8.40
N LYS A 97 3.48 -9.56 7.68
CA LYS A 97 4.36 -10.51 6.96
C LYS A 97 5.07 -11.43 7.95
N LYS A 98 5.19 -12.69 7.60
CA LYS A 98 5.86 -13.66 8.50
C LYS A 98 7.34 -13.29 8.68
N LYS A 99 7.80 -13.33 9.91
CA LYS A 99 9.23 -13.00 10.21
C LYS A 99 9.85 -14.15 10.99
N VAL A 100 9.08 -15.16 11.29
CA VAL A 100 9.61 -16.32 12.06
C VAL A 100 10.47 -17.21 11.17
N SER A 101 11.40 -17.92 11.75
CA SER A 101 12.30 -18.82 10.97
C SER A 101 13.19 -18.00 10.05
N VAL A 102 14.34 -17.60 10.53
CA VAL A 102 15.27 -16.79 9.70
C VAL A 102 16.26 -17.71 8.97
N GLU A 103 16.35 -17.55 7.67
CA GLU A 103 17.28 -18.40 6.88
C GLU A 103 16.98 -19.88 7.13
N LEU A 104 15.75 -20.18 7.42
CA LEU A 104 15.33 -21.59 7.66
C LEU A 104 16.12 -22.19 8.84
N GLU A 105 15.83 -23.41 9.17
CA GLU A 105 16.54 -24.07 10.31
C GLU A 105 18.01 -24.25 9.96
N HIS A 106 18.88 -23.70 10.77
CA HIS A 106 20.34 -23.84 10.51
C HIS A 106 20.91 -25.03 11.28
N HIS A 107 21.67 -25.85 10.62
CA HIS A 107 22.27 -27.04 11.29
C HIS A 107 23.13 -26.59 12.46
N HIS A 108 23.87 -25.52 12.30
CA HIS A 108 24.74 -25.02 13.41
C HIS A 108 24.07 -23.83 14.10
N HIS A 109 23.98 -23.87 15.40
CA HIS A 109 23.35 -22.77 16.16
C HIS A 109 24.26 -21.53 16.17
N HIS A 110 23.69 -20.38 16.03
CA HIS A 110 24.49 -19.12 16.03
C HIS A 110 25.09 -18.87 17.42
N HIS A 111 24.35 -19.16 18.45
CA HIS A 111 24.89 -18.94 19.82
C HIS A 111 24.10 -19.78 20.83
N THR A 1 8.69 14.58 -4.36
CA THR A 1 8.40 13.98 -3.03
C THR A 1 7.67 12.64 -3.22
N PHE A 2 6.58 12.44 -2.52
CA PHE A 2 5.82 11.15 -2.65
C PHE A 2 5.32 10.97 -4.07
N LYS A 3 4.76 11.99 -4.67
CA LYS A 3 4.23 11.87 -6.06
C LYS A 3 5.37 11.51 -7.01
N GLN A 4 6.48 12.18 -6.90
CA GLN A 4 7.63 11.89 -7.80
C GLN A 4 8.12 10.46 -7.57
N VAL A 5 8.28 10.08 -6.33
CA VAL A 5 8.77 8.71 -6.02
C VAL A 5 7.76 7.67 -6.51
N ALA A 6 6.50 7.87 -6.25
CA ALA A 6 5.49 6.87 -6.69
C ALA A 6 5.49 6.75 -8.20
N ASP A 7 5.60 7.85 -8.91
CA ASP A 7 5.61 7.75 -10.40
C ASP A 7 6.83 6.94 -10.85
N ASP A 8 7.96 7.17 -10.23
CA ASP A 8 9.19 6.41 -10.62
C ASP A 8 8.99 4.92 -10.32
N TRP A 9 8.46 4.59 -9.17
CA TRP A 9 8.26 3.17 -8.80
C TRP A 9 7.29 2.52 -9.80
N LEU A 10 6.26 3.20 -10.19
CA LEU A 10 5.28 2.62 -11.14
C LEU A 10 5.98 2.34 -12.49
N LYS A 11 6.79 3.26 -12.94
CA LYS A 11 7.49 3.05 -14.23
C LYS A 11 8.44 1.86 -14.12
N GLN A 12 9.20 1.79 -13.05
CA GLN A 12 10.14 0.65 -12.87
C GLN A 12 9.35 -0.63 -12.61
N TYR A 13 8.32 -0.56 -11.82
CA TYR A 13 7.50 -1.76 -11.52
C TYR A 13 6.72 -2.13 -12.78
N ALA A 14 6.74 -1.27 -13.76
CA ALA A 14 6.01 -1.55 -15.03
C ALA A 14 6.65 -2.77 -15.71
N ASN A 15 7.93 -2.93 -15.56
CA ASN A 15 8.61 -4.09 -16.20
C ASN A 15 8.25 -5.37 -15.43
N ASP A 16 7.73 -5.24 -14.25
CA ASP A 16 7.35 -6.44 -13.45
C ASP A 16 5.98 -6.95 -13.89
N VAL A 17 5.62 -8.15 -13.45
CA VAL A 17 4.29 -8.74 -13.80
C VAL A 17 3.88 -8.39 -15.23
N LYS A 18 2.62 -8.52 -15.54
CA LYS A 18 2.14 -8.21 -16.91
C LYS A 18 1.79 -6.72 -17.03
N VAL A 19 1.79 -6.20 -18.23
CA VAL A 19 1.44 -4.76 -18.43
C VAL A 19 -0.02 -4.52 -18.02
N SER A 20 -0.89 -5.44 -18.32
CA SER A 20 -2.32 -5.25 -17.95
C SER A 20 -2.44 -5.10 -16.44
N SER A 21 -1.72 -5.88 -15.69
CA SER A 21 -1.77 -5.80 -14.21
C SER A 21 -1.28 -4.41 -13.77
N VAL A 22 -0.27 -3.91 -14.41
CA VAL A 22 0.27 -2.58 -14.04
C VAL A 22 -0.81 -1.51 -14.24
N ARG A 23 -1.51 -1.56 -15.32
CA ARG A 23 -2.58 -0.55 -15.57
C ARG A 23 -3.66 -0.68 -14.49
N ALA A 24 -4.05 -1.89 -14.17
CA ALA A 24 -5.10 -2.09 -13.12
C ALA A 24 -4.56 -1.67 -11.76
N ARG A 25 -3.38 -2.12 -11.42
CA ARG A 25 -2.78 -1.77 -10.09
C ARG A 25 -2.48 -0.27 -10.05
N GLU A 26 -1.99 0.27 -11.12
CA GLU A 26 -1.67 1.72 -11.15
C GLU A 26 -2.95 2.53 -11.01
N LYS A 27 -4.02 2.06 -11.59
CA LYS A 27 -5.31 2.79 -11.50
C LYS A 27 -5.72 2.92 -10.03
N ALA A 28 -5.66 1.84 -9.30
CA ALA A 28 -6.04 1.89 -7.86
C ALA A 28 -5.01 2.69 -7.06
N ILE A 29 -3.75 2.46 -7.32
CA ILE A 29 -2.68 3.19 -6.56
C ILE A 29 -2.74 4.68 -6.90
N GLN A 30 -2.91 5.01 -8.14
CA GLN A 30 -2.94 6.45 -8.55
C GLN A 30 -3.82 7.24 -7.56
N HIS A 31 -4.85 6.64 -7.05
CA HIS A 31 -5.72 7.37 -6.09
C HIS A 31 -4.91 7.78 -4.85
N ALA A 32 -4.05 6.92 -4.38
CA ALA A 32 -3.23 7.27 -3.18
C ALA A 32 -2.31 8.44 -3.52
N ILE A 33 -1.75 8.45 -4.70
CA ILE A 33 -0.85 9.55 -5.11
C ILE A 33 -1.64 10.86 -5.14
N GLU A 34 -2.82 10.83 -5.71
CA GLU A 34 -3.65 12.07 -5.79
C GLU A 34 -4.07 12.51 -4.38
N ARG A 35 -4.49 11.57 -3.57
CA ARG A 35 -4.93 11.91 -2.20
C ARG A 35 -3.75 12.41 -1.37
N PHE A 36 -2.60 11.80 -1.51
CA PHE A 36 -1.40 12.24 -0.72
C PHE A 36 -0.54 13.15 -1.59
N ASN A 37 -1.10 13.69 -2.64
CA ASN A 37 -0.31 14.59 -3.53
C ASN A 37 0.11 15.84 -2.76
N THR A 38 -0.78 16.39 -1.97
CA THR A 38 -0.43 17.62 -1.20
C THR A 38 0.03 17.22 0.20
N LYS A 39 -0.07 15.96 0.54
CA LYS A 39 0.37 15.49 1.89
C LYS A 39 1.69 14.70 1.73
N PRO A 40 2.82 15.27 2.08
CA PRO A 40 4.13 14.57 1.96
C PRO A 40 4.12 13.18 2.61
N ILE A 41 4.95 12.30 2.12
CA ILE A 41 4.99 10.92 2.68
C ILE A 41 5.18 10.99 4.20
N GLN A 42 5.88 11.98 4.66
CA GLN A 42 6.12 12.11 6.12
C GLN A 42 4.79 12.38 6.85
N THR A 43 3.80 12.85 6.14
CA THR A 43 2.48 13.13 6.80
C THR A 43 1.60 11.88 6.73
N ILE A 44 2.16 10.77 6.31
CA ILE A 44 1.34 9.52 6.23
C ILE A 44 1.15 8.94 7.63
N LYS A 45 -0.07 8.66 7.99
CA LYS A 45 -0.37 8.08 9.33
C LYS A 45 -0.92 6.66 9.17
N LYS A 46 -0.90 5.89 10.22
CA LYS A 46 -1.41 4.50 10.16
C LYS A 46 -2.89 4.53 9.81
N HIS A 47 -3.62 5.46 10.35
CA HIS A 47 -5.08 5.55 10.05
C HIS A 47 -5.26 5.90 8.57
N ASP A 48 -4.46 6.82 8.07
CA ASP A 48 -4.58 7.21 6.64
C ASP A 48 -4.27 6.00 5.74
N TYR A 49 -3.25 5.26 6.07
CA TYR A 49 -2.89 4.08 5.25
C TYR A 49 -4.03 3.06 5.29
N GLN A 50 -4.58 2.83 6.45
CA GLN A 50 -5.69 1.85 6.57
C GLN A 50 -6.91 2.38 5.81
N ARG A 51 -7.13 3.67 5.86
CA ARG A 51 -8.29 4.26 5.15
C ARG A 51 -8.16 4.00 3.65
N PHE A 52 -6.98 4.16 3.11
CA PHE A 52 -6.76 3.92 1.66
C PHE A 52 -7.10 2.46 1.32
N VAL A 53 -6.66 1.54 2.14
CA VAL A 53 -6.95 0.11 1.86
C VAL A 53 -8.46 -0.12 1.80
N ASP A 54 -9.18 0.41 2.76
CA ASP A 54 -10.67 0.24 2.77
C ASP A 54 -11.28 0.93 1.55
N ASP A 55 -10.73 2.06 1.17
CA ASP A 55 -11.28 2.80 0.00
C ASP A 55 -11.19 1.95 -1.27
N ILE A 56 -10.08 1.31 -1.49
CA ILE A 56 -9.93 0.47 -2.72
C ILE A 56 -10.69 -0.85 -2.52
N SER A 57 -10.91 -1.24 -1.30
CA SER A 57 -11.63 -2.51 -1.04
C SER A 57 -13.04 -2.42 -1.61
N ALA A 58 -13.70 -1.31 -1.44
CA ALA A 58 -15.08 -1.15 -1.96
C ALA A 58 -15.05 -0.92 -3.47
N GLN A 59 -13.89 -0.69 -4.02
CA GLN A 59 -13.77 -0.44 -5.49
C GLN A 59 -13.01 -1.62 -6.14
N TYR A 60 -12.33 -2.40 -5.34
CA TYR A 60 -11.56 -3.56 -5.88
C TYR A 60 -11.79 -4.80 -5.00
N SER A 61 -11.61 -5.97 -5.55
CA SER A 61 -11.81 -7.22 -4.77
C SER A 61 -10.64 -7.44 -3.81
N LYS A 62 -10.78 -8.36 -2.89
CA LYS A 62 -9.69 -8.65 -1.92
C LYS A 62 -8.45 -9.12 -2.67
N ASN A 63 -8.63 -9.90 -3.71
CA ASN A 63 -7.45 -10.39 -4.47
C ASN A 63 -6.67 -9.21 -5.05
N TYR A 64 -7.37 -8.25 -5.59
CA TYR A 64 -6.69 -7.05 -6.16
C TYR A 64 -6.10 -6.20 -5.03
N VAL A 65 -6.76 -6.16 -3.91
CA VAL A 65 -6.25 -5.36 -2.76
C VAL A 65 -4.87 -5.89 -2.34
N ASP A 66 -4.72 -7.18 -2.27
CA ASP A 66 -3.42 -7.76 -1.85
C ASP A 66 -2.30 -7.23 -2.75
N SER A 67 -2.49 -7.25 -4.03
CA SER A 67 -1.43 -6.75 -4.95
C SER A 67 -1.24 -5.23 -4.76
N ILE A 68 -2.33 -4.52 -4.61
CA ILE A 68 -2.24 -3.04 -4.42
C ILE A 68 -1.51 -2.75 -3.09
N VAL A 69 -1.85 -3.46 -2.05
CA VAL A 69 -1.21 -3.23 -0.74
C VAL A 69 0.30 -3.50 -0.84
N ALA A 70 0.68 -4.58 -1.46
CA ALA A 70 2.14 -4.88 -1.59
C ALA A 70 2.82 -3.80 -2.42
N SER A 71 2.19 -3.37 -3.49
CA SER A 71 2.81 -2.32 -4.34
C SER A 71 2.96 -1.03 -3.54
N THR A 72 1.96 -0.67 -2.77
CA THR A 72 2.03 0.57 -1.96
C THR A 72 3.11 0.43 -0.88
N ASN A 73 3.18 -0.71 -0.25
CA ASN A 73 4.20 -0.90 0.82
C ASN A 73 5.61 -0.80 0.22
N MET A 74 5.80 -1.33 -0.95
CA MET A 74 7.14 -1.27 -1.59
C MET A 74 7.49 0.20 -1.84
N ILE A 75 6.55 0.98 -2.27
CA ILE A 75 6.84 2.42 -2.55
C ILE A 75 7.23 3.11 -1.23
N PHE A 76 6.50 2.86 -0.18
CA PHE A 76 6.82 3.50 1.12
C PHE A 76 8.18 3.00 1.61
N LYS A 77 8.41 1.72 1.52
CA LYS A 77 9.72 1.15 1.96
C LYS A 77 10.84 1.69 1.07
N TYR A 78 10.57 1.87 -0.20
CA TYR A 78 11.60 2.39 -1.12
C TYR A 78 12.08 3.76 -0.61
N ALA A 79 11.17 4.60 -0.23
CA ALA A 79 11.56 5.95 0.28
C ALA A 79 12.36 5.77 1.57
N TYR A 80 11.97 4.84 2.39
CA TYR A 80 12.70 4.58 3.66
C TYR A 80 14.13 4.14 3.34
N ASP A 81 14.29 3.28 2.37
CA ASP A 81 15.65 2.81 1.99
C ASP A 81 16.50 4.00 1.54
N THR A 82 15.92 4.90 0.80
CA THR A 82 16.67 6.08 0.31
C THR A 82 17.00 6.98 1.50
N ARG A 83 16.70 6.53 2.69
CA ARG A 83 16.97 7.32 3.93
C ARG A 83 16.22 8.66 3.87
N LEU A 84 15.22 8.75 3.03
CA LEU A 84 14.42 10.00 2.94
C LEU A 84 13.67 10.24 4.25
N ILE A 85 13.13 9.19 4.83
CA ILE A 85 12.37 9.33 6.10
C ILE A 85 12.86 8.31 7.13
N LYS A 86 12.72 8.63 8.38
CA LYS A 86 13.17 7.70 9.45
C LYS A 86 11.98 6.82 9.88
N ALA A 87 10.80 7.15 9.41
CA ALA A 87 9.59 6.37 9.80
C ALA A 87 9.22 5.39 8.68
N MET A 88 8.33 4.47 8.97
CA MET A 88 7.90 3.50 7.93
C MET A 88 6.54 2.91 8.33
N PRO A 89 5.51 3.68 8.23
CA PRO A 89 4.12 3.24 8.59
C PRO A 89 3.69 1.97 7.86
N SER A 90 3.14 1.02 8.59
CA SER A 90 2.70 -0.26 7.97
C SER A 90 2.61 -1.32 9.07
N GLU A 91 3.27 -1.09 10.17
CA GLU A 91 3.25 -2.07 11.30
C GLU A 91 1.83 -2.24 11.84
N GLY A 92 1.57 -3.37 12.42
CA GLY A 92 0.21 -3.61 13.00
C GLY A 92 -0.80 -3.92 11.88
N ILE A 93 -2.00 -3.42 12.02
CA ILE A 93 -3.06 -3.68 11.00
C ILE A 93 -3.23 -5.18 10.80
N LYS A 94 -2.45 -6.00 11.48
CA LYS A 94 -2.57 -7.48 11.33
C LYS A 94 -3.08 -8.10 12.63
N ARG A 95 -4.03 -8.99 12.52
CA ARG A 95 -4.59 -9.66 13.74
C ARG A 95 -5.15 -11.02 13.34
N PRO A 96 -4.27 -11.96 13.04
CA PRO A 96 -4.68 -13.34 12.63
C PRO A 96 -5.51 -14.05 13.70
N LYS A 97 -6.48 -14.82 13.29
CA LYS A 97 -7.32 -15.54 14.28
C LYS A 97 -8.11 -16.64 13.56
N LYS A 98 -8.98 -16.25 12.67
CA LYS A 98 -9.81 -17.23 11.93
C LYS A 98 -9.14 -17.54 10.59
N LYS A 99 -8.11 -16.81 10.25
CA LYS A 99 -7.41 -17.05 8.94
C LYS A 99 -6.31 -18.10 9.10
N VAL A 100 -6.06 -18.85 8.06
CA VAL A 100 -5.00 -19.90 8.11
C VAL A 100 -3.65 -19.28 7.72
N SER A 101 -3.67 -18.02 7.33
CA SER A 101 -2.41 -17.32 6.94
C SER A 101 -1.71 -18.07 5.80
N VAL A 102 -0.48 -17.74 5.54
CA VAL A 102 0.28 -18.40 4.45
C VAL A 102 0.42 -19.89 4.78
N GLU A 103 0.50 -20.20 6.06
CA GLU A 103 0.65 -21.62 6.48
C GLU A 103 1.86 -22.25 5.80
N LEU A 104 2.95 -22.36 6.49
CA LEU A 104 4.16 -22.96 5.85
C LEU A 104 4.18 -24.46 6.12
N GLU A 105 4.00 -25.24 5.10
CA GLU A 105 4.03 -26.72 5.26
C GLU A 105 3.97 -27.36 3.87
N HIS A 106 5.10 -27.50 3.23
CA HIS A 106 5.12 -28.10 1.86
C HIS A 106 6.44 -28.84 1.64
N HIS A 107 6.53 -29.60 0.59
CA HIS A 107 7.78 -30.38 0.31
C HIS A 107 8.87 -29.46 -0.23
N HIS A 108 10.10 -29.86 -0.09
CA HIS A 108 11.24 -29.03 -0.59
C HIS A 108 11.11 -28.88 -2.11
N HIS A 109 10.18 -29.57 -2.71
CA HIS A 109 9.98 -29.49 -4.18
C HIS A 109 11.27 -29.92 -4.90
N HIS A 110 11.36 -31.17 -5.25
CA HIS A 110 12.58 -31.67 -5.94
C HIS A 110 12.64 -31.12 -7.37
N HIS A 111 13.78 -30.59 -7.75
CA HIS A 111 13.92 -30.02 -9.12
C HIS A 111 14.12 -31.17 -10.12
N THR A 1 6.18 15.42 -4.88
CA THR A 1 7.31 14.55 -4.44
C THR A 1 6.83 13.09 -4.37
N PHE A 2 5.69 12.87 -3.78
CA PHE A 2 5.15 11.49 -3.68
C PHE A 2 4.91 10.91 -5.07
N LYS A 3 4.35 11.69 -5.94
CA LYS A 3 4.08 11.21 -7.33
C LYS A 3 5.40 10.86 -8.01
N GLN A 4 6.39 11.71 -7.85
CA GLN A 4 7.72 11.44 -8.48
C GLN A 4 8.32 10.17 -7.88
N VAL A 5 8.26 10.04 -6.59
CA VAL A 5 8.82 8.83 -5.92
C VAL A 5 8.02 7.60 -6.37
N ALA A 6 6.72 7.71 -6.39
CA ALA A 6 5.86 6.57 -6.80
C ALA A 6 6.14 6.26 -8.28
N ASP A 7 6.35 7.27 -9.07
CA ASP A 7 6.61 7.05 -10.52
C ASP A 7 7.95 6.31 -10.67
N ASP A 8 8.92 6.68 -9.87
CA ASP A 8 10.25 6.04 -9.95
C ASP A 8 10.12 4.55 -9.60
N TRP A 9 9.45 4.26 -8.52
CA TRP A 9 9.25 2.84 -8.11
C TRP A 9 8.42 2.11 -9.16
N LEU A 10 7.43 2.77 -9.68
CA LEU A 10 6.57 2.12 -10.71
C LEU A 10 7.42 1.80 -11.94
N LYS A 11 8.28 2.70 -12.31
CA LYS A 11 9.14 2.47 -13.51
C LYS A 11 9.99 1.23 -13.30
N GLN A 12 10.62 1.13 -12.15
CA GLN A 12 11.48 -0.05 -11.87
C GLN A 12 10.59 -1.29 -11.66
N TYR A 13 9.49 -1.12 -10.96
CA TYR A 13 8.57 -2.26 -10.71
C TYR A 13 7.90 -2.68 -12.02
N ALA A 14 8.08 -1.89 -13.05
CA ALA A 14 7.47 -2.22 -14.37
C ALA A 14 8.05 -3.55 -14.88
N ASN A 15 9.30 -3.80 -14.61
CA ASN A 15 9.93 -5.08 -15.07
C ASN A 15 9.24 -6.25 -14.37
N ASP A 16 8.94 -6.08 -13.11
CA ASP A 16 8.27 -7.18 -12.33
C ASP A 16 6.88 -7.42 -12.88
N VAL A 17 6.29 -8.53 -12.53
CA VAL A 17 4.91 -8.88 -12.99
C VAL A 17 4.69 -8.43 -14.44
N LYS A 18 3.45 -8.36 -14.85
CA LYS A 18 3.14 -7.93 -16.24
C LYS A 18 2.71 -6.47 -16.26
N VAL A 19 2.78 -5.87 -17.42
CA VAL A 19 2.38 -4.44 -17.57
C VAL A 19 0.88 -4.27 -17.27
N SER A 20 0.08 -5.17 -17.78
CA SER A 20 -1.39 -5.07 -17.55
C SER A 20 -1.70 -4.93 -16.06
N SER A 21 -1.00 -5.67 -15.24
CA SER A 21 -1.23 -5.59 -13.76
C SER A 21 -0.77 -4.22 -13.26
N VAL A 22 0.30 -3.71 -13.79
CA VAL A 22 0.83 -2.39 -13.34
C VAL A 22 -0.19 -1.29 -13.68
N ARG A 23 -0.76 -1.34 -14.85
CA ARG A 23 -1.74 -0.29 -15.26
C ARG A 23 -2.93 -0.31 -14.30
N ALA A 24 -3.42 -1.48 -13.97
CA ALA A 24 -4.58 -1.58 -13.04
C ALA A 24 -4.18 -1.07 -11.65
N ARG A 25 -3.00 -1.41 -11.21
CA ARG A 25 -2.53 -0.95 -9.87
C ARG A 25 -2.35 0.56 -9.88
N GLU A 26 -1.86 1.11 -10.96
CA GLU A 26 -1.66 2.58 -11.04
C GLU A 26 -3.00 3.30 -10.85
N LYS A 27 -4.04 2.76 -11.43
CA LYS A 27 -5.39 3.39 -11.30
C LYS A 27 -5.82 3.36 -9.83
N ALA A 28 -5.54 2.28 -9.15
CA ALA A 28 -5.94 2.16 -7.71
C ALA A 28 -5.24 3.23 -6.87
N ILE A 29 -3.96 3.40 -7.04
CA ILE A 29 -3.21 4.43 -6.24
C ILE A 29 -3.35 5.80 -6.89
N GLN A 30 -3.86 5.84 -8.10
CA GLN A 30 -4.02 7.15 -8.80
C GLN A 30 -4.80 8.11 -7.90
N HIS A 31 -5.80 7.61 -7.23
CA HIS A 31 -6.62 8.47 -6.33
C HIS A 31 -5.78 8.96 -5.15
N ALA A 32 -5.00 8.08 -4.56
CA ALA A 32 -4.15 8.47 -3.40
C ALA A 32 -3.08 9.47 -3.86
N ILE A 33 -2.52 9.23 -5.00
CA ILE A 33 -1.47 10.13 -5.54
C ILE A 33 -2.05 11.53 -5.78
N GLU A 34 -3.23 11.58 -6.34
CA GLU A 34 -3.88 12.90 -6.62
C GLU A 34 -4.16 13.61 -5.30
N ARG A 35 -4.65 12.90 -4.33
CA ARG A 35 -4.97 13.51 -3.01
C ARG A 35 -3.68 13.96 -2.32
N PHE A 36 -2.64 13.17 -2.42
CA PHE A 36 -1.33 13.54 -1.76
C PHE A 36 -0.37 14.07 -2.82
N ASN A 37 -0.88 14.51 -3.94
CA ASN A 37 0.01 15.05 -5.01
C ASN A 37 0.74 16.29 -4.51
N THR A 38 0.05 17.15 -3.80
CA THR A 38 0.69 18.40 -3.28
C THR A 38 1.13 18.17 -1.84
N LYS A 39 0.64 17.12 -1.22
CA LYS A 39 1.02 16.83 0.20
C LYS A 39 2.08 15.72 0.24
N PRO A 40 3.00 15.79 1.18
CA PRO A 40 4.07 14.77 1.33
C PRO A 40 3.54 13.43 1.86
N ILE A 41 4.27 12.38 1.64
CA ILE A 41 3.84 11.04 2.11
C ILE A 41 3.93 10.99 3.64
N GLN A 42 4.79 11.79 4.21
CA GLN A 42 4.95 11.80 5.70
C GLN A 42 3.62 12.09 6.39
N THR A 43 2.61 12.46 5.64
CA THR A 43 1.29 12.77 6.25
C THR A 43 0.47 11.48 6.39
N ILE A 44 0.88 10.41 5.77
CA ILE A 44 0.11 9.13 5.87
C ILE A 44 0.66 8.29 7.02
N LYS A 45 -0.17 8.03 8.00
CA LYS A 45 0.27 7.22 9.18
C LYS A 45 -0.30 5.80 9.09
N LYS A 46 -0.13 5.04 10.13
CA LYS A 46 -0.63 3.63 10.15
C LYS A 46 -2.16 3.64 10.03
N HIS A 47 -2.80 4.49 10.77
CA HIS A 47 -4.30 4.56 10.73
C HIS A 47 -4.74 5.03 9.34
N ASP A 48 -4.11 6.06 8.83
CA ASP A 48 -4.49 6.58 7.48
C ASP A 48 -4.18 5.53 6.42
N TYR A 49 -3.06 4.87 6.55
CA TYR A 49 -2.68 3.83 5.55
C TYR A 49 -3.72 2.71 5.56
N GLN A 50 -4.12 2.28 6.73
CA GLN A 50 -5.14 1.20 6.83
C GLN A 50 -6.46 1.68 6.23
N ARG A 51 -6.79 2.92 6.46
CA ARG A 51 -8.06 3.49 5.92
C ARG A 51 -8.03 3.42 4.39
N PHE A 52 -6.91 3.76 3.81
CA PHE A 52 -6.79 3.72 2.32
C PHE A 52 -7.05 2.30 1.82
N VAL A 53 -6.48 1.32 2.48
CA VAL A 53 -6.68 -0.09 2.06
C VAL A 53 -8.17 -0.44 2.14
N ASP A 54 -8.80 -0.06 3.21
CA ASP A 54 -10.26 -0.34 3.39
C ASP A 54 -11.07 0.42 2.33
N ASP A 55 -10.66 1.62 2.03
CA ASP A 55 -11.40 2.45 1.03
C ASP A 55 -11.43 1.73 -0.33
N ILE A 56 -10.30 1.25 -0.78
CA ILE A 56 -10.26 0.55 -2.09
C ILE A 56 -10.91 -0.82 -1.98
N SER A 57 -10.93 -1.37 -0.79
CA SER A 57 -11.55 -2.71 -0.59
C SER A 57 -13.03 -2.64 -0.94
N ALA A 58 -13.69 -1.58 -0.54
CA ALA A 58 -15.15 -1.44 -0.83
C ALA A 58 -15.35 -1.06 -2.30
N GLN A 59 -14.29 -0.67 -2.96
CA GLN A 59 -14.39 -0.28 -4.40
C GLN A 59 -13.75 -1.37 -5.27
N TYR A 60 -12.93 -2.21 -4.66
CA TYR A 60 -12.26 -3.31 -5.43
C TYR A 60 -12.36 -4.63 -4.66
N SER A 61 -12.33 -5.71 -5.38
CA SER A 61 -12.43 -7.05 -4.73
C SER A 61 -11.21 -7.33 -3.85
N LYS A 62 -11.33 -8.29 -2.98
CA LYS A 62 -10.22 -8.65 -2.07
C LYS A 62 -8.99 -9.10 -2.87
N ASN A 63 -9.22 -9.76 -3.98
CA ASN A 63 -8.09 -10.23 -4.83
C ASN A 63 -7.27 -9.05 -5.34
N TYR A 64 -7.93 -8.01 -5.78
CA TYR A 64 -7.22 -6.81 -6.30
C TYR A 64 -6.51 -6.08 -5.14
N VAL A 65 -7.11 -6.10 -3.98
CA VAL A 65 -6.50 -5.40 -2.81
C VAL A 65 -5.13 -6.00 -2.50
N ASP A 66 -5.03 -7.29 -2.51
CA ASP A 66 -3.72 -7.95 -2.19
C ASP A 66 -2.63 -7.41 -3.12
N SER A 67 -2.89 -7.39 -4.40
CA SER A 67 -1.87 -6.88 -5.36
C SER A 67 -1.62 -5.38 -5.15
N ILE A 68 -2.66 -4.64 -4.93
CA ILE A 68 -2.51 -3.16 -4.72
C ILE A 68 -1.73 -2.90 -3.43
N VAL A 69 -2.04 -3.61 -2.38
CA VAL A 69 -1.33 -3.42 -1.08
C VAL A 69 0.16 -3.73 -1.26
N ALA A 70 0.47 -4.82 -1.93
CA ALA A 70 1.89 -5.21 -2.13
C ALA A 70 2.63 -4.08 -2.84
N SER A 71 2.09 -3.58 -3.92
CA SER A 71 2.75 -2.48 -4.67
C SER A 71 2.82 -1.23 -3.80
N THR A 72 1.76 -0.92 -3.13
CA THR A 72 1.73 0.29 -2.25
C THR A 72 2.77 0.15 -1.15
N ASN A 73 2.84 -1.01 -0.54
CA ASN A 73 3.82 -1.22 0.56
C ASN A 73 5.25 -1.08 0.02
N MET A 74 5.49 -1.60 -1.15
CA MET A 74 6.85 -1.51 -1.75
C MET A 74 7.20 -0.04 -2.02
N ILE A 75 6.25 0.71 -2.50
CA ILE A 75 6.51 2.16 -2.79
C ILE A 75 6.83 2.89 -1.48
N PHE A 76 6.06 2.64 -0.47
CA PHE A 76 6.30 3.31 0.85
C PHE A 76 7.62 2.80 1.44
N LYS A 77 7.83 1.52 1.37
CA LYS A 77 9.08 0.93 1.92
C LYS A 77 10.28 1.42 1.11
N TYR A 78 10.10 1.59 -0.17
CA TYR A 78 11.22 2.07 -1.03
C TYR A 78 11.68 3.45 -0.57
N ALA A 79 10.75 4.34 -0.32
CA ALA A 79 11.13 5.71 0.13
C ALA A 79 11.86 5.63 1.47
N TYR A 80 11.40 4.76 2.33
CA TYR A 80 12.05 4.60 3.66
C TYR A 80 13.48 4.10 3.47
N ASP A 81 13.68 3.18 2.56
CA ASP A 81 15.04 2.63 2.32
C ASP A 81 15.97 3.75 1.87
N THR A 82 15.48 4.63 1.04
CA THR A 82 16.33 5.76 0.54
C THR A 82 16.57 6.74 1.68
N ARG A 83 16.09 6.42 2.85
CA ARG A 83 16.27 7.30 4.03
C ARG A 83 15.66 8.68 3.76
N LEU A 84 14.47 8.69 3.22
CA LEU A 84 13.78 9.98 2.93
C LEU A 84 12.83 10.31 4.07
N ILE A 85 12.29 9.30 4.71
CA ILE A 85 11.35 9.54 5.85
C ILE A 85 11.71 8.67 7.04
N LYS A 86 11.42 9.14 8.23
CA LYS A 86 11.74 8.37 9.46
C LYS A 86 10.44 7.87 10.09
N ALA A 87 9.77 6.96 9.42
CA ALA A 87 8.49 6.41 9.95
C ALA A 87 8.15 5.12 9.22
N MET A 88 7.39 4.27 9.86
CA MET A 88 6.99 2.96 9.23
C MET A 88 5.50 2.73 9.45
N PRO A 89 4.67 3.43 8.73
CA PRO A 89 3.18 3.29 8.83
C PRO A 89 2.73 1.83 8.68
N SER A 90 3.33 1.12 7.78
CA SER A 90 2.96 -0.30 7.55
C SER A 90 3.60 -1.19 8.60
N GLU A 91 2.93 -2.27 8.95
CA GLU A 91 3.48 -3.19 9.97
C GLU A 91 2.58 -4.44 10.06
N GLY A 92 1.98 -4.65 11.21
CA GLY A 92 1.10 -5.83 11.40
C GLY A 92 -0.35 -5.46 11.10
N ILE A 93 -0.76 -5.62 9.87
CA ILE A 93 -2.16 -5.31 9.48
C ILE A 93 -2.90 -6.61 9.22
N LYS A 94 -2.17 -7.65 8.87
CA LYS A 94 -2.81 -8.98 8.57
C LYS A 94 -2.40 -9.99 9.62
N ARG A 95 -3.26 -10.94 9.88
CA ARG A 95 -2.97 -11.99 10.88
C ARG A 95 -3.39 -13.37 10.35
N PRO A 96 -2.61 -13.93 9.45
CA PRO A 96 -2.89 -15.26 8.85
C PRO A 96 -2.92 -16.38 9.90
N LYS A 97 -3.76 -17.35 9.70
CA LYS A 97 -3.85 -18.48 10.67
C LYS A 97 -2.68 -19.45 10.49
N LYS A 98 -2.07 -19.80 11.57
CA LYS A 98 -0.92 -20.75 11.50
C LYS A 98 -0.57 -21.23 12.91
N LYS A 99 -0.62 -22.51 13.11
CA LYS A 99 -0.29 -23.09 14.45
C LYS A 99 -0.97 -22.30 15.55
N VAL A 100 -2.12 -22.74 15.95
CA VAL A 100 -2.87 -22.04 17.03
C VAL A 100 -2.24 -22.33 18.40
N SER A 101 -2.15 -21.31 19.21
CA SER A 101 -1.55 -21.47 20.57
C SER A 101 -0.12 -21.99 20.45
N VAL A 102 0.81 -21.09 20.23
CA VAL A 102 2.24 -21.50 20.09
C VAL A 102 2.85 -21.67 21.48
N GLU A 103 3.21 -20.59 22.12
CA GLU A 103 3.81 -20.66 23.48
C GLU A 103 3.34 -19.48 24.31
N LEU A 104 2.99 -18.40 23.65
CA LEU A 104 2.50 -17.19 24.37
C LEU A 104 3.66 -16.54 25.13
N GLU A 105 4.50 -17.35 25.73
CA GLU A 105 5.65 -16.82 26.50
C GLU A 105 6.79 -16.47 25.55
N HIS A 106 7.60 -17.46 25.21
CA HIS A 106 8.75 -17.21 24.30
C HIS A 106 9.46 -15.91 24.69
N HIS A 107 9.24 -15.46 25.89
CA HIS A 107 9.87 -14.20 26.37
C HIS A 107 11.39 -14.38 26.39
N HIS A 108 11.84 -15.51 26.89
CA HIS A 108 13.31 -15.76 26.94
C HIS A 108 13.89 -15.75 25.54
N HIS A 109 13.20 -16.36 24.59
CA HIS A 109 13.70 -16.41 23.19
C HIS A 109 12.56 -16.03 22.22
N HIS A 110 12.82 -15.09 21.35
CA HIS A 110 11.79 -14.64 20.37
C HIS A 110 11.46 -15.78 19.40
N HIS A 111 12.46 -16.51 18.99
CA HIS A 111 12.21 -17.63 18.04
C HIS A 111 11.39 -18.72 18.72
N THR A 1 6.10 15.38 -6.49
CA THR A 1 7.32 14.55 -6.40
C THR A 1 6.93 13.12 -5.98
N PHE A 2 5.89 12.99 -5.22
CA PHE A 2 5.45 11.63 -4.77
C PHE A 2 5.03 10.80 -5.99
N LYS A 3 4.35 11.42 -6.93
CA LYS A 3 3.90 10.68 -8.13
C LYS A 3 5.11 10.11 -8.88
N GLN A 4 6.15 10.89 -9.00
CA GLN A 4 7.37 10.42 -9.72
C GLN A 4 7.96 9.23 -8.96
N VAL A 5 8.03 9.32 -7.65
CA VAL A 5 8.60 8.20 -6.85
C VAL A 5 7.72 6.96 -7.00
N ALA A 6 6.44 7.13 -6.89
CA ALA A 6 5.51 5.97 -7.02
C ALA A 6 5.58 5.42 -8.44
N ASP A 7 5.55 6.29 -9.42
CA ASP A 7 5.62 5.83 -10.84
C ASP A 7 6.97 5.16 -11.09
N ASP A 8 8.00 5.66 -10.47
CA ASP A 8 9.35 5.08 -10.68
C ASP A 8 9.35 3.61 -10.26
N TRP A 9 8.76 3.31 -9.13
CA TRP A 9 8.74 1.89 -8.66
C TRP A 9 7.94 1.04 -9.65
N LEU A 10 6.78 1.49 -10.04
CA LEU A 10 5.96 0.70 -11.00
C LEU A 10 6.70 0.60 -12.33
N LYS A 11 7.33 1.67 -12.75
CA LYS A 11 8.06 1.63 -14.04
C LYS A 11 9.12 0.54 -13.98
N GLN A 12 9.88 0.50 -12.92
CA GLN A 12 10.94 -0.54 -12.80
C GLN A 12 10.29 -1.92 -12.71
N TYR A 13 9.22 -2.03 -11.96
CA TYR A 13 8.53 -3.33 -11.82
C TYR A 13 7.92 -3.72 -13.17
N ALA A 14 7.75 -2.76 -14.05
CA ALA A 14 7.17 -3.06 -15.37
C ALA A 14 8.24 -3.67 -16.29
N ASN A 15 9.29 -4.20 -15.71
CA ASN A 15 10.39 -4.80 -16.53
C ASN A 15 9.85 -6.00 -17.31
N ASP A 16 9.04 -6.81 -16.69
CA ASP A 16 8.47 -7.99 -17.39
C ASP A 16 7.25 -8.49 -16.61
N VAL A 17 6.16 -7.78 -16.70
CA VAL A 17 4.93 -8.21 -15.96
C VAL A 17 3.68 -7.85 -16.78
N LYS A 18 2.52 -8.15 -16.25
CA LYS A 18 1.26 -7.86 -16.97
C LYS A 18 1.00 -6.35 -17.01
N VAL A 19 0.63 -5.85 -18.16
CA VAL A 19 0.34 -4.40 -18.30
C VAL A 19 -0.93 -4.05 -17.51
N SER A 20 -1.93 -4.88 -17.60
CA SER A 20 -3.21 -4.61 -16.88
C SER A 20 -2.95 -4.54 -15.37
N SER A 21 -2.10 -5.42 -14.87
CA SER A 21 -1.80 -5.40 -13.42
C SER A 21 -1.16 -4.07 -13.04
N VAL A 22 -0.23 -3.62 -13.82
CA VAL A 22 0.44 -2.32 -13.51
C VAL A 22 -0.55 -1.17 -13.61
N ARG A 23 -1.34 -1.15 -14.66
CA ARG A 23 -2.33 -0.04 -14.83
C ARG A 23 -3.38 -0.13 -13.72
N ALA A 24 -3.84 -1.31 -13.41
CA ALA A 24 -4.86 -1.45 -12.34
C ALA A 24 -4.31 -0.93 -11.02
N ARG A 25 -3.12 -1.35 -10.66
CA ARG A 25 -2.51 -0.88 -9.39
C ARG A 25 -2.19 0.61 -9.49
N GLU A 26 -1.73 1.05 -10.63
CA GLU A 26 -1.38 2.49 -10.80
C GLU A 26 -2.60 3.36 -10.49
N LYS A 27 -3.74 3.00 -11.01
CA LYS A 27 -4.97 3.80 -10.75
C LYS A 27 -5.32 3.73 -9.25
N ALA A 28 -5.13 2.58 -8.65
CA ALA A 28 -5.45 2.45 -7.20
C ALA A 28 -4.62 3.42 -6.37
N ILE A 29 -3.34 3.49 -6.60
CA ILE A 29 -2.47 4.42 -5.81
C ILE A 29 -2.64 5.85 -6.33
N GLN A 30 -3.18 6.00 -7.51
CA GLN A 30 -3.36 7.37 -8.06
C GLN A 30 -4.25 8.19 -7.13
N HIS A 31 -5.26 7.58 -6.58
CA HIS A 31 -6.17 8.30 -5.66
C HIS A 31 -5.38 8.81 -4.45
N ALA A 32 -4.55 7.99 -3.89
CA ALA A 32 -3.74 8.42 -2.71
C ALA A 32 -2.76 9.49 -3.15
N ILE A 33 -2.14 9.32 -4.28
CA ILE A 33 -1.16 10.32 -4.78
C ILE A 33 -1.89 11.64 -5.03
N GLU A 34 -3.03 11.60 -5.64
CA GLU A 34 -3.78 12.85 -5.93
C GLU A 34 -4.35 13.41 -4.62
N ARG A 35 -4.89 12.55 -3.79
CA ARG A 35 -5.49 13.01 -2.50
C ARG A 35 -4.39 13.57 -1.58
N PHE A 36 -3.27 12.90 -1.50
CA PHE A 36 -2.17 13.39 -0.62
C PHE A 36 -1.19 14.23 -1.44
N ASN A 37 -1.63 14.70 -2.58
CA ASN A 37 -0.73 15.54 -3.43
C ASN A 37 -0.33 16.79 -2.68
N THR A 38 -1.25 17.39 -1.97
CA THR A 38 -0.93 18.63 -1.21
C THR A 38 -0.40 18.25 0.17
N LYS A 39 -0.58 17.01 0.57
CA LYS A 39 -0.08 16.57 1.90
C LYS A 39 1.18 15.71 1.73
N PRO A 40 2.32 16.16 2.22
CA PRO A 40 3.60 15.39 2.12
C PRO A 40 3.46 13.91 2.53
N ILE A 41 4.23 13.05 1.93
CA ILE A 41 4.16 11.60 2.27
C ILE A 41 4.33 11.41 3.77
N GLN A 42 5.09 12.26 4.40
CA GLN A 42 5.31 12.13 5.86
C GLN A 42 4.00 12.33 6.63
N THR A 43 3.04 12.98 6.04
CA THR A 43 1.75 13.21 6.76
C THR A 43 0.94 11.91 6.76
N ILE A 44 1.39 10.90 6.06
CA ILE A 44 0.64 9.62 6.03
C ILE A 44 1.05 8.75 7.22
N LYS A 45 0.10 8.38 8.04
CA LYS A 45 0.40 7.53 9.24
C LYS A 45 -0.29 6.17 9.11
N LYS A 46 -0.27 5.39 10.15
CA LYS A 46 -0.91 4.05 10.11
C LYS A 46 -2.42 4.20 9.88
N HIS A 47 -3.04 5.14 10.54
CA HIS A 47 -4.51 5.33 10.37
C HIS A 47 -4.82 5.65 8.90
N ASP A 48 -4.04 6.51 8.30
CA ASP A 48 -4.28 6.88 6.88
C ASP A 48 -4.05 5.65 6.00
N TYR A 49 -3.07 4.85 6.33
CA TYR A 49 -2.78 3.64 5.51
C TYR A 49 -4.00 2.71 5.50
N GLN A 50 -4.63 2.52 6.62
CA GLN A 50 -5.82 1.64 6.68
C GLN A 50 -6.94 2.23 5.83
N ARG A 51 -7.09 3.52 5.83
CA ARG A 51 -8.16 4.16 5.01
C ARG A 51 -7.93 3.86 3.53
N PHE A 52 -6.70 3.94 3.09
CA PHE A 52 -6.40 3.67 1.66
C PHE A 52 -6.77 2.23 1.33
N VAL A 53 -6.42 1.30 2.18
CA VAL A 53 -6.72 -0.13 1.91
C VAL A 53 -8.25 -0.30 1.76
N ASP A 54 -9.00 0.27 2.64
CA ASP A 54 -10.49 0.14 2.57
C ASP A 54 -10.99 0.86 1.32
N ASP A 55 -10.38 1.96 0.96
CA ASP A 55 -10.84 2.73 -0.23
C ASP A 55 -10.67 1.89 -1.50
N ILE A 56 -9.56 1.22 -1.65
CA ILE A 56 -9.34 0.40 -2.88
C ILE A 56 -10.17 -0.89 -2.80
N SER A 57 -10.45 -1.34 -1.61
CA SER A 57 -11.24 -2.59 -1.46
C SER A 57 -12.64 -2.37 -2.05
N ALA A 58 -13.18 -1.20 -1.90
CA ALA A 58 -14.53 -0.91 -2.43
C ALA A 58 -14.44 -0.57 -3.92
N GLN A 59 -13.24 -0.38 -4.43
CA GLN A 59 -13.06 -0.04 -5.87
C GLN A 59 -12.40 -1.22 -6.58
N TYR A 60 -11.78 -2.12 -5.84
CA TYR A 60 -11.10 -3.30 -6.48
C TYR A 60 -11.42 -4.57 -5.70
N SER A 61 -11.32 -5.69 -6.34
CA SER A 61 -11.62 -6.99 -5.66
C SER A 61 -10.52 -7.32 -4.64
N LYS A 62 -10.81 -8.23 -3.75
CA LYS A 62 -9.82 -8.61 -2.70
C LYS A 62 -8.53 -9.13 -3.34
N ASN A 63 -8.64 -9.86 -4.42
CA ASN A 63 -7.41 -10.41 -5.07
C ASN A 63 -6.52 -9.25 -5.53
N TYR A 64 -7.11 -8.23 -6.09
CA TYR A 64 -6.33 -7.06 -6.57
C TYR A 64 -5.79 -6.28 -5.36
N VAL A 65 -6.53 -6.26 -4.28
CA VAL A 65 -6.08 -5.52 -3.07
C VAL A 65 -4.76 -6.11 -2.56
N ASP A 66 -4.66 -7.41 -2.51
CA ASP A 66 -3.40 -8.03 -2.01
C ASP A 66 -2.22 -7.50 -2.82
N SER A 67 -2.33 -7.48 -4.11
CA SER A 67 -1.22 -6.97 -4.96
C SER A 67 -0.99 -5.48 -4.66
N ILE A 68 -2.05 -4.73 -4.54
CA ILE A 68 -1.91 -3.27 -4.25
C ILE A 68 -1.25 -3.09 -2.88
N VAL A 69 -1.66 -3.86 -1.93
CA VAL A 69 -1.08 -3.76 -0.56
C VAL A 69 0.41 -4.07 -0.63
N ALA A 70 0.78 -5.10 -1.34
CA ALA A 70 2.21 -5.47 -1.45
C ALA A 70 2.98 -4.41 -2.26
N SER A 71 2.38 -3.90 -3.30
CA SER A 71 3.08 -2.87 -4.13
C SER A 71 3.20 -1.55 -3.38
N THR A 72 2.10 -1.05 -2.87
CA THR A 72 2.14 0.24 -2.14
C THR A 72 3.05 0.11 -0.92
N ASN A 73 2.99 -1.01 -0.24
CA ASN A 73 3.84 -1.22 0.97
C ASN A 73 5.32 -1.13 0.58
N MET A 74 5.68 -1.70 -0.54
CA MET A 74 7.10 -1.66 -0.99
C MET A 74 7.49 -0.22 -1.33
N ILE A 75 6.59 0.53 -1.90
CA ILE A 75 6.90 1.94 -2.27
C ILE A 75 7.23 2.73 -1.01
N PHE A 76 6.44 2.57 0.02
CA PHE A 76 6.70 3.31 1.29
C PHE A 76 8.04 2.87 1.87
N LYS A 77 8.32 1.60 1.84
CA LYS A 77 9.60 1.08 2.38
C LYS A 77 10.76 1.65 1.57
N TYR A 78 10.58 1.77 0.29
CA TYR A 78 11.67 2.31 -0.57
C TYR A 78 12.03 3.72 -0.12
N ALA A 79 11.04 4.54 0.13
CA ALA A 79 11.31 5.94 0.57
C ALA A 79 12.02 5.92 1.93
N TYR A 80 11.64 5.00 2.77
CA TYR A 80 12.28 4.92 4.12
C TYR A 80 13.77 4.63 3.95
N ASP A 81 14.10 3.71 3.10
CA ASP A 81 15.54 3.36 2.87
C ASP A 81 16.26 4.57 2.31
N THR A 82 15.61 5.34 1.49
CA THR A 82 16.26 6.55 0.90
C THR A 82 16.46 7.60 2.00
N ARG A 83 16.09 7.27 3.22
CA ARG A 83 16.26 8.21 4.36
C ARG A 83 15.39 9.45 4.13
N LEU A 84 14.45 9.37 3.23
CA LEU A 84 13.56 10.54 2.98
C LEU A 84 12.72 10.80 4.22
N ILE A 85 12.26 9.75 4.86
CA ILE A 85 11.43 9.90 6.09
C ILE A 85 12.02 9.07 7.22
N LYS A 86 11.85 9.52 8.44
CA LYS A 86 12.39 8.77 9.60
C LYS A 86 11.27 7.92 10.20
N ALA A 87 10.06 8.11 9.73
CA ALA A 87 8.91 7.32 10.27
C ALA A 87 8.70 6.06 9.43
N MET A 88 7.84 5.19 9.88
CA MET A 88 7.56 3.93 9.12
C MET A 88 6.06 3.63 9.16
N PRO A 89 5.27 4.43 8.49
CA PRO A 89 3.79 4.23 8.43
C PRO A 89 3.43 2.82 7.97
N SER A 90 4.19 2.29 7.05
CA SER A 90 3.90 0.92 6.53
C SER A 90 4.33 -0.13 7.57
N GLU A 91 3.83 -1.33 7.42
CA GLU A 91 4.17 -2.42 8.38
C GLU A 91 3.82 -2.02 9.81
N GLY A 92 3.66 -2.99 10.68
CA GLY A 92 3.31 -2.69 12.10
C GLY A 92 1.79 -2.70 12.25
N ILE A 93 1.07 -2.93 11.19
CA ILE A 93 -0.42 -2.96 11.25
C ILE A 93 -0.92 -4.40 11.25
N LYS A 94 -1.60 -4.81 12.29
CA LYS A 94 -2.12 -6.20 12.36
C LYS A 94 -3.41 -6.21 13.17
N ARG A 95 -4.53 -6.45 12.53
CA ARG A 95 -5.82 -6.49 13.27
C ARG A 95 -6.93 -6.94 12.32
N PRO A 96 -6.75 -8.06 11.67
CA PRO A 96 -7.76 -8.60 10.71
C PRO A 96 -9.05 -9.03 11.41
N LYS A 97 -10.16 -8.89 10.74
CA LYS A 97 -11.47 -9.27 11.37
C LYS A 97 -11.81 -10.71 11.02
N LYS A 98 -11.94 -11.56 12.00
CA LYS A 98 -12.26 -12.98 11.74
C LYS A 98 -13.78 -13.15 11.61
N LYS A 99 -14.46 -13.19 12.73
CA LYS A 99 -15.93 -13.36 12.71
C LYS A 99 -16.50 -13.11 14.11
N VAL A 100 -16.13 -13.93 15.06
CA VAL A 100 -16.65 -13.75 16.45
C VAL A 100 -15.80 -12.73 17.20
N SER A 101 -16.44 -11.89 17.99
CA SER A 101 -15.71 -10.85 18.75
C SER A 101 -14.87 -11.49 19.85
N VAL A 102 -13.72 -10.92 20.14
CA VAL A 102 -12.84 -11.49 21.21
C VAL A 102 -13.20 -10.88 22.56
N GLU A 103 -13.36 -11.70 23.55
CA GLU A 103 -13.70 -11.21 24.91
C GLU A 103 -13.43 -12.34 25.92
N LEU A 104 -12.63 -13.30 25.53
CA LEU A 104 -12.33 -14.45 26.44
C LEU A 104 -11.29 -14.02 27.49
N GLU A 105 -11.52 -14.36 28.73
CA GLU A 105 -10.57 -13.97 29.81
C GLU A 105 -9.42 -14.97 29.91
N HIS A 106 -8.22 -14.49 30.08
CA HIS A 106 -7.04 -15.40 30.19
C HIS A 106 -5.94 -14.73 31.02
N HIS A 107 -4.89 -15.46 31.32
CA HIS A 107 -3.78 -14.89 32.13
C HIS A 107 -3.20 -13.66 31.41
N HIS A 108 -3.10 -13.72 30.11
CA HIS A 108 -2.55 -12.58 29.32
C HIS A 108 -1.14 -12.23 29.78
N HIS A 109 -0.46 -11.40 29.02
CA HIS A 109 0.93 -11.01 29.38
C HIS A 109 0.92 -9.98 30.52
N HIS A 110 1.64 -10.26 31.56
CA HIS A 110 1.71 -9.31 32.71
C HIS A 110 2.43 -8.03 32.28
N HIS A 111 3.48 -8.17 31.51
CA HIS A 111 4.25 -6.98 31.04
C HIS A 111 4.71 -6.15 32.24
N THR A 1 7.65 15.52 -3.64
CA THR A 1 8.35 14.39 -4.31
C THR A 1 7.56 13.10 -4.08
N PHE A 2 6.36 13.22 -3.55
CA PHE A 2 5.52 12.01 -3.31
C PHE A 2 5.24 11.30 -4.63
N LYS A 3 4.83 12.04 -5.62
CA LYS A 3 4.52 11.44 -6.94
C LYS A 3 5.81 10.95 -7.61
N GLN A 4 6.88 11.68 -7.41
CA GLN A 4 8.18 11.29 -8.03
C GLN A 4 8.64 9.95 -7.44
N VAL A 5 8.53 9.79 -6.16
CA VAL A 5 8.97 8.52 -5.51
C VAL A 5 8.09 7.37 -6.01
N ALA A 6 6.81 7.57 -6.03
CA ALA A 6 5.87 6.50 -6.49
C ALA A 6 6.07 6.26 -7.99
N ASP A 7 6.28 7.31 -8.73
CA ASP A 7 6.46 7.18 -10.21
C ASP A 7 7.75 6.39 -10.50
N ASP A 8 8.79 6.67 -9.76
CA ASP A 8 10.08 5.95 -9.97
C ASP A 8 9.91 4.46 -9.71
N TRP A 9 9.29 4.12 -8.62
CA TRP A 9 9.08 2.69 -8.27
C TRP A 9 8.07 2.05 -9.23
N LEU A 10 7.02 2.76 -9.53
CA LEU A 10 5.99 2.20 -10.44
C LEU A 10 6.58 1.91 -11.83
N LYS A 11 7.39 2.81 -12.36
CA LYS A 11 7.97 2.55 -13.71
C LYS A 11 8.87 1.31 -13.67
N GLN A 12 9.70 1.23 -12.66
CA GLN A 12 10.62 0.05 -12.54
C GLN A 12 9.81 -1.21 -12.24
N TYR A 13 8.82 -1.10 -11.40
CA TYR A 13 7.98 -2.28 -11.04
C TYR A 13 7.04 -2.60 -12.20
N ALA A 14 6.92 -1.71 -13.15
CA ALA A 14 6.02 -1.97 -14.31
C ALA A 14 6.70 -2.97 -15.26
N ASN A 15 7.95 -3.26 -15.03
CA ASN A 15 8.68 -4.22 -15.90
C ASN A 15 8.59 -5.63 -15.30
N ASP A 16 7.82 -5.76 -14.25
CA ASP A 16 7.67 -7.10 -13.59
C ASP A 16 6.60 -7.90 -14.33
N VAL A 17 5.36 -7.70 -13.96
CA VAL A 17 4.25 -8.45 -14.61
C VAL A 17 3.81 -7.79 -15.92
N LYS A 18 2.60 -8.06 -16.33
CA LYS A 18 2.08 -7.48 -17.59
C LYS A 18 1.78 -5.99 -17.44
N VAL A 19 1.88 -5.27 -18.52
CA VAL A 19 1.62 -3.81 -18.48
C VAL A 19 0.16 -3.54 -18.11
N SER A 20 -0.74 -4.33 -18.64
CA SER A 20 -2.19 -4.13 -18.35
C SER A 20 -2.44 -4.26 -16.84
N SER A 21 -1.88 -5.26 -16.22
CA SER A 21 -2.07 -5.45 -14.75
C SER A 21 -1.46 -4.27 -14.01
N VAL A 22 -0.35 -3.77 -14.49
CA VAL A 22 0.33 -2.62 -13.83
C VAL A 22 -0.59 -1.39 -13.89
N ARG A 23 -1.21 -1.18 -15.03
CA ARG A 23 -2.11 0.00 -15.18
C ARG A 23 -3.24 -0.08 -14.15
N ALA A 24 -3.75 -1.26 -13.92
CA ALA A 24 -4.85 -1.43 -12.92
C ALA A 24 -4.33 -1.04 -11.53
N ARG A 25 -3.14 -1.46 -11.22
CA ARG A 25 -2.54 -1.13 -9.89
C ARG A 25 -2.28 0.38 -9.83
N GLU A 26 -1.85 0.96 -10.92
CA GLU A 26 -1.57 2.43 -10.94
C GLU A 26 -2.85 3.20 -10.64
N LYS A 27 -3.94 2.81 -11.22
CA LYS A 27 -5.24 3.52 -10.98
C LYS A 27 -5.64 3.39 -9.50
N ALA A 28 -5.36 2.26 -8.91
CA ALA A 28 -5.73 2.06 -7.48
C ALA A 28 -4.99 3.08 -6.60
N ILE A 29 -3.71 3.25 -6.82
CA ILE A 29 -2.93 4.22 -6.02
C ILE A 29 -3.09 5.64 -6.58
N GLN A 30 -3.59 5.73 -7.79
CA GLN A 30 -3.77 7.06 -8.43
C GLN A 30 -4.69 7.94 -7.57
N HIS A 31 -5.73 7.39 -7.04
CA HIS A 31 -6.68 8.19 -6.20
C HIS A 31 -5.93 8.70 -4.97
N ALA A 32 -5.10 7.87 -4.38
CA ALA A 32 -4.34 8.28 -3.18
C ALA A 32 -3.36 9.40 -3.54
N ILE A 33 -2.72 9.30 -4.67
CA ILE A 33 -1.74 10.33 -5.10
C ILE A 33 -2.47 11.68 -5.31
N GLU A 34 -3.60 11.64 -5.95
CA GLU A 34 -4.36 12.90 -6.22
C GLU A 34 -4.91 13.48 -4.90
N ARG A 35 -5.50 12.65 -4.09
CA ARG A 35 -6.07 13.14 -2.80
C ARG A 35 -4.97 13.60 -1.86
N PHE A 36 -3.87 12.89 -1.83
CA PHE A 36 -2.74 13.28 -0.93
C PHE A 36 -1.68 14.05 -1.73
N ASN A 37 -2.07 14.57 -2.88
CA ASN A 37 -1.10 15.36 -3.72
C ASN A 37 -0.60 16.57 -2.92
N THR A 38 -1.46 17.21 -2.20
CA THR A 38 -1.05 18.39 -1.40
C THR A 38 -0.59 17.92 -0.02
N LYS A 39 -0.64 16.64 0.22
CA LYS A 39 -0.19 16.09 1.54
C LYS A 39 1.13 15.32 1.36
N PRO A 40 2.24 15.89 1.76
CA PRO A 40 3.57 15.23 1.65
C PRO A 40 3.58 13.82 2.25
N ILE A 41 4.38 12.95 1.69
CA ILE A 41 4.45 11.55 2.19
C ILE A 41 4.98 11.54 3.63
N GLN A 42 5.94 12.39 3.91
CA GLN A 42 6.53 12.43 5.29
C GLN A 42 5.42 12.62 6.33
N THR A 43 4.24 12.98 5.92
CA THR A 43 3.12 13.19 6.90
C THR A 43 2.18 11.97 6.87
N ILE A 44 2.40 11.05 5.97
CA ILE A 44 1.51 9.85 5.90
C ILE A 44 1.93 8.83 6.97
N LYS A 45 0.99 8.43 7.79
CA LYS A 45 1.27 7.44 8.88
C LYS A 45 0.52 6.13 8.63
N LYS A 46 0.58 5.23 9.58
CA LYS A 46 -0.10 3.91 9.43
C LYS A 46 -1.62 4.11 9.35
N HIS A 47 -2.13 5.06 10.08
CA HIS A 47 -3.60 5.32 10.07
C HIS A 47 -4.04 5.72 8.66
N ASP A 48 -3.30 6.59 8.04
CA ASP A 48 -3.66 7.03 6.66
C ASP A 48 -3.57 5.83 5.70
N TYR A 49 -2.62 4.96 5.94
CA TYR A 49 -2.45 3.77 5.06
C TYR A 49 -3.71 2.89 5.14
N GLN A 50 -4.24 2.71 6.32
CA GLN A 50 -5.47 1.87 6.49
C GLN A 50 -6.63 2.53 5.75
N ARG A 51 -6.67 3.84 5.74
CA ARG A 51 -7.77 4.56 5.05
C ARG A 51 -7.73 4.23 3.55
N PHE A 52 -6.57 4.19 2.98
CA PHE A 52 -6.44 3.87 1.53
C PHE A 52 -6.83 2.41 1.28
N VAL A 53 -6.59 1.55 2.24
CA VAL A 53 -6.92 0.11 2.06
C VAL A 53 -8.43 -0.04 1.86
N ASP A 54 -9.20 0.63 2.67
CA ASP A 54 -10.68 0.54 2.55
C ASP A 54 -11.12 1.19 1.24
N ASP A 55 -10.43 2.22 0.83
CA ASP A 55 -10.79 2.94 -0.42
C ASP A 55 -10.69 1.99 -1.62
N ILE A 56 -9.64 1.21 -1.67
CA ILE A 56 -9.46 0.27 -2.80
C ILE A 56 -10.32 -0.98 -2.59
N SER A 57 -10.67 -1.27 -1.37
CA SER A 57 -11.51 -2.47 -1.10
C SER A 57 -12.89 -2.31 -1.76
N ALA A 58 -13.44 -1.13 -1.67
CA ALA A 58 -14.78 -0.88 -2.26
C ALA A 58 -14.64 -0.73 -3.78
N GLN A 59 -13.43 -0.66 -4.26
CA GLN A 59 -13.19 -0.52 -5.73
C GLN A 59 -12.54 -1.80 -6.27
N TYR A 60 -11.93 -2.56 -5.39
CA TYR A 60 -11.25 -3.83 -5.82
C TYR A 60 -11.58 -4.97 -4.86
N SER A 61 -11.61 -6.17 -5.37
CA SER A 61 -11.93 -7.36 -4.53
C SER A 61 -10.75 -7.71 -3.63
N LYS A 62 -10.97 -8.62 -2.72
CA LYS A 62 -9.91 -9.04 -1.77
C LYS A 62 -8.69 -9.57 -2.53
N ASN A 63 -8.92 -10.34 -3.55
CA ASN A 63 -7.79 -10.91 -4.36
C ASN A 63 -7.01 -9.77 -5.01
N TYR A 64 -7.70 -8.82 -5.58
CA TYR A 64 -7.01 -7.67 -6.24
C TYR A 64 -6.39 -6.75 -5.18
N VAL A 65 -7.05 -6.62 -4.07
CA VAL A 65 -6.53 -5.73 -2.98
C VAL A 65 -5.17 -6.25 -2.48
N ASP A 66 -5.05 -7.53 -2.30
CA ASP A 66 -3.77 -8.11 -1.82
C ASP A 66 -2.61 -7.61 -2.68
N SER A 67 -2.77 -7.69 -3.98
CA SER A 67 -1.69 -7.23 -4.91
C SER A 67 -1.46 -5.72 -4.73
N ILE A 68 -2.53 -4.96 -4.62
CA ILE A 68 -2.40 -3.49 -4.44
C ILE A 68 -1.71 -3.20 -3.12
N VAL A 69 -2.07 -3.90 -2.09
CA VAL A 69 -1.46 -3.69 -0.76
C VAL A 69 0.04 -3.98 -0.84
N ALA A 70 0.41 -5.05 -1.47
CA ALA A 70 1.85 -5.40 -1.60
C ALA A 70 2.57 -4.32 -2.43
N SER A 71 1.98 -3.93 -3.53
CA SER A 71 2.61 -2.89 -4.39
C SER A 71 2.74 -1.57 -3.62
N THR A 72 1.70 -1.19 -2.92
CA THR A 72 1.73 0.07 -2.14
C THR A 72 2.82 -0.02 -1.06
N ASN A 73 2.90 -1.13 -0.40
CA ASN A 73 3.94 -1.31 0.68
C ASN A 73 5.34 -1.18 0.08
N MET A 74 5.52 -1.69 -1.12
CA MET A 74 6.86 -1.62 -1.77
C MET A 74 7.26 -0.16 -1.99
N ILE A 75 6.32 0.65 -2.40
CA ILE A 75 6.63 2.10 -2.65
C ILE A 75 7.09 2.76 -1.35
N PHE A 76 6.33 2.60 -0.31
CA PHE A 76 6.70 3.23 1.01
C PHE A 76 7.95 2.55 1.58
N LYS A 77 8.02 1.25 1.45
CA LYS A 77 9.19 0.50 1.98
C LYS A 77 10.47 0.95 1.26
N TYR A 78 10.38 1.15 -0.02
CA TYR A 78 11.57 1.59 -0.80
C TYR A 78 12.04 2.96 -0.29
N ALA A 79 11.12 3.87 -0.10
CA ALA A 79 11.49 5.23 0.40
C ALA A 79 12.05 5.12 1.83
N TYR A 80 11.48 4.25 2.61
CA TYR A 80 11.94 4.08 4.02
C TYR A 80 13.40 3.61 4.03
N ASP A 81 13.72 2.66 3.18
CA ASP A 81 15.12 2.14 3.13
C ASP A 81 16.07 3.27 2.74
N THR A 82 15.67 4.07 1.79
CA THR A 82 16.54 5.20 1.34
C THR A 82 16.45 6.33 2.35
N ARG A 83 16.21 5.99 3.59
CA ARG A 83 16.09 7.02 4.69
C ARG A 83 15.41 8.28 4.14
N LEU A 84 14.61 8.12 3.12
CA LEU A 84 13.90 9.27 2.52
C LEU A 84 12.93 9.86 3.55
N ILE A 85 12.24 9.00 4.26
CA ILE A 85 11.26 9.47 5.29
C ILE A 85 11.59 8.86 6.65
N LYS A 86 11.26 9.57 7.69
CA LYS A 86 11.53 9.08 9.07
C LYS A 86 10.29 8.37 9.62
N ALA A 87 9.24 8.35 8.84
CA ALA A 87 7.98 7.68 9.30
C ALA A 87 8.10 6.16 9.13
N MET A 88 7.17 5.42 9.66
CA MET A 88 7.19 3.94 9.54
C MET A 88 5.76 3.40 9.41
N PRO A 89 5.05 3.85 8.41
CA PRO A 89 3.64 3.41 8.16
C PRO A 89 3.55 1.94 7.74
N SER A 90 2.47 1.28 8.07
CA SER A 90 2.29 -0.15 7.70
C SER A 90 3.13 -1.04 8.62
N GLU A 91 2.54 -1.49 9.69
CA GLU A 91 3.27 -2.37 10.65
C GLU A 91 3.04 -3.84 10.28
N GLY A 92 2.15 -4.08 9.35
CA GLY A 92 1.86 -5.48 8.92
C GLY A 92 0.50 -5.53 8.22
N ILE A 93 -0.50 -4.99 8.86
CA ILE A 93 -1.88 -4.98 8.27
C ILE A 93 -2.35 -6.43 8.06
N LYS A 94 -1.48 -7.37 8.27
CA LYS A 94 -1.86 -8.80 8.10
C LYS A 94 -2.57 -9.32 9.35
N ARG A 95 -3.67 -9.99 9.16
CA ARG A 95 -4.44 -10.54 10.32
C ARG A 95 -5.67 -11.31 9.80
N PRO A 96 -5.45 -12.31 8.97
CA PRO A 96 -6.57 -13.14 8.42
C PRO A 96 -7.14 -14.06 9.50
N LYS A 97 -6.48 -14.15 10.61
CA LYS A 97 -6.96 -15.03 11.72
C LYS A 97 -8.11 -14.37 12.47
N LYS A 98 -9.05 -15.15 12.92
CA LYS A 98 -10.22 -14.60 13.67
C LYS A 98 -10.69 -15.61 14.72
N LYS A 99 -11.87 -15.41 15.23
CA LYS A 99 -12.42 -16.32 16.29
C LYS A 99 -12.82 -17.65 15.66
N VAL A 100 -12.54 -18.72 16.36
CA VAL A 100 -12.86 -20.10 15.88
C VAL A 100 -12.80 -20.14 14.35
N SER A 101 -11.61 -20.24 13.83
CA SER A 101 -11.42 -20.27 12.35
C SER A 101 -11.76 -21.65 11.80
N VAL A 102 -11.96 -21.73 10.50
CA VAL A 102 -12.31 -23.03 9.86
C VAL A 102 -11.08 -23.61 9.15
N GLU A 103 -10.83 -24.86 9.37
CA GLU A 103 -9.66 -25.54 8.74
C GLU A 103 -9.79 -25.51 7.22
N LEU A 104 -8.69 -25.31 6.56
CA LEU A 104 -8.70 -25.25 5.07
C LEU A 104 -8.49 -26.67 4.51
N GLU A 105 -9.00 -26.92 3.35
CA GLU A 105 -8.86 -28.26 2.72
C GLU A 105 -7.51 -28.38 2.01
N HIS A 106 -6.96 -29.55 2.03
CA HIS A 106 -5.63 -29.79 1.38
C HIS A 106 -5.74 -29.72 -0.14
N HIS A 107 -4.73 -29.16 -0.77
CA HIS A 107 -4.71 -29.03 -2.26
C HIS A 107 -6.00 -28.37 -2.75
N HIS A 108 -5.99 -27.07 -2.87
CA HIS A 108 -7.20 -26.34 -3.34
C HIS A 108 -7.53 -26.79 -4.76
N HIS A 109 -6.54 -26.98 -5.59
CA HIS A 109 -6.78 -27.42 -6.99
C HIS A 109 -5.56 -28.16 -7.54
N HIS A 110 -5.72 -28.81 -8.66
CA HIS A 110 -4.58 -29.56 -9.27
C HIS A 110 -3.55 -28.58 -9.82
N HIS A 111 -3.93 -27.34 -9.95
CA HIS A 111 -2.97 -26.31 -10.47
C HIS A 111 -3.44 -24.92 -10.04
N THR A 1 10.59 13.49 -6.78
CA THR A 1 9.88 13.61 -5.48
C THR A 1 9.16 12.30 -5.16
N PHE A 2 8.25 12.34 -4.22
CA PHE A 2 7.49 11.11 -3.85
C PHE A 2 6.66 10.63 -5.05
N LYS A 3 6.03 11.53 -5.75
CA LYS A 3 5.20 11.12 -6.92
C LYS A 3 6.09 10.46 -7.97
N GLN A 4 7.22 11.04 -8.25
CA GLN A 4 8.14 10.46 -9.26
C GLN A 4 8.68 9.11 -8.75
N VAL A 5 9.07 9.05 -7.51
CA VAL A 5 9.62 7.78 -6.95
C VAL A 5 8.52 6.72 -6.95
N ALA A 6 7.35 7.05 -6.49
CA ALA A 6 6.23 6.07 -6.46
C ALA A 6 5.88 5.64 -7.88
N ASP A 7 5.71 6.57 -8.77
CA ASP A 7 5.37 6.23 -10.17
C ASP A 7 6.51 5.46 -10.82
N ASP A 8 7.72 5.76 -10.45
CA ASP A 8 8.89 5.05 -11.06
C ASP A 8 8.82 3.55 -10.74
N TRP A 9 8.48 3.21 -9.52
CA TRP A 9 8.40 1.77 -9.15
C TRP A 9 7.28 1.10 -9.94
N LEU A 10 6.13 1.71 -9.99
CA LEU A 10 4.99 1.11 -10.74
C LEU A 10 5.32 1.04 -12.24
N LYS A 11 5.90 2.07 -12.78
CA LYS A 11 6.25 2.04 -14.22
C LYS A 11 7.29 0.97 -14.48
N GLN A 12 8.32 0.93 -13.68
CA GLN A 12 9.38 -0.11 -13.86
C GLN A 12 8.79 -1.48 -13.55
N TYR A 13 7.94 -1.55 -12.57
CA TYR A 13 7.32 -2.86 -12.21
C TYR A 13 6.31 -3.25 -13.29
N ALA A 14 5.99 -2.33 -14.16
CA ALA A 14 5.02 -2.63 -15.24
C ALA A 14 5.66 -3.59 -16.25
N ASN A 15 6.95 -3.77 -16.17
CA ASN A 15 7.63 -4.69 -17.13
C ASN A 15 7.65 -6.11 -16.54
N ASP A 16 7.24 -6.25 -15.31
CA ASP A 16 7.22 -7.61 -14.67
C ASP A 16 5.82 -8.20 -14.77
N VAL A 17 4.81 -7.37 -14.93
CA VAL A 17 3.40 -7.87 -15.02
C VAL A 17 2.70 -7.30 -16.25
N LYS A 18 1.61 -7.88 -16.64
CA LYS A 18 0.86 -7.42 -17.84
C LYS A 18 0.53 -5.92 -17.73
N VAL A 19 0.52 -5.25 -18.84
CA VAL A 19 0.21 -3.78 -18.85
C VAL A 19 -1.23 -3.54 -18.37
N SER A 20 -2.15 -4.33 -18.84
CA SER A 20 -3.58 -4.15 -18.42
C SER A 20 -3.71 -4.30 -16.91
N SER A 21 -3.14 -5.33 -16.37
CA SER A 21 -3.22 -5.55 -14.89
C SER A 21 -2.52 -4.41 -14.16
N VAL A 22 -1.37 -4.01 -14.65
CA VAL A 22 -0.62 -2.91 -14.00
C VAL A 22 -1.43 -1.62 -14.09
N ARG A 23 -2.05 -1.37 -15.22
CA ARG A 23 -2.85 -0.13 -15.37
C ARG A 23 -3.89 -0.04 -14.24
N ALA A 24 -4.56 -1.11 -13.96
CA ALA A 24 -5.58 -1.08 -12.86
C ALA A 24 -4.91 -0.74 -11.53
N ARG A 25 -3.85 -1.42 -11.18
CA ARG A 25 -3.16 -1.13 -9.90
C ARG A 25 -2.56 0.27 -9.95
N GLU A 26 -2.05 0.66 -11.09
CA GLU A 26 -1.44 2.00 -11.22
C GLU A 26 -2.44 3.06 -10.76
N LYS A 27 -3.67 2.93 -11.16
CA LYS A 27 -4.70 3.92 -10.74
C LYS A 27 -4.86 3.85 -9.22
N ALA A 28 -4.82 2.67 -8.67
CA ALA A 28 -4.97 2.54 -7.19
C ALA A 28 -3.85 3.30 -6.47
N ILE A 29 -2.63 3.15 -6.92
CA ILE A 29 -1.50 3.86 -6.27
C ILE A 29 -1.62 5.37 -6.50
N GLN A 30 -1.95 5.77 -7.71
CA GLN A 30 -2.08 7.21 -8.02
C GLN A 30 -3.17 7.84 -7.14
N HIS A 31 -4.21 7.11 -6.88
CA HIS A 31 -5.31 7.66 -6.04
C HIS A 31 -4.76 8.08 -4.66
N ALA A 32 -3.93 7.27 -4.08
CA ALA A 32 -3.35 7.61 -2.74
C ALA A 32 -2.45 8.84 -2.86
N ILE A 33 -1.66 8.92 -3.89
CA ILE A 33 -0.75 10.09 -4.06
C ILE A 33 -1.58 11.35 -4.32
N GLU A 34 -2.59 11.25 -5.14
CA GLU A 34 -3.43 12.45 -5.45
C GLU A 34 -3.98 13.06 -4.16
N ARG A 35 -4.52 12.25 -3.30
CA ARG A 35 -5.09 12.78 -2.03
C ARG A 35 -3.99 13.38 -1.15
N PHE A 36 -2.83 12.77 -1.13
CA PHE A 36 -1.70 13.30 -0.29
C PHE A 36 -0.68 14.00 -1.19
N ASN A 37 -1.08 14.36 -2.37
CA ASN A 37 -0.15 15.06 -3.30
C ASN A 37 0.24 16.41 -2.70
N THR A 38 -0.70 17.09 -2.12
CA THR A 38 -0.39 18.42 -1.51
C THR A 38 0.15 18.22 -0.10
N LYS A 39 0.02 17.05 0.45
CA LYS A 39 0.54 16.79 1.83
C LYS A 39 1.79 15.91 1.77
N PRO A 40 2.74 16.11 2.65
CA PRO A 40 4.00 15.31 2.69
C PRO A 40 3.74 13.88 3.19
N ILE A 41 4.63 12.98 2.89
CA ILE A 41 4.46 11.56 3.35
C ILE A 41 4.52 11.51 4.88
N GLN A 42 5.16 12.46 5.48
CA GLN A 42 5.27 12.46 6.97
C GLN A 42 3.89 12.64 7.61
N THR A 43 2.93 13.11 6.86
CA THR A 43 1.56 13.31 7.44
C THR A 43 0.73 12.05 7.25
N ILE A 44 1.27 11.06 6.58
CA ILE A 44 0.50 9.80 6.37
C ILE A 44 0.70 8.88 7.57
N LYS A 45 -0.37 8.50 8.23
CA LYS A 45 -0.27 7.62 9.43
C LYS A 45 -0.98 6.29 9.16
N LYS A 46 -1.11 5.48 10.17
CA LYS A 46 -1.79 4.16 10.00
C LYS A 46 -3.25 4.38 9.61
N HIS A 47 -3.91 5.34 10.22
CA HIS A 47 -5.34 5.60 9.89
C HIS A 47 -5.46 5.98 8.42
N ASP A 48 -4.62 6.88 7.97
CA ASP A 48 -4.68 7.29 6.54
C ASP A 48 -4.34 6.09 5.65
N TYR A 49 -3.32 5.36 6.02
CA TYR A 49 -2.92 4.17 5.21
C TYR A 49 -4.06 3.14 5.20
N GLN A 50 -4.65 2.91 6.34
CA GLN A 50 -5.76 1.93 6.43
C GLN A 50 -6.95 2.41 5.58
N ARG A 51 -7.20 3.69 5.58
CA ARG A 51 -8.34 4.23 4.77
C ARG A 51 -8.10 3.90 3.30
N PHE A 52 -6.89 4.06 2.84
CA PHE A 52 -6.57 3.75 1.42
C PHE A 52 -6.84 2.27 1.14
N VAL A 53 -6.42 1.41 2.04
CA VAL A 53 -6.64 -0.06 1.83
C VAL A 53 -8.13 -0.36 1.72
N ASP A 54 -8.93 0.20 2.59
CA ASP A 54 -10.39 -0.04 2.54
C ASP A 54 -10.98 0.57 1.27
N ASP A 55 -10.47 1.70 0.86
CA ASP A 55 -10.99 2.38 -0.36
C ASP A 55 -10.79 1.49 -1.60
N ILE A 56 -9.62 0.94 -1.76
CA ILE A 56 -9.36 0.07 -2.94
C ILE A 56 -10.12 -1.25 -2.78
N SER A 57 -10.37 -1.64 -1.57
CA SER A 57 -11.11 -2.91 -1.33
C SER A 57 -12.52 -2.79 -1.91
N ALA A 58 -13.15 -1.67 -1.73
CA ALA A 58 -14.53 -1.48 -2.25
C ALA A 58 -14.48 -1.21 -3.76
N GLN A 59 -13.30 -1.00 -4.29
CA GLN A 59 -13.17 -0.74 -5.76
C GLN A 59 -12.45 -1.91 -6.41
N TYR A 60 -11.77 -2.72 -5.63
CA TYR A 60 -11.04 -3.89 -6.20
C TYR A 60 -11.30 -5.14 -5.34
N SER A 61 -11.14 -6.30 -5.93
CA SER A 61 -11.38 -7.56 -5.18
C SER A 61 -10.25 -7.80 -4.16
N LYS A 62 -10.46 -8.71 -3.25
CA LYS A 62 -9.40 -8.99 -2.22
C LYS A 62 -8.11 -9.45 -2.91
N ASN A 63 -8.23 -10.22 -3.95
CA ASN A 63 -7.03 -10.72 -4.67
C ASN A 63 -6.23 -9.53 -5.24
N TYR A 64 -6.91 -8.58 -5.81
CA TYR A 64 -6.21 -7.40 -6.39
C TYR A 64 -5.70 -6.49 -5.26
N VAL A 65 -6.39 -6.46 -4.15
CA VAL A 65 -5.95 -5.62 -3.01
C VAL A 65 -4.57 -6.06 -2.53
N ASP A 66 -4.36 -7.34 -2.42
CA ASP A 66 -3.04 -7.84 -1.96
C ASP A 66 -1.93 -7.27 -2.84
N SER A 67 -2.08 -7.35 -4.13
CA SER A 67 -1.05 -6.81 -5.05
C SER A 67 -0.92 -5.30 -4.86
N ILE A 68 -2.01 -4.61 -4.74
CA ILE A 68 -1.96 -3.13 -4.55
C ILE A 68 -1.26 -2.81 -3.22
N VAL A 69 -1.59 -3.54 -2.19
CA VAL A 69 -0.96 -3.30 -0.87
C VAL A 69 0.55 -3.56 -0.98
N ALA A 70 0.93 -4.61 -1.64
CA ALA A 70 2.38 -4.93 -1.79
C ALA A 70 3.11 -3.76 -2.46
N SER A 71 2.60 -3.27 -3.55
CA SER A 71 3.26 -2.14 -4.25
C SER A 71 3.25 -0.90 -3.35
N THR A 72 2.14 -0.64 -2.71
CA THR A 72 2.05 0.55 -1.83
C THR A 72 3.04 0.42 -0.66
N ASN A 73 3.08 -0.74 -0.05
CA ASN A 73 4.00 -0.96 1.09
C ASN A 73 5.45 -0.81 0.61
N MET A 74 5.74 -1.29 -0.56
CA MET A 74 7.13 -1.19 -1.10
C MET A 74 7.51 0.29 -1.25
N ILE A 75 6.60 1.11 -1.67
CA ILE A 75 6.93 2.55 -1.83
C ILE A 75 7.32 3.15 -0.48
N PHE A 76 6.57 2.85 0.54
CA PHE A 76 6.91 3.42 1.89
C PHE A 76 8.28 2.91 2.33
N LYS A 77 8.52 1.63 2.22
CA LYS A 77 9.82 1.07 2.64
C LYS A 77 10.94 1.58 1.73
N TYR A 78 10.69 1.65 0.46
CA TYR A 78 11.73 2.13 -0.49
C TYR A 78 12.13 3.57 -0.14
N ALA A 79 11.16 4.42 0.08
CA ALA A 79 11.47 5.83 0.43
C ALA A 79 12.19 5.86 1.79
N TYR A 80 11.81 5.01 2.68
CA TYR A 80 12.46 4.98 4.03
C TYR A 80 13.95 4.66 3.86
N ASP A 81 14.26 3.72 3.01
CA ASP A 81 15.69 3.36 2.79
C ASP A 81 16.44 4.58 2.22
N THR A 82 15.81 5.32 1.36
CA THR A 82 16.48 6.51 0.78
C THR A 82 16.61 7.59 1.87
N ARG A 83 16.32 7.23 3.08
CA ARG A 83 16.42 8.20 4.21
C ARG A 83 15.56 9.44 3.95
N LEU A 84 14.38 9.24 3.42
CA LEU A 84 13.45 10.39 3.16
C LEU A 84 12.49 10.53 4.32
N ILE A 85 12.21 9.44 4.99
CA ILE A 85 11.28 9.49 6.16
C ILE A 85 11.79 8.55 7.25
N LYS A 86 11.65 8.93 8.48
CA LYS A 86 12.12 8.07 9.61
C LYS A 86 10.92 7.34 10.20
N ALA A 87 9.75 7.62 9.70
CA ALA A 87 8.52 6.97 10.24
C ALA A 87 8.24 5.67 9.49
N MET A 88 7.28 4.91 9.96
CA MET A 88 6.92 3.63 9.28
C MET A 88 5.42 3.39 9.42
N PRO A 89 4.64 4.11 8.66
CA PRO A 89 3.14 3.99 8.69
C PRO A 89 2.67 2.55 8.51
N SER A 90 3.29 1.81 7.63
CA SER A 90 2.89 0.41 7.40
C SER A 90 3.78 -0.54 8.21
N GLU A 91 3.21 -1.28 9.12
CA GLU A 91 4.02 -2.21 9.94
C GLU A 91 3.07 -3.19 10.66
N GLY A 92 2.96 -4.39 10.15
CA GLY A 92 2.08 -5.41 10.78
C GLY A 92 0.76 -4.78 11.22
N ILE A 93 -0.26 -4.87 10.38
CA ILE A 93 -1.59 -4.29 10.75
C ILE A 93 -2.54 -5.42 11.11
N LYS A 94 -3.05 -5.41 12.33
CA LYS A 94 -4.00 -6.48 12.78
C LYS A 94 -5.41 -5.92 12.84
N ARG A 95 -6.39 -6.77 12.67
CA ARG A 95 -7.81 -6.30 12.72
C ARG A 95 -8.67 -7.37 13.39
N PRO A 96 -8.55 -7.50 14.69
CA PRO A 96 -9.34 -8.50 15.48
C PRO A 96 -10.85 -8.29 15.36
N LYS A 97 -11.60 -9.36 15.42
CA LYS A 97 -13.09 -9.24 15.31
C LYS A 97 -13.66 -8.48 16.50
N LYS A 98 -14.96 -8.56 16.68
CA LYS A 98 -15.61 -7.84 17.80
C LYS A 98 -15.55 -8.72 19.06
N LYS A 99 -15.03 -9.91 18.94
CA LYS A 99 -14.95 -10.81 20.13
C LYS A 99 -13.71 -10.47 20.96
N VAL A 100 -13.76 -10.76 22.24
CA VAL A 100 -12.60 -10.47 23.14
C VAL A 100 -12.25 -8.99 23.04
N SER A 101 -13.18 -8.17 22.62
CA SER A 101 -12.91 -6.71 22.49
C SER A 101 -12.86 -6.06 23.87
N VAL A 102 -12.36 -4.84 23.94
CA VAL A 102 -12.24 -4.12 25.24
C VAL A 102 -13.29 -3.00 25.30
N GLU A 103 -14.03 -2.93 26.37
CA GLU A 103 -15.08 -1.88 26.50
C GLU A 103 -14.44 -0.54 26.85
N LEU A 104 -14.95 0.52 26.28
CA LEU A 104 -14.37 1.87 26.56
C LEU A 104 -14.98 2.43 27.86
N GLU A 105 -14.16 2.89 28.75
CA GLU A 105 -14.67 3.46 30.04
C GLU A 105 -15.36 4.80 29.80
N HIS A 106 -16.52 4.99 30.37
CA HIS A 106 -17.24 6.28 30.20
C HIS A 106 -18.46 6.29 31.11
N HIS A 107 -18.45 7.14 32.10
CA HIS A 107 -19.61 7.23 33.04
C HIS A 107 -19.61 8.62 33.67
N HIS A 108 -18.91 9.55 33.07
CA HIS A 108 -18.86 10.93 33.62
C HIS A 108 -20.14 11.67 33.23
N HIS A 109 -21.27 11.14 33.58
CA HIS A 109 -22.55 11.80 33.24
C HIS A 109 -22.68 13.10 34.03
N HIS A 110 -22.26 13.10 35.27
CA HIS A 110 -22.37 14.33 36.10
C HIS A 110 -21.31 15.36 35.67
N HIS A 111 -21.74 16.57 35.46
CA HIS A 111 -20.80 17.65 35.03
C HIS A 111 -19.61 17.72 36.01
N THR A 1 7.96 15.63 -3.48
CA THR A 1 8.91 14.64 -4.05
C THR A 1 8.23 13.28 -4.14
N PHE A 2 7.16 13.10 -3.42
CA PHE A 2 6.42 11.81 -3.43
C PHE A 2 5.89 11.54 -4.84
N LYS A 3 5.38 12.54 -5.50
CA LYS A 3 4.83 12.34 -6.87
C LYS A 3 5.89 11.69 -7.75
N GLN A 4 7.11 12.17 -7.69
CA GLN A 4 8.20 11.58 -8.51
C GLN A 4 8.51 10.16 -8.04
N VAL A 5 8.51 9.95 -6.74
CA VAL A 5 8.82 8.60 -6.19
C VAL A 5 7.72 7.62 -6.62
N ALA A 6 6.49 8.03 -6.51
CA ALA A 6 5.34 7.15 -6.89
C ALA A 6 5.46 6.77 -8.37
N ASP A 7 5.69 7.73 -9.21
CA ASP A 7 5.81 7.44 -10.68
C ASP A 7 7.04 6.56 -10.94
N ASP A 8 8.12 6.83 -10.27
CA ASP A 8 9.37 6.02 -10.47
C ASP A 8 9.12 4.56 -10.06
N TRP A 9 8.53 4.37 -8.92
CA TRP A 9 8.25 2.99 -8.43
C TRP A 9 7.34 2.25 -9.42
N LEU A 10 6.38 2.94 -9.98
CA LEU A 10 5.45 2.29 -10.96
C LEU A 10 6.25 1.79 -12.18
N LYS A 11 7.15 2.58 -12.66
CA LYS A 11 7.96 2.17 -13.85
C LYS A 11 8.80 0.94 -13.51
N GLN A 12 9.40 0.91 -12.35
CA GLN A 12 10.23 -0.26 -11.96
C GLN A 12 9.34 -1.47 -11.72
N TYR A 13 8.21 -1.28 -11.09
CA TYR A 13 7.28 -2.40 -10.82
C TYR A 13 6.83 -3.01 -12.15
N ALA A 14 6.86 -2.24 -13.20
CA ALA A 14 6.44 -2.74 -14.53
C ALA A 14 7.53 -3.68 -15.08
N ASN A 15 8.32 -4.25 -14.21
CA ASN A 15 9.42 -5.18 -14.65
C ASN A 15 8.84 -6.29 -15.53
N ASP A 16 8.83 -7.50 -15.03
CA ASP A 16 8.31 -8.65 -15.82
C ASP A 16 6.83 -8.87 -15.47
N VAL A 17 6.28 -8.02 -14.65
CA VAL A 17 4.86 -8.16 -14.24
C VAL A 17 3.94 -8.02 -15.47
N LYS A 18 2.67 -8.25 -15.27
CA LYS A 18 1.71 -8.16 -16.40
C LYS A 18 1.44 -6.69 -16.73
N VAL A 19 1.31 -6.39 -18.00
CA VAL A 19 1.04 -4.99 -18.45
C VAL A 19 -0.31 -4.53 -17.92
N SER A 20 -1.31 -5.36 -18.04
CA SER A 20 -2.68 -4.97 -17.55
C SER A 20 -2.62 -4.65 -16.06
N SER A 21 -1.85 -5.39 -15.31
CA SER A 21 -1.73 -5.14 -13.85
C SER A 21 -1.17 -3.73 -13.61
N VAL A 22 -0.21 -3.33 -14.41
CA VAL A 22 0.39 -1.98 -14.23
C VAL A 22 -0.69 -0.91 -14.43
N ARG A 23 -1.48 -1.05 -15.48
CA ARG A 23 -2.55 -0.05 -15.74
C ARG A 23 -3.56 -0.05 -14.58
N ALA A 24 -3.97 -1.22 -14.15
CA ALA A 24 -4.95 -1.30 -13.03
C ALA A 24 -4.29 -0.80 -11.75
N ARG A 25 -3.05 -1.14 -11.55
CA ARG A 25 -2.33 -0.69 -10.33
C ARG A 25 -2.21 0.84 -10.35
N GLU A 26 -1.87 1.37 -11.49
CA GLU A 26 -1.72 2.85 -11.61
C GLU A 26 -2.99 3.54 -11.10
N LYS A 27 -4.13 3.06 -11.52
CA LYS A 27 -5.42 3.66 -11.09
C LYS A 27 -5.59 3.46 -9.57
N ALA A 28 -5.14 2.35 -9.07
CA ALA A 28 -5.28 2.07 -7.60
C ALA A 28 -4.49 3.10 -6.79
N ILE A 29 -3.28 3.38 -7.20
CA ILE A 29 -2.44 4.36 -6.45
C ILE A 29 -2.79 5.78 -6.91
N GLN A 30 -3.43 5.89 -8.05
CA GLN A 30 -3.80 7.24 -8.57
C GLN A 30 -4.60 8.01 -7.53
N HIS A 31 -5.50 7.35 -6.85
CA HIS A 31 -6.32 8.04 -5.82
C HIS A 31 -5.43 8.46 -4.65
N ALA A 32 -4.54 7.60 -4.23
CA ALA A 32 -3.63 7.93 -3.09
C ALA A 32 -2.66 9.04 -3.52
N ILE A 33 -2.18 8.97 -4.74
CA ILE A 33 -1.22 10.01 -5.22
C ILE A 33 -1.91 11.37 -5.27
N GLU A 34 -3.13 11.40 -5.74
CA GLU A 34 -3.86 12.69 -5.83
C GLU A 34 -4.11 13.22 -4.41
N ARG A 35 -4.47 12.36 -3.52
CA ARG A 35 -4.74 12.78 -2.11
C ARG A 35 -3.44 13.19 -1.43
N PHE A 36 -2.40 12.45 -1.66
CA PHE A 36 -1.08 12.77 -1.03
C PHE A 36 -0.22 13.54 -2.03
N ASN A 37 -0.86 14.13 -3.01
CA ASN A 37 -0.11 14.92 -4.04
C ASN A 37 0.62 16.08 -3.37
N THR A 38 -0.02 16.74 -2.44
CA THR A 38 0.62 17.89 -1.75
C THR A 38 1.09 17.45 -0.37
N LYS A 39 0.67 16.29 0.08
CA LYS A 39 1.07 15.81 1.42
C LYS A 39 2.18 14.73 1.28
N PRO A 40 3.30 14.90 1.93
CA PRO A 40 4.42 13.92 1.87
C PRO A 40 4.14 12.65 2.68
N ILE A 41 4.86 11.61 2.40
CA ILE A 41 4.66 10.33 3.14
C ILE A 41 4.77 10.58 4.64
N GLN A 42 5.43 11.64 5.02
CA GLN A 42 5.59 11.95 6.46
C GLN A 42 4.23 12.34 7.06
N THR A 43 3.25 12.57 6.24
CA THR A 43 1.89 12.96 6.76
C THR A 43 1.00 11.72 6.79
N ILE A 44 1.47 10.61 6.29
CA ILE A 44 0.65 9.37 6.30
C ILE A 44 0.81 8.66 7.63
N LYS A 45 -0.29 8.42 8.30
CA LYS A 45 -0.24 7.73 9.64
C LYS A 45 -0.86 6.34 9.52
N LYS A 46 -1.00 5.67 10.63
CA LYS A 46 -1.59 4.30 10.63
C LYS A 46 -3.03 4.34 10.14
N HIS A 47 -3.79 5.31 10.60
CA HIS A 47 -5.22 5.42 10.19
C HIS A 47 -5.31 5.76 8.69
N ASP A 48 -4.46 6.63 8.23
CA ASP A 48 -4.49 7.04 6.79
C ASP A 48 -4.18 5.83 5.91
N TYR A 49 -3.21 5.05 6.29
CA TYR A 49 -2.83 3.84 5.50
C TYR A 49 -4.00 2.86 5.45
N GLN A 50 -4.64 2.66 6.57
CA GLN A 50 -5.79 1.70 6.62
C GLN A 50 -6.91 2.24 5.73
N ARG A 51 -7.09 3.54 5.72
CA ARG A 51 -8.16 4.16 4.87
C ARG A 51 -7.90 3.84 3.40
N PHE A 52 -6.67 3.92 2.98
CA PHE A 52 -6.34 3.63 1.55
C PHE A 52 -6.73 2.18 1.22
N VAL A 53 -6.42 1.26 2.09
CA VAL A 53 -6.76 -0.17 1.83
C VAL A 53 -8.27 -0.32 1.73
N ASP A 54 -9.00 0.30 2.63
CA ASP A 54 -10.49 0.22 2.59
C ASP A 54 -11.01 0.94 1.36
N ASP A 55 -10.36 2.00 0.97
CA ASP A 55 -10.80 2.78 -0.23
C ASP A 55 -10.75 1.89 -1.48
N ILE A 56 -9.67 1.19 -1.67
CA ILE A 56 -9.55 0.30 -2.87
C ILE A 56 -10.38 -0.97 -2.68
N SER A 57 -10.66 -1.33 -1.46
CA SER A 57 -11.45 -2.56 -1.21
C SER A 57 -12.84 -2.40 -1.84
N ALA A 58 -13.38 -1.21 -1.81
CA ALA A 58 -14.72 -0.97 -2.40
C ALA A 58 -14.61 -0.78 -3.91
N GLN A 59 -13.40 -0.67 -4.40
CA GLN A 59 -13.20 -0.48 -5.87
C GLN A 59 -12.54 -1.72 -6.47
N TYR A 60 -11.93 -2.54 -5.64
CA TYR A 60 -11.26 -3.78 -6.15
C TYR A 60 -11.60 -4.97 -5.26
N SER A 61 -11.52 -6.16 -5.80
CA SER A 61 -11.83 -7.39 -5.03
C SER A 61 -10.71 -7.72 -4.05
N LYS A 62 -10.96 -8.66 -3.18
CA LYS A 62 -9.95 -9.06 -2.17
C LYS A 62 -8.68 -9.54 -2.87
N ASN A 63 -8.81 -10.30 -3.92
CA ASN A 63 -7.61 -10.83 -4.62
C ASN A 63 -6.79 -9.67 -5.19
N TYR A 64 -7.44 -8.70 -5.78
CA TYR A 64 -6.72 -7.53 -6.36
C TYR A 64 -6.18 -6.66 -5.22
N VAL A 65 -6.91 -6.55 -4.15
CA VAL A 65 -6.47 -5.71 -3.00
C VAL A 65 -5.15 -6.24 -2.44
N ASP A 66 -5.04 -7.53 -2.28
CA ASP A 66 -3.80 -8.12 -1.72
C ASP A 66 -2.58 -7.66 -2.53
N SER A 67 -2.67 -7.75 -3.83
CA SER A 67 -1.53 -7.30 -4.69
C SER A 67 -1.31 -5.79 -4.55
N ILE A 68 -2.38 -5.04 -4.51
CA ILE A 68 -2.27 -3.56 -4.37
C ILE A 68 -1.63 -3.23 -3.02
N VAL A 69 -2.06 -3.90 -1.98
CA VAL A 69 -1.52 -3.63 -0.63
C VAL A 69 0.00 -3.88 -0.63
N ALA A 70 0.41 -4.99 -1.19
CA ALA A 70 1.87 -5.31 -1.23
C ALA A 70 2.62 -4.27 -2.07
N SER A 71 2.05 -3.88 -3.18
CA SER A 71 2.70 -2.87 -4.06
C SER A 71 2.80 -1.54 -3.31
N THR A 72 1.74 -1.16 -2.65
CA THR A 72 1.73 0.13 -1.90
C THR A 72 2.80 0.10 -0.80
N ASN A 73 2.89 -1.00 -0.10
CA ASN A 73 3.91 -1.11 0.99
C ASN A 73 5.31 -0.96 0.42
N MET A 74 5.54 -1.50 -0.75
CA MET A 74 6.88 -1.40 -1.39
C MET A 74 7.20 0.07 -1.70
N ILE A 75 6.22 0.83 -2.09
CA ILE A 75 6.48 2.27 -2.41
C ILE A 75 6.98 3.00 -1.16
N PHE A 76 6.34 2.77 -0.05
CA PHE A 76 6.77 3.44 1.22
C PHE A 76 8.13 2.91 1.64
N LYS A 77 8.33 1.63 1.48
CA LYS A 77 9.63 1.00 1.86
C LYS A 77 10.74 1.57 0.98
N TYR A 78 10.44 1.78 -0.27
CA TYR A 78 11.46 2.34 -1.21
C TYR A 78 11.92 3.71 -0.71
N ALA A 79 11.00 4.55 -0.32
CA ALA A 79 11.37 5.90 0.18
C ALA A 79 12.14 5.77 1.50
N TYR A 80 11.75 4.83 2.33
CA TYR A 80 12.43 4.63 3.64
C TYR A 80 13.89 4.24 3.39
N ASP A 81 14.12 3.38 2.44
CA ASP A 81 15.51 2.94 2.12
C ASP A 81 16.33 4.13 1.62
N THR A 82 15.70 5.04 0.92
CA THR A 82 16.43 6.23 0.40
C THR A 82 16.66 7.24 1.54
N ARG A 83 16.39 6.82 2.75
CA ARG A 83 16.59 7.70 3.95
C ARG A 83 15.79 9.00 3.78
N LEU A 84 14.83 9.00 2.89
CA LEU A 84 14.00 10.23 2.69
C LEU A 84 13.18 10.49 3.94
N ILE A 85 12.65 9.45 4.53
CA ILE A 85 11.81 9.59 5.76
C ILE A 85 12.34 8.67 6.84
N LYS A 86 12.25 9.09 8.07
CA LYS A 86 12.73 8.27 9.21
C LYS A 86 11.54 7.54 9.82
N ALA A 87 10.35 7.85 9.37
CA ALA A 87 9.13 7.20 9.92
C ALA A 87 8.76 5.96 9.10
N MET A 88 8.05 5.05 9.72
CA MET A 88 7.63 3.81 9.02
C MET A 88 6.32 3.32 9.63
N PRO A 89 5.27 4.09 9.50
CA PRO A 89 3.94 3.72 10.06
C PRO A 89 3.22 2.68 9.19
N SER A 90 3.05 1.49 9.72
CA SER A 90 2.37 0.41 8.97
C SER A 90 2.31 -0.84 9.84
N GLU A 91 3.37 -1.12 10.56
CA GLU A 91 3.40 -2.33 11.44
C GLU A 91 2.44 -2.15 12.62
N GLY A 92 1.88 -3.24 13.07
CA GLY A 92 0.92 -3.19 14.22
C GLY A 92 -0.50 -3.38 13.70
N ILE A 93 -0.66 -3.43 12.40
CA ILE A 93 -2.03 -3.62 11.82
C ILE A 93 -2.34 -5.11 11.74
N LYS A 94 -1.40 -5.94 12.15
CA LYS A 94 -1.62 -7.42 12.12
C LYS A 94 -1.74 -7.96 13.53
N ARG A 95 -2.93 -8.35 13.91
CA ARG A 95 -3.16 -8.89 15.29
C ARG A 95 -3.42 -10.40 15.21
N PRO A 96 -4.14 -10.86 14.20
CA PRO A 96 -4.44 -12.31 14.05
C PRO A 96 -3.15 -13.13 13.89
N LYS A 97 -2.03 -12.45 13.89
CA LYS A 97 -0.72 -13.15 13.74
C LYS A 97 -0.70 -13.96 12.44
N LYS A 98 -0.44 -13.29 11.35
CA LYS A 98 -0.38 -13.97 10.02
C LYS A 98 -1.68 -14.72 9.74
N LYS A 99 -2.40 -14.28 8.74
CA LYS A 99 -3.69 -14.93 8.38
C LYS A 99 -3.43 -16.26 7.68
N VAL A 100 -4.33 -17.19 7.85
CA VAL A 100 -4.19 -18.54 7.21
C VAL A 100 -5.31 -18.75 6.20
N SER A 101 -4.95 -19.17 5.02
CA SER A 101 -5.96 -19.41 3.94
C SER A 101 -6.79 -20.65 4.26
N VAL A 102 -8.04 -20.63 3.87
CA VAL A 102 -8.93 -21.79 4.14
C VAL A 102 -8.93 -22.71 2.91
N GLU A 103 -8.59 -23.95 3.12
CA GLU A 103 -8.57 -24.94 1.99
C GLU A 103 -9.62 -26.02 2.25
N LEU A 104 -10.51 -25.77 3.17
CA LEU A 104 -11.58 -26.76 3.48
C LEU A 104 -12.77 -26.52 2.54
N GLU A 105 -12.68 -25.49 1.74
CA GLU A 105 -13.78 -25.17 0.79
C GLU A 105 -13.54 -25.89 -0.54
N HIS A 106 -14.50 -26.68 -0.96
CA HIS A 106 -14.37 -27.43 -2.25
C HIS A 106 -15.73 -27.44 -2.93
N HIS A 107 -16.50 -26.39 -2.79
CA HIS A 107 -17.86 -26.32 -3.43
C HIS A 107 -18.07 -24.94 -4.06
N HIS A 108 -18.63 -24.90 -5.24
CA HIS A 108 -18.88 -23.60 -5.93
C HIS A 108 -20.13 -23.69 -6.81
N HIS A 109 -20.84 -22.61 -6.98
CA HIS A 109 -22.07 -22.61 -7.82
C HIS A 109 -22.26 -21.22 -8.47
N HIS A 110 -22.30 -21.18 -9.78
CA HIS A 110 -22.50 -19.88 -10.48
C HIS A 110 -24.00 -19.54 -10.49
N HIS A 111 -24.82 -20.52 -10.24
CA HIS A 111 -26.30 -20.28 -10.23
C HIS A 111 -26.74 -19.61 -11.53
N THR A 1 9.63 14.81 -5.73
CA THR A 1 8.66 14.62 -4.61
C THR A 1 8.35 13.14 -4.43
N PHE A 2 7.40 12.83 -3.59
CA PHE A 2 7.03 11.41 -3.35
C PHE A 2 6.45 10.80 -4.63
N LYS A 3 5.75 11.58 -5.41
CA LYS A 3 5.16 11.06 -6.66
C LYS A 3 6.25 10.55 -7.59
N GLN A 4 7.33 11.27 -7.70
CA GLN A 4 8.44 10.82 -8.58
C GLN A 4 8.95 9.47 -8.10
N VAL A 5 9.05 9.30 -6.81
CA VAL A 5 9.53 8.01 -6.25
C VAL A 5 8.54 6.90 -6.60
N ALA A 6 7.26 7.17 -6.45
CA ALA A 6 6.23 6.15 -6.77
C ALA A 6 6.29 5.83 -8.27
N ASP A 7 6.50 6.82 -9.09
CA ASP A 7 6.57 6.59 -10.56
C ASP A 7 7.77 5.70 -10.89
N ASP A 8 8.89 5.94 -10.25
CA ASP A 8 10.10 5.11 -10.51
C ASP A 8 9.84 3.65 -10.13
N TRP A 9 9.27 3.44 -8.98
CA TRP A 9 8.98 2.05 -8.53
C TRP A 9 7.95 1.42 -9.45
N LEU A 10 6.95 2.17 -9.82
CA LEU A 10 5.87 1.61 -10.69
C LEU A 10 6.47 1.22 -12.05
N LYS A 11 7.28 2.07 -12.61
CA LYS A 11 7.89 1.76 -13.93
C LYS A 11 8.77 0.51 -13.80
N GLN A 12 9.54 0.44 -12.75
CA GLN A 12 10.42 -0.74 -12.57
C GLN A 12 9.56 -1.98 -12.29
N TYR A 13 8.51 -1.83 -11.54
CA TYR A 13 7.63 -2.98 -11.23
C TYR A 13 6.81 -3.34 -12.46
N ALA A 14 6.77 -2.46 -13.42
CA ALA A 14 5.99 -2.74 -14.66
C ALA A 14 6.75 -3.74 -15.53
N ASN A 15 7.95 -4.07 -15.15
CA ASN A 15 8.77 -5.03 -15.94
C ASN A 15 8.48 -6.47 -15.51
N ASP A 16 8.62 -7.40 -16.43
CA ASP A 16 8.38 -8.83 -16.11
C ASP A 16 6.91 -9.03 -15.76
N VAL A 17 6.06 -8.13 -16.16
CA VAL A 17 4.60 -8.26 -15.86
C VAL A 17 3.77 -7.74 -17.04
N LYS A 18 2.57 -8.23 -17.17
CA LYS A 18 1.70 -7.78 -18.29
C LYS A 18 1.27 -6.31 -18.08
N VAL A 19 1.15 -5.57 -19.16
CA VAL A 19 0.74 -4.15 -19.05
C VAL A 19 -0.71 -4.07 -18.56
N SER A 20 -1.49 -5.08 -18.84
CA SER A 20 -2.92 -5.07 -18.40
C SER A 20 -3.01 -4.95 -16.88
N SER A 21 -2.23 -5.75 -16.18
CA SER A 21 -2.27 -5.70 -14.69
C SER A 21 -1.64 -4.38 -14.20
N VAL A 22 -0.59 -3.96 -14.86
CA VAL A 22 0.08 -2.69 -14.45
C VAL A 22 -0.85 -1.51 -14.72
N ARG A 23 -1.51 -1.53 -15.85
CA ARG A 23 -2.43 -0.40 -16.19
C ARG A 23 -3.46 -0.24 -15.07
N ALA A 24 -4.03 -1.33 -14.64
CA ALA A 24 -5.05 -1.25 -13.55
C ALA A 24 -4.33 -0.93 -12.24
N ARG A 25 -3.06 -1.20 -12.18
CA ARG A 25 -2.30 -0.94 -10.92
C ARG A 25 -1.93 0.55 -10.88
N GLU A 26 -1.64 1.12 -12.02
CA GLU A 26 -1.26 2.56 -12.06
C GLU A 26 -2.46 3.41 -11.64
N LYS A 27 -3.60 3.15 -12.20
CA LYS A 27 -4.81 3.93 -11.84
C LYS A 27 -5.17 3.65 -10.37
N ALA A 28 -4.89 2.45 -9.92
CA ALA A 28 -5.22 2.08 -8.52
C ALA A 28 -4.44 2.99 -7.55
N ILE A 29 -3.20 3.27 -7.85
CA ILE A 29 -2.40 4.14 -6.95
C ILE A 29 -2.64 5.61 -7.31
N GLN A 30 -3.20 5.86 -8.46
CA GLN A 30 -3.46 7.27 -8.87
C GLN A 30 -4.35 7.95 -7.84
N HIS A 31 -5.32 7.24 -7.33
CA HIS A 31 -6.21 7.85 -6.31
C HIS A 31 -5.39 8.16 -5.06
N ALA A 32 -4.51 7.27 -4.70
CA ALA A 32 -3.66 7.51 -3.49
C ALA A 32 -2.74 8.71 -3.73
N ILE A 33 -2.18 8.80 -4.90
CA ILE A 33 -1.28 9.94 -5.21
C ILE A 33 -2.08 11.25 -5.14
N GLU A 34 -3.26 11.24 -5.67
CA GLU A 34 -4.10 12.47 -5.63
C GLU A 34 -4.37 12.85 -4.17
N ARG A 35 -4.62 11.88 -3.34
CA ARG A 35 -4.89 12.18 -1.89
C ARG A 35 -3.63 12.75 -1.25
N PHE A 36 -2.48 12.25 -1.61
CA PHE A 36 -1.21 12.76 -1.02
C PHE A 36 -0.68 13.92 -1.87
N ASN A 37 -1.50 14.43 -2.75
CA ASN A 37 -1.06 15.56 -3.61
C ASN A 37 -0.76 16.78 -2.74
N THR A 38 -1.59 17.04 -1.76
CA THR A 38 -1.37 18.22 -0.86
C THR A 38 -0.84 17.72 0.48
N LYS A 39 -0.92 16.44 0.73
CA LYS A 39 -0.41 15.89 2.03
C LYS A 39 0.90 15.12 1.78
N PRO A 40 2.03 15.64 2.21
CA PRO A 40 3.35 14.96 2.00
C PRO A 40 3.31 13.48 2.43
N ILE A 41 4.07 12.66 1.76
CA ILE A 41 4.09 11.21 2.09
C ILE A 41 4.35 11.05 3.60
N GLN A 42 5.09 11.95 4.18
CA GLN A 42 5.39 11.86 5.63
C GLN A 42 4.10 12.00 6.45
N THR A 43 3.01 12.34 5.81
CA THR A 43 1.72 12.50 6.55
C THR A 43 0.96 11.16 6.59
N ILE A 44 1.57 10.10 6.13
CA ILE A 44 0.86 8.78 6.17
C ILE A 44 0.99 8.19 7.58
N LYS A 45 -0.14 7.98 8.24
CA LYS A 45 -0.12 7.41 9.61
C LYS A 45 -0.78 6.04 9.61
N LYS A 46 -0.91 5.43 10.76
CA LYS A 46 -1.53 4.09 10.85
C LYS A 46 -3.01 4.17 10.42
N HIS A 47 -3.72 5.16 10.90
CA HIS A 47 -5.15 5.28 10.53
C HIS A 47 -5.29 5.63 9.04
N ASP A 48 -4.45 6.50 8.56
CA ASP A 48 -4.52 6.90 7.13
C ASP A 48 -4.21 5.69 6.23
N TYR A 49 -3.22 4.91 6.60
CA TYR A 49 -2.86 3.73 5.77
C TYR A 49 -4.04 2.75 5.74
N GLN A 50 -4.62 2.47 6.87
CA GLN A 50 -5.78 1.54 6.93
C GLN A 50 -6.95 2.16 6.16
N ARG A 51 -7.10 3.45 6.27
CA ARG A 51 -8.21 4.14 5.55
C ARG A 51 -8.05 3.92 4.05
N PHE A 52 -6.85 4.04 3.56
CA PHE A 52 -6.60 3.84 2.10
C PHE A 52 -6.94 2.40 1.71
N VAL A 53 -6.54 1.44 2.51
CA VAL A 53 -6.83 0.02 2.17
C VAL A 53 -8.35 -0.20 2.08
N ASP A 54 -9.08 0.30 3.03
CA ASP A 54 -10.56 0.14 3.02
C ASP A 54 -11.15 0.91 1.83
N ASP A 55 -10.59 2.05 1.52
CA ASP A 55 -11.14 2.86 0.38
C ASP A 55 -11.03 2.06 -0.92
N ILE A 56 -9.91 1.44 -1.17
CA ILE A 56 -9.75 0.67 -2.43
C ILE A 56 -10.52 -0.65 -2.33
N SER A 57 -10.74 -1.12 -1.13
CA SER A 57 -11.49 -2.40 -0.97
C SER A 57 -12.89 -2.26 -1.55
N ALA A 58 -13.51 -1.14 -1.34
CA ALA A 58 -14.89 -0.93 -1.87
C ALA A 58 -14.83 -0.61 -3.36
N GLN A 59 -13.66 -0.36 -3.89
CA GLN A 59 -13.52 -0.02 -5.34
C GLN A 59 -12.90 -1.20 -6.09
N TYR A 60 -12.22 -2.06 -5.37
CA TYR A 60 -11.58 -3.25 -6.03
C TYR A 60 -11.79 -4.50 -5.20
N SER A 61 -11.70 -5.64 -5.82
CA SER A 61 -11.90 -6.92 -5.09
C SER A 61 -10.79 -7.12 -4.04
N LYS A 62 -11.06 -7.86 -3.01
CA LYS A 62 -10.05 -8.11 -1.95
C LYS A 62 -8.81 -8.77 -2.57
N ASN A 63 -9.00 -9.60 -3.55
CA ASN A 63 -7.84 -10.29 -4.19
C ASN A 63 -6.92 -9.24 -4.82
N TYR A 64 -7.48 -8.25 -5.45
CA TYR A 64 -6.66 -7.19 -6.10
C TYR A 64 -6.07 -6.27 -5.03
N VAL A 65 -6.73 -6.14 -3.92
CA VAL A 65 -6.24 -5.25 -2.83
C VAL A 65 -4.89 -5.76 -2.31
N ASP A 66 -4.77 -7.04 -2.12
CA ASP A 66 -3.49 -7.61 -1.61
C ASP A 66 -2.33 -7.14 -2.49
N SER A 67 -2.50 -7.21 -3.78
CA SER A 67 -1.41 -6.77 -4.69
C SER A 67 -1.15 -5.27 -4.50
N ILE A 68 -2.20 -4.50 -4.38
CA ILE A 68 -2.04 -3.03 -4.17
C ILE A 68 -1.33 -2.79 -2.84
N VAL A 69 -1.70 -3.53 -1.83
CA VAL A 69 -1.06 -3.36 -0.50
C VAL A 69 0.44 -3.63 -0.63
N ALA A 70 0.82 -4.67 -1.32
CA ALA A 70 2.27 -4.98 -1.47
C ALA A 70 3.00 -3.83 -2.16
N SER A 71 2.49 -3.38 -3.28
CA SER A 71 3.15 -2.26 -4.01
C SER A 71 3.12 -0.99 -3.15
N THR A 72 2.02 -0.73 -2.51
CA THR A 72 1.91 0.49 -1.66
C THR A 72 2.98 0.48 -0.56
N ASN A 73 3.13 -0.61 0.12
CA ASN A 73 4.17 -0.70 1.20
C ASN A 73 5.57 -0.54 0.60
N MET A 74 5.79 -1.09 -0.56
CA MET A 74 7.13 -1.00 -1.20
C MET A 74 7.45 0.48 -1.49
N ILE A 75 6.49 1.24 -1.91
CA ILE A 75 6.75 2.67 -2.21
C ILE A 75 7.20 3.38 -0.92
N PHE A 76 6.51 3.14 0.17
CA PHE A 76 6.88 3.79 1.46
C PHE A 76 8.20 3.20 1.96
N LYS A 77 8.36 1.93 1.86
CA LYS A 77 9.61 1.29 2.33
C LYS A 77 10.77 1.76 1.46
N TYR A 78 10.57 1.84 0.17
CA TYR A 78 11.66 2.29 -0.74
C TYR A 78 12.10 3.71 -0.33
N ALA A 79 11.15 4.59 -0.13
CA ALA A 79 11.49 5.98 0.25
C ALA A 79 12.16 5.96 1.63
N TYR A 80 11.70 5.14 2.52
CA TYR A 80 12.30 5.06 3.87
C TYR A 80 13.75 4.61 3.75
N ASP A 81 14.00 3.63 2.92
CA ASP A 81 15.39 3.13 2.74
C ASP A 81 16.27 4.26 2.22
N THR A 82 15.75 5.05 1.31
CA THR A 82 16.54 6.18 0.75
C THR A 82 16.70 7.27 1.82
N ARG A 83 16.40 6.96 3.04
CA ARG A 83 16.54 7.97 4.13
C ARG A 83 15.75 9.23 3.75
N LEU A 84 14.83 9.10 2.84
CA LEU A 84 14.02 10.27 2.43
C LEU A 84 13.19 10.76 3.63
N ILE A 85 12.61 9.84 4.35
CA ILE A 85 11.78 10.20 5.54
C ILE A 85 12.28 9.44 6.77
N LYS A 86 12.09 9.99 7.93
CA LYS A 86 12.55 9.32 9.17
C LYS A 86 11.39 8.55 9.79
N ALA A 87 10.21 8.72 9.26
CA ALA A 87 9.01 8.02 9.81
C ALA A 87 8.72 6.76 9.00
N MET A 88 8.03 5.82 9.58
CA MET A 88 7.70 4.57 8.83
C MET A 88 6.63 3.78 9.59
N PRO A 89 5.47 4.37 9.80
CA PRO A 89 4.35 3.69 10.52
C PRO A 89 3.76 2.56 9.67
N SER A 90 4.07 2.54 8.41
CA SER A 90 3.50 1.48 7.52
C SER A 90 4.36 0.21 7.62
N GLU A 91 3.95 -0.73 8.42
CA GLU A 91 4.73 -2.00 8.55
C GLU A 91 3.92 -3.01 9.38
N GLY A 92 3.52 -4.09 8.76
CA GLY A 92 2.74 -5.13 9.50
C GLY A 92 1.60 -4.48 10.28
N ILE A 93 0.49 -4.21 9.63
CA ILE A 93 -0.66 -3.58 10.33
C ILE A 93 -1.73 -4.64 10.65
N LYS A 94 -2.02 -4.80 11.91
CA LYS A 94 -3.04 -5.79 12.35
C LYS A 94 -2.70 -7.19 11.82
N ARG A 95 -2.46 -8.12 12.71
CA ARG A 95 -2.13 -9.51 12.31
C ARG A 95 -2.89 -10.50 13.21
N PRO A 96 -4.20 -10.41 13.22
CA PRO A 96 -5.06 -11.30 14.05
C PRO A 96 -5.13 -12.73 13.51
N LYS A 97 -5.43 -13.67 14.36
CA LYS A 97 -5.52 -15.09 13.91
C LYS A 97 -6.90 -15.35 13.30
N LYS A 98 -7.00 -15.33 12.01
CA LYS A 98 -8.31 -15.58 11.33
C LYS A 98 -8.25 -16.87 10.53
N LYS A 99 -9.22 -17.73 10.70
CA LYS A 99 -9.22 -19.02 9.97
C LYS A 99 -9.71 -18.81 8.53
N VAL A 100 -9.54 -19.81 7.70
CA VAL A 100 -9.98 -19.70 6.29
C VAL A 100 -11.52 -19.63 6.23
N SER A 101 -12.04 -18.50 5.83
CA SER A 101 -13.52 -18.33 5.75
C SER A 101 -14.03 -18.83 4.38
N VAL A 102 -15.26 -19.23 4.33
CA VAL A 102 -15.82 -19.72 3.04
C VAL A 102 -16.29 -18.53 2.19
N GLU A 103 -15.62 -17.42 2.30
CA GLU A 103 -16.01 -16.20 1.51
C GLU A 103 -17.46 -15.84 1.81
N LEU A 104 -18.07 -16.52 2.74
CA LEU A 104 -19.48 -16.23 3.12
C LEU A 104 -20.32 -15.91 1.89
N GLU A 105 -21.47 -15.32 2.08
CA GLU A 105 -22.36 -14.96 0.93
C GLU A 105 -22.73 -16.23 0.16
N HIS A 106 -21.81 -16.74 -0.62
CA HIS A 106 -22.07 -17.96 -1.42
C HIS A 106 -23.29 -17.75 -2.31
N HIS A 107 -23.09 -17.71 -3.60
CA HIS A 107 -24.21 -17.51 -4.56
C HIS A 107 -23.93 -18.24 -5.86
N HIS A 108 -24.92 -18.43 -6.68
CA HIS A 108 -24.70 -19.13 -7.98
C HIS A 108 -25.75 -18.66 -9.00
N HIS A 109 -25.47 -18.85 -10.26
CA HIS A 109 -26.42 -18.43 -11.33
C HIS A 109 -27.44 -19.54 -11.56
N HIS A 110 -27.23 -20.68 -10.97
CA HIS A 110 -28.17 -21.82 -11.16
C HIS A 110 -29.53 -21.51 -10.52
N HIS A 111 -30.59 -21.88 -11.20
CA HIS A 111 -31.96 -21.62 -10.67
C HIS A 111 -32.07 -22.10 -9.22
N THR A 1 6.77 15.48 -5.27
CA THR A 1 7.41 14.59 -6.27
C THR A 1 7.11 13.13 -5.92
N PHE A 2 6.09 12.90 -5.14
CA PHE A 2 5.73 11.51 -4.76
C PHE A 2 5.34 10.72 -6.01
N LYS A 3 4.58 11.32 -6.88
CA LYS A 3 4.14 10.61 -8.11
C LYS A 3 5.36 10.28 -8.96
N GLN A 4 6.36 11.12 -8.92
CA GLN A 4 7.59 10.87 -9.73
C GLN A 4 8.22 9.54 -9.29
N VAL A 5 8.40 9.37 -8.02
CA VAL A 5 9.00 8.10 -7.50
C VAL A 5 8.02 6.95 -7.73
N ALA A 6 6.76 7.17 -7.50
CA ALA A 6 5.75 6.08 -7.69
C ALA A 6 5.88 5.51 -9.10
N ASP A 7 5.92 6.36 -10.09
CA ASP A 7 6.05 5.86 -11.49
C ASP A 7 7.39 5.15 -11.68
N ASP A 8 8.42 5.65 -11.06
CA ASP A 8 9.76 5.02 -11.21
C ASP A 8 9.71 3.58 -10.67
N TRP A 9 9.13 3.41 -9.52
CA TRP A 9 9.02 2.05 -8.93
C TRP A 9 8.10 1.19 -9.79
N LEU A 10 7.03 1.76 -10.26
CA LEU A 10 6.06 0.99 -11.10
C LEU A 10 6.75 0.53 -12.39
N LYS A 11 7.56 1.38 -12.97
CA LYS A 11 8.25 1.00 -14.24
C LYS A 11 9.14 -0.22 -13.99
N GLN A 12 9.90 -0.20 -12.94
CA GLN A 12 10.80 -1.35 -12.63
C GLN A 12 9.96 -2.53 -12.14
N TYR A 13 8.96 -2.26 -11.35
CA TYR A 13 8.09 -3.34 -10.83
C TYR A 13 7.19 -3.86 -11.95
N ALA A 14 7.11 -3.14 -13.04
CA ALA A 14 6.24 -3.57 -14.17
C ALA A 14 6.91 -4.74 -14.91
N ASN A 15 8.12 -5.07 -14.55
CA ASN A 15 8.82 -6.19 -15.24
C ASN A 15 8.40 -7.52 -14.60
N ASP A 16 7.82 -7.47 -13.43
CA ASP A 16 7.37 -8.73 -12.76
C ASP A 16 5.88 -8.93 -13.03
N VAL A 17 5.24 -7.95 -13.61
CA VAL A 17 3.77 -8.07 -13.92
C VAL A 17 3.47 -7.47 -15.29
N LYS A 18 2.34 -7.81 -15.84
CA LYS A 18 1.96 -7.29 -17.19
C LYS A 18 1.76 -5.77 -17.12
N VAL A 19 2.07 -5.09 -18.19
CA VAL A 19 1.92 -3.61 -18.23
C VAL A 19 0.44 -3.24 -18.02
N SER A 20 -0.46 -4.01 -18.55
CA SER A 20 -1.91 -3.70 -18.38
C SER A 20 -2.27 -3.68 -16.90
N SER A 21 -1.79 -4.65 -16.15
CA SER A 21 -2.10 -4.70 -14.70
C SER A 21 -1.46 -3.50 -14.00
N VAL A 22 -0.33 -3.06 -14.46
CA VAL A 22 0.35 -1.89 -13.83
C VAL A 22 -0.53 -0.66 -13.97
N ARG A 23 -1.08 -0.44 -15.13
CA ARG A 23 -1.94 0.75 -15.35
C ARG A 23 -3.16 0.69 -14.43
N ALA A 24 -3.79 -0.44 -14.32
CA ALA A 24 -4.98 -0.55 -13.44
C ALA A 24 -4.54 -0.46 -11.97
N ARG A 25 -3.48 -1.11 -11.62
CA ARG A 25 -3.00 -1.07 -10.21
C ARG A 25 -2.51 0.35 -9.88
N GLU A 26 -1.83 0.98 -10.80
CA GLU A 26 -1.33 2.36 -10.56
C GLU A 26 -2.52 3.27 -10.28
N LYS A 27 -3.58 3.11 -11.02
CA LYS A 27 -4.78 3.97 -10.82
C LYS A 27 -5.35 3.75 -9.42
N ALA A 28 -5.34 2.54 -8.95
CA ALA A 28 -5.88 2.25 -7.59
C ALA A 28 -5.11 3.04 -6.54
N ILE A 29 -3.81 3.03 -6.60
CA ILE A 29 -3.00 3.78 -5.60
C ILE A 29 -2.91 5.25 -6.01
N GLN A 30 -3.20 5.54 -7.25
CA GLN A 30 -3.14 6.96 -7.72
C GLN A 30 -4.04 7.83 -6.83
N HIS A 31 -5.09 7.26 -6.32
CA HIS A 31 -6.01 8.04 -5.46
C HIS A 31 -5.24 8.60 -4.26
N ALA A 32 -4.39 7.81 -3.67
CA ALA A 32 -3.61 8.29 -2.50
C ALA A 32 -2.61 9.36 -2.97
N ILE A 33 -2.02 9.16 -4.11
CA ILE A 33 -1.02 10.13 -4.63
C ILE A 33 -1.71 11.47 -4.92
N GLU A 34 -2.87 11.43 -5.51
CA GLU A 34 -3.59 12.70 -5.81
C GLU A 34 -3.95 13.43 -4.51
N ARG A 35 -4.42 12.69 -3.54
CA ARG A 35 -4.81 13.32 -2.23
C ARG A 35 -3.59 13.87 -1.51
N PHE A 36 -2.48 13.16 -1.56
CA PHE A 36 -1.24 13.63 -0.86
C PHE A 36 -0.32 14.28 -1.89
N ASN A 37 -0.87 14.66 -3.02
CA ASN A 37 -0.05 15.32 -4.08
C ASN A 37 0.48 16.66 -3.57
N THR A 38 -0.35 17.40 -2.86
CA THR A 38 0.09 18.72 -2.35
C THR A 38 0.59 18.57 -0.92
N LYS A 39 0.26 17.49 -0.26
CA LYS A 39 0.72 17.30 1.14
C LYS A 39 1.83 16.25 1.22
N PRO A 40 2.73 16.35 2.17
CA PRO A 40 3.85 15.36 2.33
C PRO A 40 3.35 13.91 2.40
N ILE A 41 4.09 13.00 1.81
CA ILE A 41 3.70 11.56 1.84
C ILE A 41 3.84 11.02 3.26
N GLN A 42 4.87 11.42 3.96
CA GLN A 42 5.09 10.93 5.35
C GLN A 42 3.89 11.32 6.22
N THR A 43 2.96 12.06 5.69
CA THR A 43 1.78 12.48 6.48
C THR A 43 0.83 11.30 6.66
N ILE A 44 1.14 10.17 6.05
CA ILE A 44 0.23 9.00 6.18
C ILE A 44 0.62 8.18 7.41
N LYS A 45 -0.32 7.95 8.30
CA LYS A 45 -0.03 7.17 9.54
C LYS A 45 -0.65 5.77 9.44
N LYS A 46 -0.52 5.01 10.49
CA LYS A 46 -1.07 3.63 10.48
C LYS A 46 -2.60 3.68 10.31
N HIS A 47 -3.25 4.53 11.06
CA HIS A 47 -4.73 4.64 10.97
C HIS A 47 -5.13 5.10 9.57
N ASP A 48 -4.45 6.09 9.06
CA ASP A 48 -4.77 6.61 7.70
C ASP A 48 -4.47 5.53 6.66
N TYR A 49 -3.38 4.82 6.80
CA TYR A 49 -3.03 3.77 5.82
C TYR A 49 -4.12 2.69 5.80
N GLN A 50 -4.58 2.28 6.94
CA GLN A 50 -5.64 1.22 7.00
C GLN A 50 -6.93 1.73 6.34
N ARG A 51 -7.27 2.97 6.59
CA ARG A 51 -8.52 3.54 6.02
C ARG A 51 -8.45 3.55 4.49
N PHE A 52 -7.32 3.93 3.95
CA PHE A 52 -7.19 3.96 2.46
C PHE A 52 -7.38 2.57 1.89
N VAL A 53 -6.78 1.57 2.48
CA VAL A 53 -6.93 0.19 1.96
C VAL A 53 -8.40 -0.24 2.01
N ASP A 54 -9.07 0.03 3.10
CA ASP A 54 -10.50 -0.34 3.22
C ASP A 54 -11.33 0.45 2.19
N ASP A 55 -10.96 1.66 1.94
CA ASP A 55 -11.72 2.49 0.95
C ASP A 55 -11.70 1.82 -0.43
N ILE A 56 -10.55 1.38 -0.87
CA ILE A 56 -10.46 0.73 -2.21
C ILE A 56 -10.96 -0.71 -2.14
N SER A 57 -10.96 -1.30 -0.99
CA SER A 57 -11.44 -2.71 -0.87
C SER A 57 -12.89 -2.80 -1.34
N ALA A 58 -13.66 -1.77 -1.12
CA ALA A 58 -15.09 -1.80 -1.54
C ALA A 58 -15.18 -1.54 -3.05
N GLN A 59 -14.08 -1.14 -3.66
CA GLN A 59 -14.09 -0.86 -5.12
C GLN A 59 -13.33 -1.97 -5.84
N TYR A 60 -12.50 -2.70 -5.13
CA TYR A 60 -11.72 -3.81 -5.77
C TYR A 60 -11.83 -5.09 -4.95
N SER A 61 -11.56 -6.22 -5.56
CA SER A 61 -11.67 -7.52 -4.86
C SER A 61 -10.52 -7.68 -3.84
N LYS A 62 -10.63 -8.65 -2.97
CA LYS A 62 -9.57 -8.89 -1.95
C LYS A 62 -8.24 -9.22 -2.63
N ASN A 63 -8.26 -10.01 -3.68
CA ASN A 63 -6.99 -10.38 -4.35
C ASN A 63 -6.31 -9.11 -4.88
N TYR A 64 -7.07 -8.21 -5.43
CA TYR A 64 -6.47 -6.95 -5.95
C TYR A 64 -5.93 -6.14 -4.76
N VAL A 65 -6.65 -6.14 -3.68
CA VAL A 65 -6.21 -5.36 -2.48
C VAL A 65 -4.87 -5.91 -1.99
N ASP A 66 -4.73 -7.21 -1.93
CA ASP A 66 -3.45 -7.80 -1.44
C ASP A 66 -2.30 -7.29 -2.30
N SER A 67 -2.43 -7.35 -3.59
CA SER A 67 -1.34 -6.87 -4.49
C SER A 67 -1.16 -5.36 -4.32
N ILE A 68 -2.23 -4.61 -4.23
CA ILE A 68 -2.09 -3.14 -4.06
C ILE A 68 -1.39 -2.85 -2.74
N VAL A 69 -1.77 -3.54 -1.70
CA VAL A 69 -1.15 -3.31 -0.37
C VAL A 69 0.35 -3.61 -0.46
N ALA A 70 0.71 -4.70 -1.05
CA ALA A 70 2.16 -5.05 -1.16
C ALA A 70 2.88 -4.01 -2.01
N SER A 71 2.25 -3.58 -3.08
CA SER A 71 2.87 -2.56 -3.96
C SER A 71 3.06 -1.26 -3.19
N THR A 72 2.06 -0.87 -2.44
CA THR A 72 2.16 0.39 -1.65
C THR A 72 3.27 0.26 -0.61
N ASN A 73 3.39 -0.87 0.01
CA ASN A 73 4.45 -1.06 1.04
C ASN A 73 5.82 -0.95 0.38
N MET A 74 5.98 -1.52 -0.78
CA MET A 74 7.30 -1.45 -1.48
C MET A 74 7.60 0.00 -1.87
N ILE A 75 6.63 0.71 -2.36
CA ILE A 75 6.86 2.13 -2.76
C ILE A 75 7.17 2.97 -1.50
N PHE A 76 6.42 2.76 -0.45
CA PHE A 76 6.62 3.54 0.79
C PHE A 76 8.01 3.20 1.37
N LYS A 77 8.33 1.95 1.43
CA LYS A 77 9.65 1.52 1.97
C LYS A 77 10.76 2.05 1.08
N TYR A 78 10.55 2.06 -0.21
CA TYR A 78 11.60 2.55 -1.14
C TYR A 78 11.95 4.00 -0.79
N ALA A 79 10.95 4.82 -0.57
CA ALA A 79 11.21 6.23 -0.22
C ALA A 79 11.92 6.30 1.14
N TYR A 80 11.52 5.46 2.05
CA TYR A 80 12.17 5.45 3.40
C TYR A 80 13.64 5.07 3.25
N ASP A 81 13.93 4.08 2.45
CA ASP A 81 15.34 3.66 2.25
C ASP A 81 16.12 4.81 1.61
N THR A 82 15.48 5.56 0.75
CA THR A 82 16.17 6.70 0.09
C THR A 82 16.40 7.80 1.12
N ARG A 83 16.01 7.55 2.35
CA ARG A 83 16.19 8.56 3.43
C ARG A 83 15.38 9.82 3.10
N LEU A 84 14.47 9.72 2.18
CA LEU A 84 13.63 10.90 1.83
C LEU A 84 12.77 11.27 3.04
N ILE A 85 12.25 10.28 3.72
CA ILE A 85 11.38 10.55 4.91
C ILE A 85 11.91 9.77 6.11
N LYS A 86 11.71 10.29 7.28
CA LYS A 86 12.19 9.60 8.51
C LYS A 86 11.02 8.80 9.09
N ALA A 87 9.86 8.95 8.53
CA ALA A 87 8.66 8.22 9.04
C ALA A 87 8.62 6.81 8.43
N MET A 88 7.73 5.98 8.92
CA MET A 88 7.62 4.60 8.38
C MET A 88 6.18 4.12 8.52
N PRO A 89 5.29 4.63 7.71
CA PRO A 89 3.84 4.24 7.74
C PRO A 89 3.61 2.75 7.47
N SER A 90 2.61 2.19 8.08
CA SER A 90 2.30 0.74 7.88
C SER A 90 3.43 -0.11 8.46
N GLU A 91 3.39 -0.35 9.75
CA GLU A 91 4.43 -1.20 10.41
C GLU A 91 3.96 -2.65 10.41
N GLY A 92 2.72 -2.89 10.09
CA GLY A 92 2.22 -4.30 10.07
C GLY A 92 0.68 -4.30 10.18
N ILE A 93 0.01 -4.99 9.28
CA ILE A 93 -1.48 -5.06 9.33
C ILE A 93 -1.88 -6.40 9.94
N LYS A 94 -0.92 -7.22 10.28
CA LYS A 94 -1.24 -8.54 10.88
C LYS A 94 -1.31 -8.43 12.40
N ARG A 95 -2.06 -9.31 13.03
CA ARG A 95 -2.19 -9.25 14.51
C ARG A 95 -0.82 -9.44 15.19
N PRO A 96 -0.63 -8.86 16.36
CA PRO A 96 0.65 -8.97 17.13
C PRO A 96 0.90 -10.39 17.62
N LYS A 97 -0.13 -11.20 17.69
CA LYS A 97 0.04 -12.62 18.16
C LYS A 97 -0.46 -13.58 17.09
N LYS A 98 0.36 -14.51 16.70
CA LYS A 98 -0.03 -15.49 15.65
C LYS A 98 -0.32 -16.86 16.29
N LYS A 99 -0.56 -17.85 15.48
CA LYS A 99 -0.86 -19.21 16.01
C LYS A 99 0.42 -19.92 16.43
N VAL A 100 0.35 -20.71 17.46
CA VAL A 100 1.56 -21.46 17.95
C VAL A 100 2.75 -20.49 18.03
N SER A 101 2.93 -19.87 19.17
CA SER A 101 4.07 -18.92 19.35
C SER A 101 5.38 -19.68 19.49
N VAL A 102 6.49 -18.99 19.36
CA VAL A 102 7.82 -19.67 19.47
C VAL A 102 8.49 -19.26 20.78
N GLU A 103 8.95 -20.23 21.54
CA GLU A 103 9.60 -19.93 22.85
C GLU A 103 11.07 -19.56 22.63
N LEU A 104 11.57 -18.61 23.37
CA LEU A 104 12.99 -18.18 23.22
C LEU A 104 13.93 -19.21 23.86
N GLU A 105 15.07 -19.41 23.26
CA GLU A 105 16.05 -20.40 23.80
C GLU A 105 16.93 -19.73 24.86
N HIS A 106 17.11 -20.39 25.99
CA HIS A 106 17.96 -19.83 27.07
C HIS A 106 19.41 -20.24 26.81
N HIS A 107 19.63 -21.15 25.90
CA HIS A 107 21.02 -21.61 25.60
C HIS A 107 21.77 -20.53 24.81
N HIS A 108 22.98 -20.24 25.20
CA HIS A 108 23.78 -19.20 24.49
C HIS A 108 24.33 -19.74 23.17
N HIS A 109 24.68 -18.85 22.27
CA HIS A 109 25.21 -19.29 20.96
C HIS A 109 26.20 -18.25 20.43
N HIS A 110 27.18 -18.66 19.68
CA HIS A 110 28.18 -17.71 19.14
C HIS A 110 27.58 -16.89 18.00
N HIS A 111 27.96 -15.63 17.90
CA HIS A 111 27.43 -14.77 16.81
C HIS A 111 25.90 -14.91 16.73
N THR A 1 8.66 16.15 -3.99
CA THR A 1 7.66 15.75 -5.02
C THR A 1 7.31 14.27 -4.84
N PHE A 2 6.25 14.01 -4.13
CA PHE A 2 5.81 12.61 -3.90
C PHE A 2 5.49 11.92 -5.24
N LYS A 3 4.83 12.62 -6.11
CA LYS A 3 4.46 12.02 -7.42
C LYS A 3 5.72 11.53 -8.15
N GLN A 4 6.77 12.30 -8.11
CA GLN A 4 8.03 11.89 -8.79
C GLN A 4 8.59 10.63 -8.14
N VAL A 5 8.53 10.57 -6.83
CA VAL A 5 9.06 9.38 -6.09
C VAL A 5 8.22 8.14 -6.44
N ALA A 6 6.91 8.29 -6.43
CA ALA A 6 6.02 7.15 -6.76
C ALA A 6 6.21 6.74 -8.22
N ASP A 7 6.36 7.71 -9.08
CA ASP A 7 6.55 7.41 -10.54
C ASP A 7 7.85 6.65 -10.74
N ASP A 8 8.87 6.99 -10.00
CA ASP A 8 10.19 6.30 -10.14
C ASP A 8 10.01 4.82 -9.79
N TRP A 9 9.33 4.54 -8.71
CA TRP A 9 9.10 3.13 -8.28
C TRP A 9 8.29 2.40 -9.35
N LEU A 10 7.32 3.07 -9.90
CA LEU A 10 6.48 2.45 -10.95
C LEU A 10 7.32 2.21 -12.20
N LYS A 11 8.21 3.11 -12.50
CA LYS A 11 9.04 2.97 -13.73
C LYS A 11 9.85 1.67 -13.64
N GLN A 12 10.53 1.47 -12.55
CA GLN A 12 11.35 0.24 -12.38
C GLN A 12 10.41 -0.97 -12.28
N TYR A 13 9.31 -0.81 -11.61
CA TYR A 13 8.34 -1.94 -11.45
C TYR A 13 7.82 -2.37 -12.82
N ALA A 14 7.50 -1.42 -13.66
CA ALA A 14 7.00 -1.74 -15.02
C ALA A 14 8.10 -2.40 -15.86
N ASN A 15 9.29 -2.47 -15.32
CA ASN A 15 10.42 -3.09 -16.07
C ASN A 15 10.18 -4.59 -16.20
N ASP A 16 9.22 -5.10 -15.47
CA ASP A 16 8.89 -6.55 -15.54
C ASP A 16 7.39 -6.75 -15.36
N VAL A 17 6.99 -7.91 -14.91
CA VAL A 17 5.56 -8.22 -14.71
C VAL A 17 4.77 -7.99 -15.99
N LYS A 18 3.58 -8.55 -16.05
CA LYS A 18 2.71 -8.39 -17.26
C LYS A 18 2.34 -6.93 -17.47
N VAL A 19 2.29 -6.53 -18.70
CA VAL A 19 1.96 -5.12 -19.04
C VAL A 19 0.57 -4.78 -18.51
N SER A 20 -0.38 -5.67 -18.68
CA SER A 20 -1.77 -5.42 -18.19
C SER A 20 -1.76 -5.22 -16.68
N SER A 21 -0.95 -5.96 -15.98
CA SER A 21 -0.89 -5.83 -14.50
C SER A 21 -0.38 -4.43 -14.13
N VAL A 22 0.61 -3.97 -14.83
CA VAL A 22 1.17 -2.61 -14.55
C VAL A 22 0.12 -1.55 -14.82
N ARG A 23 -0.57 -1.66 -15.93
CA ARG A 23 -1.62 -0.66 -16.29
C ARG A 23 -2.72 -0.67 -15.22
N ALA A 24 -3.14 -1.83 -14.81
CA ALA A 24 -4.22 -1.93 -13.78
C ALA A 24 -3.68 -1.42 -12.45
N ARG A 25 -2.46 -1.73 -12.14
CA ARG A 25 -1.86 -1.28 -10.86
C ARG A 25 -1.71 0.24 -10.86
N GLU A 26 -1.32 0.80 -11.98
CA GLU A 26 -1.14 2.28 -12.05
C GLU A 26 -2.49 2.95 -11.84
N LYS A 27 -3.52 2.46 -12.48
CA LYS A 27 -4.88 3.05 -12.35
C LYS A 27 -5.36 2.89 -10.91
N ALA A 28 -5.24 1.70 -10.37
CA ALA A 28 -5.70 1.45 -8.97
C ALA A 28 -4.86 2.27 -7.99
N ILE A 29 -3.58 2.30 -8.19
CA ILE A 29 -2.68 3.06 -7.28
C ILE A 29 -2.84 4.57 -7.54
N GLN A 30 -3.38 4.92 -8.66
CA GLN A 30 -3.57 6.37 -8.99
C GLN A 30 -4.37 7.06 -7.90
N HIS A 31 -5.36 6.39 -7.38
CA HIS A 31 -6.21 6.98 -6.30
C HIS A 31 -5.34 7.35 -5.11
N ALA A 32 -4.42 6.48 -4.74
CA ALA A 32 -3.54 6.78 -3.57
C ALA A 32 -2.63 7.96 -3.89
N ILE A 33 -2.11 8.00 -5.09
CA ILE A 33 -1.20 9.11 -5.49
C ILE A 33 -1.98 10.43 -5.49
N GLU A 34 -3.16 10.42 -6.04
CA GLU A 34 -3.98 11.66 -6.12
C GLU A 34 -4.22 12.20 -4.71
N ARG A 35 -4.50 11.33 -3.78
CA ARG A 35 -4.75 11.76 -2.38
C ARG A 35 -3.47 12.37 -1.78
N PHE A 36 -2.34 11.79 -2.09
CA PHE A 36 -1.05 12.31 -1.54
C PHE A 36 -0.31 13.11 -2.61
N ASN A 37 -0.97 13.40 -3.70
CA ASN A 37 -0.33 14.19 -4.79
C ASN A 37 -0.02 15.60 -4.29
N THR A 38 -0.93 16.18 -3.55
CA THR A 38 -0.73 17.56 -3.04
C THR A 38 -0.19 17.49 -1.61
N LYS A 39 -0.29 16.33 -0.99
CA LYS A 39 0.22 16.18 0.41
C LYS A 39 1.54 15.40 0.39
N PRO A 40 2.45 15.73 1.28
CA PRO A 40 3.77 15.02 1.38
C PRO A 40 3.63 13.61 1.95
N ILE A 41 4.62 12.80 1.72
CA ILE A 41 4.58 11.40 2.23
C ILE A 41 4.60 11.39 3.77
N GLN A 42 5.11 12.43 4.36
CA GLN A 42 5.18 12.51 5.85
C GLN A 42 3.77 12.50 6.45
N THR A 43 2.75 12.56 5.63
CA THR A 43 1.35 12.57 6.16
C THR A 43 0.85 11.13 6.28
N ILE A 44 1.56 10.20 5.71
CA ILE A 44 1.13 8.76 5.80
C ILE A 44 1.59 8.16 7.13
N LYS A 45 0.70 7.47 7.78
CA LYS A 45 1.04 6.84 9.08
C LYS A 45 0.24 5.55 9.27
N LYS A 46 0.26 5.01 10.45
CA LYS A 46 -0.47 3.75 10.75
C LYS A 46 -1.98 3.96 10.57
N HIS A 47 -2.48 5.06 11.06
CA HIS A 47 -3.94 5.34 10.95
C HIS A 47 -4.33 5.53 9.49
N ASP A 48 -3.59 6.32 8.77
CA ASP A 48 -3.89 6.57 7.33
C ASP A 48 -3.71 5.30 6.52
N TYR A 49 -2.74 4.50 6.88
CA TYR A 49 -2.47 3.23 6.13
C TYR A 49 -3.70 2.33 6.20
N GLN A 50 -4.24 2.18 7.37
CA GLN A 50 -5.44 1.32 7.55
C GLN A 50 -6.63 1.94 6.81
N ARG A 51 -6.76 3.23 6.87
CA ARG A 51 -7.89 3.93 6.19
C ARG A 51 -7.77 3.75 4.68
N PHE A 52 -6.59 3.83 4.15
CA PHE A 52 -6.39 3.68 2.68
C PHE A 52 -6.86 2.29 2.23
N VAL A 53 -6.48 1.27 2.96
CA VAL A 53 -6.87 -0.12 2.56
C VAL A 53 -8.40 -0.27 2.56
N ASP A 54 -9.07 0.19 3.58
CA ASP A 54 -10.56 0.06 3.60
C ASP A 54 -11.16 0.95 2.52
N ASP A 55 -10.56 2.08 2.27
CA ASP A 55 -11.08 3.02 1.23
C ASP A 55 -11.13 2.32 -0.13
N ILE A 56 -10.06 1.67 -0.49
CA ILE A 56 -10.00 0.97 -1.82
C ILE A 56 -10.79 -0.34 -1.74
N SER A 57 -10.95 -0.89 -0.57
CA SER A 57 -11.71 -2.17 -0.43
C SER A 57 -13.15 -1.96 -0.89
N ALA A 58 -13.71 -0.82 -0.59
CA ALA A 58 -15.12 -0.54 -0.99
C ALA A 58 -15.16 -0.22 -2.49
N GLN A 59 -14.01 -0.05 -3.09
CA GLN A 59 -13.94 0.27 -4.56
C GLN A 59 -13.39 -0.94 -5.30
N TYR A 60 -12.66 -1.79 -4.61
CA TYR A 60 -12.07 -3.01 -5.26
C TYR A 60 -12.29 -4.23 -4.38
N SER A 61 -12.28 -5.39 -4.99
CA SER A 61 -12.50 -6.66 -4.24
C SER A 61 -11.32 -6.96 -3.32
N LYS A 62 -11.60 -7.63 -2.24
CA LYS A 62 -10.54 -7.98 -1.24
C LYS A 62 -9.42 -8.76 -1.93
N ASN A 63 -9.79 -9.66 -2.80
CA ASN A 63 -8.77 -10.48 -3.51
C ASN A 63 -7.91 -9.55 -4.37
N TYR A 64 -8.43 -8.41 -4.72
CA TYR A 64 -7.65 -7.44 -5.55
C TYR A 64 -6.95 -6.44 -4.63
N VAL A 65 -7.50 -6.21 -3.46
CA VAL A 65 -6.88 -5.26 -2.50
C VAL A 65 -5.47 -5.72 -2.13
N ASP A 66 -5.33 -6.99 -1.85
CA ASP A 66 -3.99 -7.52 -1.45
C ASP A 66 -2.93 -7.12 -2.48
N SER A 67 -3.26 -7.22 -3.74
CA SER A 67 -2.29 -6.84 -4.81
C SER A 67 -1.98 -5.34 -4.72
N ILE A 68 -2.99 -4.54 -4.53
CA ILE A 68 -2.79 -3.07 -4.43
C ILE A 68 -1.95 -2.75 -3.20
N VAL A 69 -2.23 -3.39 -2.10
CA VAL A 69 -1.47 -3.12 -0.85
C VAL A 69 0.01 -3.47 -1.06
N ALA A 70 0.27 -4.58 -1.69
CA ALA A 70 1.68 -5.00 -1.92
C ALA A 70 2.41 -3.91 -2.72
N SER A 71 1.83 -3.48 -3.80
CA SER A 71 2.48 -2.42 -4.64
C SER A 71 2.51 -1.10 -3.86
N THR A 72 1.45 -0.79 -3.15
CA THR A 72 1.40 0.47 -2.36
C THR A 72 2.47 0.43 -1.26
N ASN A 73 2.58 -0.70 -0.61
CA ASN A 73 3.59 -0.86 0.48
C ASN A 73 4.99 -0.70 -0.09
N MET A 74 5.20 -1.22 -1.27
CA MET A 74 6.55 -1.13 -1.91
C MET A 74 6.93 0.34 -2.13
N ILE A 75 5.99 1.14 -2.55
CA ILE A 75 6.29 2.58 -2.79
C ILE A 75 6.72 3.26 -1.49
N PHE A 76 5.96 3.09 -0.45
CA PHE A 76 6.29 3.71 0.86
C PHE A 76 7.53 3.04 1.44
N LYS A 77 7.65 1.75 1.23
CA LYS A 77 8.84 1.01 1.77
C LYS A 77 10.11 1.59 1.14
N TYR A 78 10.05 1.90 -0.12
CA TYR A 78 11.24 2.48 -0.81
C TYR A 78 11.62 3.82 -0.18
N ALA A 79 10.64 4.66 0.08
CA ALA A 79 10.93 5.99 0.68
C ALA A 79 11.57 5.78 2.05
N TYR A 80 11.14 4.79 2.77
CA TYR A 80 11.71 4.51 4.12
C TYR A 80 13.20 4.20 3.98
N ASP A 81 13.56 3.45 2.97
CA ASP A 81 14.99 3.09 2.77
C ASP A 81 15.81 4.36 2.51
N THR A 82 15.19 5.34 1.90
CA THR A 82 15.92 6.61 1.60
C THR A 82 15.92 7.50 2.85
N ARG A 83 15.49 6.95 3.97
CA ARG A 83 15.48 7.71 5.25
C ARG A 83 14.64 8.97 5.10
N LEU A 84 13.76 8.98 4.13
CA LEU A 84 12.87 10.16 3.92
C LEU A 84 11.90 10.29 5.09
N ILE A 85 11.39 9.18 5.56
CA ILE A 85 10.43 9.20 6.70
C ILE A 85 10.90 8.21 7.77
N LYS A 86 10.41 8.38 8.97
CA LYS A 86 10.81 7.46 10.09
C LYS A 86 9.74 6.38 10.27
N ALA A 87 8.63 6.52 9.59
CA ALA A 87 7.54 5.50 9.71
C ALA A 87 7.69 4.45 8.63
N MET A 88 6.86 3.44 8.68
CA MET A 88 6.91 2.34 7.69
C MET A 88 6.12 1.12 8.25
N PRO A 89 6.21 0.87 9.53
CA PRO A 89 5.53 -0.30 10.17
C PRO A 89 4.01 -0.26 9.96
N SER A 90 3.42 -1.41 9.75
CA SER A 90 1.94 -1.50 9.53
C SER A 90 1.35 -2.56 10.47
N GLU A 91 2.04 -2.85 11.54
CA GLU A 91 1.54 -3.85 12.53
C GLU A 91 1.23 -5.17 11.83
N GLY A 92 0.07 -5.25 11.24
CA GLY A 92 -0.34 -6.50 10.53
C GLY A 92 -1.73 -6.29 9.91
N ILE A 93 -2.45 -5.29 10.37
CA ILE A 93 -3.81 -5.01 9.84
C ILE A 93 -4.64 -6.29 9.79
N LYS A 94 -5.51 -6.45 10.76
CA LYS A 94 -6.38 -7.67 10.84
C LYS A 94 -5.60 -8.93 10.49
N ARG A 95 -6.32 -10.01 10.31
CA ARG A 95 -5.68 -11.32 9.97
C ARG A 95 -4.63 -11.68 11.02
N PRO A 96 -5.05 -12.09 12.18
CA PRO A 96 -4.14 -12.49 13.28
C PRO A 96 -3.23 -13.65 12.89
N LYS A 97 -2.00 -13.61 13.33
CA LYS A 97 -1.04 -14.69 13.00
C LYS A 97 -0.27 -15.07 14.28
N LYS A 98 -0.55 -14.40 15.36
CA LYS A 98 0.16 -14.69 16.64
C LYS A 98 -0.70 -15.67 17.46
N LYS A 99 -1.89 -15.94 16.98
CA LYS A 99 -2.80 -16.88 17.70
C LYS A 99 -2.73 -18.26 17.07
N VAL A 100 -2.34 -19.24 17.83
CA VAL A 100 -2.23 -20.64 17.32
C VAL A 100 -3.11 -21.57 18.16
N SER A 101 -3.95 -22.32 17.52
CA SER A 101 -4.85 -23.25 18.26
C SER A 101 -4.06 -24.43 18.79
N VAL A 102 -4.33 -24.81 20.01
CA VAL A 102 -3.62 -25.96 20.64
C VAL A 102 -4.54 -27.19 20.67
N GLU A 103 -5.75 -27.02 21.14
CA GLU A 103 -6.70 -28.16 21.22
C GLU A 103 -7.28 -28.47 19.84
N LEU A 104 -7.70 -29.69 19.66
CA LEU A 104 -8.28 -30.11 18.35
C LEU A 104 -9.70 -29.57 18.20
N GLU A 105 -10.03 -29.14 17.01
CA GLU A 105 -11.39 -28.61 16.74
C GLU A 105 -11.85 -29.05 15.34
N HIS A 106 -11.45 -28.34 14.32
CA HIS A 106 -11.85 -28.69 12.93
C HIS A 106 -10.79 -28.22 11.94
N HIS A 107 -10.85 -28.73 10.74
CA HIS A 107 -9.85 -28.32 9.70
C HIS A 107 -10.39 -28.61 8.30
N HIS A 108 -9.88 -27.92 7.33
CA HIS A 108 -10.32 -28.14 5.92
C HIS A 108 -9.10 -28.11 5.00
N HIS A 109 -9.01 -29.08 4.14
CA HIS A 109 -7.87 -29.17 3.18
C HIS A 109 -6.56 -28.86 3.91
N HIS A 110 -6.21 -27.60 3.97
CA HIS A 110 -4.95 -27.19 4.64
C HIS A 110 -3.77 -28.01 4.13
N HIS A 111 -3.27 -28.90 4.95
CA HIS A 111 -2.11 -29.73 4.54
C HIS A 111 -2.01 -30.95 5.46
N THR A 1 8.31 15.42 -4.32
CA THR A 1 9.08 14.21 -4.76
C THR A 1 8.23 12.96 -4.53
N PHE A 2 7.17 13.10 -3.79
CA PHE A 2 6.28 11.93 -3.51
C PHE A 2 5.69 11.40 -4.82
N LYS A 3 5.24 12.28 -5.66
CA LYS A 3 4.65 11.86 -6.97
C LYS A 3 5.71 11.15 -7.80
N GLN A 4 6.91 11.66 -7.78
CA GLN A 4 8.00 11.03 -8.58
C GLN A 4 8.29 9.63 -8.04
N VAL A 5 8.27 9.47 -6.75
CA VAL A 5 8.55 8.13 -6.14
C VAL A 5 7.45 7.15 -6.55
N ALA A 6 6.22 7.55 -6.49
CA ALA A 6 5.10 6.64 -6.86
C ALA A 6 5.19 6.27 -8.34
N ASP A 7 5.34 7.25 -9.19
CA ASP A 7 5.41 6.99 -10.66
C ASP A 7 6.70 6.22 -10.97
N ASP A 8 7.78 6.55 -10.32
CA ASP A 8 9.07 5.84 -10.61
C ASP A 8 8.94 4.36 -10.23
N TRP A 9 8.32 4.09 -9.12
CA TRP A 9 8.16 2.67 -8.68
C TRP A 9 7.30 1.92 -9.70
N LEU A 10 6.30 2.55 -10.25
CA LEU A 10 5.43 1.85 -11.25
C LEU A 10 6.29 1.44 -12.46
N LYS A 11 7.13 2.32 -12.91
CA LYS A 11 7.98 2.00 -14.09
C LYS A 11 8.90 0.83 -13.78
N GLN A 12 9.51 0.87 -12.63
CA GLN A 12 10.44 -0.24 -12.23
C GLN A 12 9.62 -1.52 -11.99
N TYR A 13 8.45 -1.38 -11.44
CA TYR A 13 7.59 -2.58 -11.18
C TYR A 13 7.29 -3.26 -12.52
N ALA A 14 7.25 -2.50 -13.58
CA ALA A 14 6.97 -3.07 -14.93
C ALA A 14 8.19 -3.89 -15.41
N ASN A 15 9.00 -4.34 -14.50
CA ASN A 15 10.21 -5.14 -14.87
C ASN A 15 9.78 -6.46 -15.54
N ASP A 16 8.77 -7.10 -15.01
CA ASP A 16 8.31 -8.39 -15.59
C ASP A 16 6.94 -8.74 -15.00
N VAL A 17 5.94 -7.99 -15.35
CA VAL A 17 4.56 -8.24 -14.83
C VAL A 17 3.54 -8.10 -15.97
N LYS A 18 2.35 -8.57 -15.74
CA LYS A 18 1.29 -8.50 -16.79
C LYS A 18 0.97 -7.04 -17.13
N VAL A 19 0.69 -6.79 -18.39
CA VAL A 19 0.37 -5.40 -18.82
C VAL A 19 -0.93 -4.94 -18.16
N SER A 20 -1.90 -5.81 -18.07
CA SER A 20 -3.19 -5.43 -17.43
C SER A 20 -2.93 -5.02 -15.98
N SER A 21 -2.05 -5.72 -15.31
CA SER A 21 -1.73 -5.38 -13.90
C SER A 21 -1.13 -3.99 -13.82
N VAL A 22 -0.27 -3.65 -14.74
CA VAL A 22 0.37 -2.30 -14.72
C VAL A 22 -0.71 -1.22 -14.87
N ARG A 23 -1.60 -1.38 -15.80
CA ARG A 23 -2.67 -0.34 -16.01
C ARG A 23 -3.56 -0.25 -14.76
N ALA A 24 -3.98 -1.38 -14.26
CA ALA A 24 -4.86 -1.37 -13.05
C ALA A 24 -4.08 -0.88 -11.85
N ARG A 25 -2.84 -1.25 -11.75
CA ARG A 25 -2.01 -0.80 -10.60
C ARG A 25 -1.88 0.71 -10.63
N GLU A 26 -1.67 1.25 -11.80
CA GLU A 26 -1.52 2.73 -11.96
C GLU A 26 -2.78 3.42 -11.41
N LYS A 27 -3.93 2.92 -11.75
CA LYS A 27 -5.20 3.53 -11.27
C LYS A 27 -5.29 3.37 -9.75
N ALA A 28 -4.83 2.26 -9.24
CA ALA A 28 -4.90 2.01 -7.77
C ALA A 28 -4.08 3.06 -7.02
N ILE A 29 -2.89 3.36 -7.48
CA ILE A 29 -2.03 4.36 -6.80
C ILE A 29 -2.43 5.77 -7.25
N GLN A 30 -3.17 5.86 -8.33
CA GLN A 30 -3.60 7.19 -8.85
C GLN A 30 -4.37 7.95 -7.77
N HIS A 31 -5.22 7.27 -7.04
CA HIS A 31 -6.02 7.95 -5.99
C HIS A 31 -5.10 8.48 -4.89
N ALA A 32 -4.13 7.69 -4.50
CA ALA A 32 -3.18 8.14 -3.43
C ALA A 32 -2.33 9.31 -3.93
N ILE A 33 -1.90 9.25 -5.16
CA ILE A 33 -1.05 10.35 -5.72
C ILE A 33 -1.86 11.66 -5.72
N GLU A 34 -3.08 11.59 -6.14
CA GLU A 34 -3.94 12.81 -6.17
C GLU A 34 -4.30 13.22 -4.74
N ARG A 35 -4.56 12.26 -3.90
CA ARG A 35 -4.94 12.56 -2.47
C ARG A 35 -3.73 13.17 -1.74
N PHE A 36 -2.57 12.64 -1.95
CA PHE A 36 -1.36 13.18 -1.26
C PHE A 36 -0.69 14.23 -2.14
N ASN A 37 -1.44 14.77 -3.07
CA ASN A 37 -0.86 15.80 -3.98
C ASN A 37 -0.47 17.03 -3.17
N THR A 38 -1.29 17.42 -2.22
CA THR A 38 -0.98 18.62 -1.38
C THR A 38 -0.59 18.16 0.02
N LYS A 39 -0.96 16.94 0.38
CA LYS A 39 -0.61 16.43 1.74
C LYS A 39 0.66 15.56 1.62
N PRO A 40 1.74 15.94 2.26
CA PRO A 40 3.02 15.18 2.20
C PRO A 40 2.83 13.67 2.48
N ILE A 41 3.62 12.86 1.83
CA ILE A 41 3.52 11.39 2.03
C ILE A 41 3.95 11.02 3.46
N GLN A 42 4.85 11.80 4.02
CA GLN A 42 5.33 11.52 5.40
C GLN A 42 4.19 11.74 6.41
N THR A 43 3.27 12.61 6.09
CA THR A 43 2.14 12.87 7.04
C THR A 43 1.26 11.62 7.14
N ILE A 44 1.62 10.58 6.45
CA ILE A 44 0.81 9.34 6.48
C ILE A 44 1.13 8.54 7.74
N LYS A 45 0.13 8.20 8.49
CA LYS A 45 0.33 7.43 9.76
C LYS A 45 -0.21 6.00 9.60
N LYS A 46 -0.09 5.22 10.63
CA LYS A 46 -0.57 3.82 10.59
C LYS A 46 -2.09 3.78 10.40
N HIS A 47 -2.79 4.65 11.06
CA HIS A 47 -4.28 4.67 10.94
C HIS A 47 -4.66 5.07 9.50
N ASP A 48 -3.97 6.04 8.97
CA ASP A 48 -4.27 6.49 7.57
C ASP A 48 -3.94 5.35 6.60
N TYR A 49 -2.92 4.60 6.88
CA TYR A 49 -2.54 3.47 5.99
C TYR A 49 -3.69 2.46 5.91
N GLN A 50 -4.27 2.13 7.02
CA GLN A 50 -5.40 1.15 7.03
C GLN A 50 -6.57 1.75 6.26
N ARG A 51 -6.79 3.03 6.40
CA ARG A 51 -7.91 3.70 5.66
C ARG A 51 -7.66 3.55 4.16
N PHE A 52 -6.43 3.72 3.75
CA PHE A 52 -6.10 3.60 2.29
C PHE A 52 -6.46 2.20 1.81
N VAL A 53 -6.12 1.19 2.56
CA VAL A 53 -6.42 -0.22 2.15
C VAL A 53 -7.94 -0.38 2.02
N ASP A 54 -8.67 0.11 2.99
CA ASP A 54 -10.16 0.01 2.95
C ASP A 54 -10.70 0.86 1.79
N ASP A 55 -10.07 1.97 1.51
CA ASP A 55 -10.53 2.86 0.40
C ASP A 55 -10.48 2.10 -0.92
N ILE A 56 -9.38 1.45 -1.20
CA ILE A 56 -9.27 0.69 -2.48
C ILE A 56 -10.13 -0.57 -2.42
N SER A 57 -10.37 -1.08 -1.25
CA SER A 57 -11.20 -2.31 -1.11
C SER A 57 -12.61 -2.04 -1.62
N ALA A 58 -13.10 -0.85 -1.42
CA ALA A 58 -14.48 -0.51 -1.88
C ALA A 58 -14.47 -0.21 -3.37
N GLN A 59 -13.32 -0.08 -3.97
CA GLN A 59 -13.23 0.22 -5.43
C GLN A 59 -12.67 -1.00 -6.17
N TYR A 60 -11.95 -1.85 -5.48
CA TYR A 60 -11.36 -3.06 -6.14
C TYR A 60 -11.64 -4.32 -5.31
N SER A 61 -11.58 -5.45 -5.94
CA SER A 61 -11.83 -6.74 -5.25
C SER A 61 -10.74 -7.04 -4.23
N LYS A 62 -11.07 -7.84 -3.24
CA LYS A 62 -10.08 -8.20 -2.18
C LYS A 62 -8.90 -8.95 -2.79
N ASN A 63 -9.17 -9.80 -3.75
CA ASN A 63 -8.07 -10.58 -4.38
C ASN A 63 -7.10 -9.61 -5.07
N TYR A 64 -7.55 -8.41 -5.34
CA TYR A 64 -6.68 -7.41 -6.01
C TYR A 64 -6.05 -6.50 -4.94
N VAL A 65 -6.72 -6.36 -3.83
CA VAL A 65 -6.18 -5.48 -2.73
C VAL A 65 -4.87 -6.06 -2.21
N ASP A 66 -4.82 -7.35 -1.99
CA ASP A 66 -3.58 -7.98 -1.47
C ASP A 66 -2.40 -7.60 -2.37
N SER A 67 -2.57 -7.66 -3.66
CA SER A 67 -1.47 -7.30 -4.59
C SER A 67 -1.13 -5.81 -4.41
N ILE A 68 -2.14 -4.99 -4.26
CA ILE A 68 -1.91 -3.52 -4.08
C ILE A 68 -1.17 -3.29 -2.75
N VAL A 69 -1.57 -4.00 -1.73
CA VAL A 69 -0.92 -3.85 -0.40
C VAL A 69 0.57 -4.16 -0.53
N ALA A 70 0.91 -5.20 -1.24
CA ALA A 70 2.33 -5.57 -1.41
C ALA A 70 3.04 -4.50 -2.25
N SER A 71 2.37 -3.97 -3.22
CA SER A 71 2.98 -2.92 -4.09
C SER A 71 3.11 -1.59 -3.33
N THR A 72 2.02 -1.10 -2.82
CA THR A 72 2.04 0.19 -2.06
C THR A 72 3.03 0.08 -0.90
N ASN A 73 3.05 -1.05 -0.26
CA ASN A 73 3.97 -1.26 0.89
C ASN A 73 5.43 -1.12 0.42
N MET A 74 5.72 -1.65 -0.72
CA MET A 74 7.11 -1.55 -1.26
C MET A 74 7.44 -0.09 -1.56
N ILE A 75 6.48 0.65 -2.04
CA ILE A 75 6.73 2.09 -2.37
C ILE A 75 7.11 2.86 -1.10
N PHE A 76 6.40 2.63 -0.03
CA PHE A 76 6.70 3.35 1.24
C PHE A 76 8.07 2.91 1.75
N LYS A 77 8.35 1.64 1.69
CA LYS A 77 9.67 1.12 2.15
C LYS A 77 10.76 1.66 1.24
N TYR A 78 10.48 1.76 -0.04
CA TYR A 78 11.49 2.27 -1.01
C TYR A 78 11.91 3.69 -0.61
N ALA A 79 10.98 4.55 -0.32
CA ALA A 79 11.32 5.94 0.07
C ALA A 79 12.05 5.92 1.43
N TYR A 80 11.63 5.05 2.31
CA TYR A 80 12.27 4.96 3.64
C TYR A 80 13.74 4.53 3.47
N ASP A 81 13.98 3.59 2.60
CA ASP A 81 15.38 3.12 2.36
C ASP A 81 16.21 4.29 1.83
N THR A 82 15.64 5.11 1.00
CA THR A 82 16.39 6.27 0.43
C THR A 82 16.48 7.37 1.50
N ARG A 83 15.89 7.14 2.65
CA ARG A 83 15.94 8.15 3.74
C ARG A 83 15.44 9.50 3.23
N LEU A 84 14.33 9.49 2.56
CA LEU A 84 13.73 10.75 2.03
C LEU A 84 12.63 11.22 2.99
N ILE A 85 12.03 10.30 3.69
CA ILE A 85 10.94 10.65 4.66
C ILE A 85 11.30 10.12 6.04
N LYS A 86 12.34 9.33 6.12
CA LYS A 86 12.78 8.76 7.41
C LYS A 86 11.56 8.21 8.17
N ALA A 87 10.63 7.65 7.45
CA ALA A 87 9.41 7.08 8.09
C ALA A 87 8.86 5.94 7.25
N MET A 88 8.18 5.01 7.87
CA MET A 88 7.60 3.86 7.12
C MET A 88 6.37 3.33 7.87
N PRO A 89 5.24 3.99 7.73
CA PRO A 89 3.97 3.58 8.39
C PRO A 89 3.52 2.18 7.97
N SER A 90 2.90 1.46 8.87
CA SER A 90 2.41 0.08 8.57
C SER A 90 3.55 -0.92 8.75
N GLU A 91 3.69 -1.48 9.92
CA GLU A 91 4.79 -2.45 10.18
C GLU A 91 4.28 -3.50 11.18
N GLY A 92 3.03 -3.41 11.56
CA GLY A 92 2.47 -4.39 12.53
C GLY A 92 0.94 -4.35 12.46
N ILE A 93 0.38 -4.64 11.32
CA ILE A 93 -1.11 -4.63 11.16
C ILE A 93 -1.57 -6.03 10.75
N LYS A 94 -0.67 -6.81 10.22
CA LYS A 94 -1.04 -8.20 9.79
C LYS A 94 -0.95 -9.17 10.96
N ARG A 95 -1.75 -10.19 10.92
CA ARG A 95 -1.73 -11.19 12.03
C ARG A 95 -2.62 -12.38 11.65
N PRO A 96 -2.33 -13.03 10.55
CA PRO A 96 -3.12 -14.20 10.06
C PRO A 96 -2.88 -15.45 10.92
N LYS A 97 -3.53 -16.52 10.58
CA LYS A 97 -3.37 -17.80 11.35
C LYS A 97 -3.71 -17.55 12.82
N LYS A 98 -4.27 -16.41 13.11
CA LYS A 98 -4.64 -16.08 14.52
C LYS A 98 -5.97 -15.32 14.52
N LYS A 99 -6.14 -14.43 13.58
CA LYS A 99 -7.41 -13.65 13.50
C LYS A 99 -7.65 -12.89 14.81
N VAL A 100 -7.61 -11.59 14.76
CA VAL A 100 -7.82 -10.78 15.99
C VAL A 100 -9.31 -10.49 16.16
N SER A 101 -9.84 -10.79 17.32
CA SER A 101 -11.28 -10.54 17.59
C SER A 101 -11.57 -10.81 19.07
N VAL A 102 -12.10 -9.83 19.76
CA VAL A 102 -12.41 -9.98 21.22
C VAL A 102 -11.29 -10.77 21.92
N GLU A 103 -10.26 -10.09 22.31
CA GLU A 103 -9.11 -10.77 22.99
C GLU A 103 -9.50 -11.16 24.42
N LEU A 104 -9.42 -10.22 25.33
CA LEU A 104 -9.78 -10.51 26.75
C LEU A 104 -9.05 -11.76 27.25
N GLU A 105 -9.21 -12.07 28.50
CA GLU A 105 -8.53 -13.26 29.08
C GLU A 105 -9.03 -14.54 28.42
N HIS A 106 -8.16 -15.52 28.31
CA HIS A 106 -8.54 -16.81 27.69
C HIS A 106 -9.51 -17.57 28.59
N HIS A 107 -10.46 -18.23 27.99
CA HIS A 107 -11.46 -18.99 28.80
C HIS A 107 -10.80 -20.24 29.39
N HIS A 108 -11.17 -20.58 30.60
CA HIS A 108 -10.58 -21.77 31.26
C HIS A 108 -11.68 -22.69 31.78
N HIS A 109 -11.32 -23.68 32.55
CA HIS A 109 -12.31 -24.65 33.11
C HIS A 109 -13.17 -25.21 31.97
N HIS A 110 -12.64 -26.16 31.25
CA HIS A 110 -13.40 -26.79 30.13
C HIS A 110 -14.59 -27.59 30.70
N HIS A 111 -14.37 -28.26 31.80
CA HIS A 111 -15.45 -29.07 32.42
C HIS A 111 -16.42 -28.16 33.19
#